data_5LM7
#
_entry.id   5LM7
#
_cell.length_a   95.776
_cell.length_b   101.803
_cell.length_c   279.918
_cell.angle_alpha   90.00
_cell.angle_beta   90.00
_cell.angle_gamma   90.00
#
_symmetry.space_group_name_H-M   'P 21 21 21'
#
loop_
_entity.id
_entity.type
_entity.pdbx_description
1 polymer 'Transcription termination/antitermination protein NusA'
2 polymer 'N utilization substance protein B homolog'
3 polymer '30S ribosomal protein S10'
4 polymer 'Antitermination protein N'
5 polymer 'RNA (29-MER)'
#
loop_
_entity_poly.entity_id
_entity_poly.type
_entity_poly.pdbx_seq_one_letter_code
_entity_poly.pdbx_strand_id
1 'polypeptide(L)'
;GAMNKEILAVVEAVSNEKALPREKIFEALESALATATKKKYEQEIDVRVQIDRKSGDFDTFRRWLVVDEVTQPTKEITLE
AARYEDESLNLGDYVEDQIESVTFDRITTQTAKQVIVQKVREAERAMVVDQFREHEGEIITGVVKKVNRDNISLDLGNNA
EAVILREDMLPRENFRPGDRVRGVLYSVRPEARGAQLFVTRSKPEMLIELFRIEVPEIGEEVIEIKAAARDPGSRAKIAV
KTNDKRIDPVGACVGMRGARVQAVSTELGGERIDIVLWDDNPAQFVINAMAPADVASIVVDEDKHTMDIAVEAGNLAQAI
GRNGQNVRLASQLSGWELNVMTVDDLQAKHQAEAHAAIDTFTKYLDIDEDFATVLVEEGFSTLEELAYVPMKELLEIEGL
DEPTVEALRERAKNALATIAQAQEESLG
;
A,C
2 'polypeptide(L)'
;GAMKPAARRRARECAVQALYSWQLSQNDIADVEYQFLAEQDVKDVDVLYFRELLAGVATNTAYLDGLMKPYLSRLLEELG
QVEKAVLRIALYELSKRSDVPYKVAINEAIELAKSFGAEDSHKFVNGVLDKAAPVIRPNKK
;
B,D
3 'polypeptide(L)'
;GPLGSMQNQRIRIRLKAFDHRLIDQATAEIVETAKRTGAQVRGPIPLPTRKERFTVLISPHVNKDARDQYEIRTHLRLVD
IVEPTEKTVDALMRLDLAAGVDVQISLG
;
J,E
4 'polypeptide(L)'
;GPLGSMDAQTRRRERRAEKQAQWKAANPLLVGVSAKPVNRPILSLNRKPKSRVESALNPIDLTVLAEYHKQIESNLQRIE
RKNQRTWYS
;
N,F
5 'polyribonucleotide' CUCUUUAACAUUAAGCCCUGAAGAAGGGCC R,G
#
loop_
_chem_comp.id
_chem_comp.type
_chem_comp.name
_chem_comp.formula
A RNA linking ADENOSINE-5'-MONOPHOSPHATE 'C10 H14 N5 O7 P'
C RNA linking CYTIDINE-5'-MONOPHOSPHATE 'C9 H14 N3 O8 P'
G RNA linking GUANOSINE-5'-MONOPHOSPHATE 'C10 H14 N5 O8 P'
U RNA linking URIDINE-5'-MONOPHOSPHATE 'C9 H13 N2 O9 P'
#
# COMPACT_ATOMS: atom_id res chain seq x y z
N GLY A 1 -35.09 22.18 21.07
CA GLY A 1 -35.73 22.27 19.77
C GLY A 1 -36.93 21.36 19.66
N ALA A 2 -36.98 20.56 18.59
CA ALA A 2 -38.07 19.62 18.37
C ALA A 2 -37.53 18.20 18.35
N MET A 3 -38.44 17.25 18.60
CA MET A 3 -38.14 15.83 18.51
C MET A 3 -39.43 15.03 18.58
N ASN A 4 -39.84 14.46 17.46
CA ASN A 4 -41.03 13.61 17.45
C ASN A 4 -40.82 12.43 18.38
N LYS A 5 -41.69 12.34 19.41
CA LYS A 5 -41.55 11.26 20.39
C LYS A 5 -41.65 9.90 19.71
N GLU A 6 -42.57 9.74 18.76
CA GLU A 6 -42.68 8.50 18.01
C GLU A 6 -41.36 8.13 17.36
N ILE A 7 -40.75 9.08 16.65
CA ILE A 7 -39.52 8.81 15.92
C ILE A 7 -38.37 8.48 16.86
N LEU A 8 -38.32 9.13 18.03
CA LEU A 8 -37.29 8.78 19.01
C LEU A 8 -37.48 7.35 19.52
N ALA A 9 -38.73 6.98 19.85
CA ALA A 9 -39.00 5.60 20.21
C ALA A 9 -38.60 4.64 19.09
N VAL A 10 -38.75 5.08 17.83
CA VAL A 10 -38.40 4.23 16.69
C VAL A 10 -36.89 4.05 16.61
N VAL A 11 -36.13 5.13 16.77
CA VAL A 11 -34.68 5.00 16.64
C VAL A 11 -34.09 4.27 17.83
N GLU A 12 -34.74 4.33 18.99
CA GLU A 12 -34.27 3.52 20.11
C GLU A 12 -34.73 2.07 20.01
N ALA A 13 -35.79 1.80 19.25
CA ALA A 13 -36.23 0.42 19.05
C ALA A 13 -35.41 -0.29 17.99
N VAL A 14 -35.26 0.34 16.82
CA VAL A 14 -34.48 -0.20 15.72
C VAL A 14 -33.02 0.19 15.92
N SER A 15 -32.70 0.60 17.15
CA SER A 15 -31.34 0.97 17.53
C SER A 15 -30.34 -0.06 17.01
N ASN A 16 -29.28 0.43 16.38
CA ASN A 16 -28.33 -0.46 15.73
C ASN A 16 -27.63 -1.33 16.75
N GLU A 17 -27.35 -2.58 16.36
CA GLU A 17 -26.62 -3.48 17.23
C GLU A 17 -25.18 -2.99 17.37
N LYS A 18 -24.46 -3.63 18.31
CA LYS A 18 -23.06 -3.25 18.56
C LYS A 18 -22.22 -3.39 17.29
N ALA A 19 -22.45 -4.44 16.51
CA ALA A 19 -21.77 -4.58 15.22
C ALA A 19 -22.17 -3.45 14.27
N LEU A 20 -23.44 -2.98 14.37
CA LEU A 20 -24.02 -1.97 13.50
C LEU A 20 -23.75 -0.58 14.07
N PRO A 21 -23.84 0.47 13.24
CA PRO A 21 -23.60 1.82 13.74
C PRO A 21 -24.86 2.63 14.00
N ARG A 22 -25.14 2.92 15.28
CA ARG A 22 -26.30 3.73 15.64
C ARG A 22 -26.17 5.14 15.09
N GLU A 23 -24.94 5.64 15.01
CA GLU A 23 -24.69 6.99 14.52
C GLU A 23 -25.22 7.18 13.10
N LYS A 24 -25.05 6.16 12.26
CA LYS A 24 -25.48 6.23 10.86
C LYS A 24 -26.95 6.63 10.76
N ILE A 25 -27.77 6.16 11.70
CA ILE A 25 -29.19 6.51 11.72
C ILE A 25 -29.36 8.02 11.69
N PHE A 26 -28.72 8.71 12.64
CA PHE A 26 -28.82 10.16 12.71
C PHE A 26 -28.28 10.82 11.45
N GLU A 27 -27.15 10.34 10.94
CA GLU A 27 -26.59 10.87 9.71
C GLU A 27 -27.61 10.85 8.58
N ALA A 28 -28.43 9.79 8.51
CA ALA A 28 -29.43 9.69 7.46
C ALA A 28 -30.63 10.59 7.75
N LEU A 29 -31.20 10.46 8.95
CA LEU A 29 -32.46 11.16 9.22
C LEU A 29 -32.26 12.68 9.24
N GLU A 30 -31.05 13.16 9.57
CA GLU A 30 -30.84 14.59 9.52
C GLU A 30 -30.77 15.08 8.08
N SER A 31 -30.23 14.25 7.18
CA SER A 31 -30.31 14.56 5.75
C SER A 31 -31.76 14.62 5.31
N ALA A 32 -32.58 13.68 5.78
CA ALA A 32 -34.01 13.70 5.46
C ALA A 32 -34.66 14.99 5.94
N LEU A 33 -34.52 15.31 7.23
CA LEU A 33 -35.08 16.52 7.79
C LEU A 33 -34.65 17.75 7.00
N ALA A 34 -33.34 18.02 6.99
CA ALA A 34 -32.80 19.18 6.28
C ALA A 34 -33.33 19.26 4.86
N THR A 35 -33.47 18.12 4.17
CA THR A 35 -34.05 18.14 2.84
C THR A 35 -35.51 18.61 2.88
N ALA A 36 -36.25 18.22 3.92
CA ALA A 36 -37.64 18.66 4.04
C ALA A 36 -37.73 20.16 4.28
N THR A 37 -36.97 20.67 5.26
CA THR A 37 -36.91 22.11 5.47
C THR A 37 -36.54 22.85 4.19
N LYS A 38 -35.56 22.31 3.45
CA LYS A 38 -35.18 22.90 2.18
C LYS A 38 -36.35 22.94 1.21
N LYS A 39 -37.16 21.87 1.17
CA LYS A 39 -38.32 21.86 0.30
C LYS A 39 -39.38 22.86 0.76
N LYS A 40 -39.41 23.21 2.05
CA LYS A 40 -40.39 24.18 2.51
C LYS A 40 -40.11 25.58 1.96
N TYR A 41 -38.85 26.00 1.99
CA TYR A 41 -38.51 27.39 1.67
C TYR A 41 -38.60 27.63 0.16
N GLU A 42 -39.10 28.80 -0.21
CA GLU A 42 -39.48 29.05 -1.60
C GLU A 42 -38.27 29.06 -2.54
N GLN A 43 -37.15 29.62 -2.08
CA GLN A 43 -35.95 29.67 -2.89
C GLN A 43 -35.11 28.42 -2.69
N GLU A 44 -34.43 27.98 -3.75
CA GLU A 44 -33.58 26.80 -3.66
C GLU A 44 -32.35 27.13 -2.82
N ILE A 45 -32.15 26.38 -1.73
CA ILE A 45 -31.06 26.65 -0.80
C ILE A 45 -30.38 25.34 -0.41
N ASP A 46 -29.22 25.47 0.20
CA ASP A 46 -28.51 24.36 0.83
C ASP A 46 -28.59 24.53 2.34
N VAL A 47 -28.85 23.43 3.04
CA VAL A 47 -29.15 23.50 4.47
C VAL A 47 -28.66 22.23 5.15
N ARG A 48 -28.28 22.36 6.41
CA ARG A 48 -27.87 21.25 7.26
C ARG A 48 -28.59 21.33 8.60
N VAL A 49 -28.33 20.35 9.45
CA VAL A 49 -29.00 20.20 10.74
C VAL A 49 -28.23 19.16 11.53
N GLN A 50 -28.25 19.26 12.86
CA GLN A 50 -27.56 18.28 13.68
C GLN A 50 -28.39 17.93 14.92
N ILE A 51 -28.21 16.68 15.36
CA ILE A 51 -28.84 16.14 16.55
C ILE A 51 -27.75 15.49 17.40
N ASP A 52 -27.97 15.48 18.72
CA ASP A 52 -27.13 14.73 19.63
C ASP A 52 -27.91 13.55 20.19
N ARG A 53 -27.20 12.43 20.42
CA ARG A 53 -27.84 11.24 20.94
C ARG A 53 -28.38 11.45 22.35
N LYS A 54 -27.75 12.33 23.13
CA LYS A 54 -28.12 12.50 24.53
C LYS A 54 -29.52 13.10 24.68
N SER A 55 -29.83 14.13 23.89
CA SER A 55 -31.08 14.87 24.05
C SER A 55 -32.16 14.40 23.08
N GLY A 56 -31.91 14.52 21.78
CA GLY A 56 -32.91 14.28 20.77
C GLY A 56 -33.38 15.53 20.07
N ASP A 57 -33.20 16.70 20.69
CA ASP A 57 -33.45 17.96 20.01
C ASP A 57 -32.42 18.19 18.92
N PHE A 58 -32.80 18.96 17.90
CA PHE A 58 -31.92 19.24 16.78
C PHE A 58 -31.86 20.74 16.51
N ASP A 59 -30.91 21.12 15.66
CA ASP A 59 -30.73 22.52 15.28
C ASP A 59 -30.42 22.59 13.79
N THR A 60 -31.10 23.49 13.09
CA THR A 60 -31.07 23.58 11.64
C THR A 60 -30.35 24.86 11.21
N PHE A 61 -29.27 24.70 10.44
CA PHE A 61 -28.49 25.83 9.95
C PHE A 61 -28.53 25.86 8.42
N ARG A 62 -28.97 26.97 7.86
CA ARG A 62 -28.86 27.20 6.42
C ARG A 62 -27.47 27.72 6.07
N ARG A 63 -26.83 27.12 5.07
CA ARG A 63 -25.43 27.41 4.78
C ARG A 63 -25.24 27.74 3.30
N TRP A 64 -24.14 28.45 3.02
CA TRP A 64 -23.75 28.84 1.67
C TRP A 64 -22.44 28.17 1.29
N LEU A 65 -22.23 27.99 -0.01
CA LEU A 65 -21.02 27.36 -0.55
C LEU A 65 -20.06 28.45 -1.01
N VAL A 66 -19.00 28.66 -0.24
CA VAL A 66 -17.96 29.60 -0.64
C VAL A 66 -17.41 29.18 -1.99
N VAL A 67 -17.37 30.14 -2.92
CA VAL A 67 -16.98 29.86 -4.29
C VAL A 67 -16.46 31.16 -4.90
N ASP A 68 -15.79 31.07 -6.04
CA ASP A 68 -15.20 32.22 -6.71
C ASP A 68 -16.02 32.69 -7.90
N GLU A 69 -17.29 32.31 -7.98
CA GLU A 69 -18.10 32.63 -9.14
C GLU A 69 -19.52 32.97 -8.72
N VAL A 70 -20.33 33.33 -9.72
CA VAL A 70 -21.61 34.00 -9.49
C VAL A 70 -22.81 33.07 -9.55
N THR A 71 -22.65 31.84 -10.03
CA THR A 71 -23.80 30.95 -10.16
C THR A 71 -24.41 30.65 -8.79
N GLN A 72 -25.74 30.57 -8.75
CA GLN A 72 -26.51 30.34 -7.53
C GLN A 72 -26.21 31.43 -6.50
N PRO A 73 -26.74 32.63 -6.68
CA PRO A 73 -26.54 33.68 -5.67
C PRO A 73 -27.21 33.36 -4.35
N THR A 74 -28.10 32.37 -4.32
CA THR A 74 -28.71 31.93 -3.07
C THR A 74 -27.75 31.09 -2.24
N LYS A 75 -26.70 30.56 -2.85
CA LYS A 75 -25.76 29.70 -2.13
C LYS A 75 -24.37 29.94 -2.71
N GLU A 76 -23.71 31.01 -2.24
CA GLU A 76 -22.34 31.34 -2.60
C GLU A 76 -21.80 32.48 -1.72
N ILE A 77 -20.49 32.53 -1.50
CA ILE A 77 -19.93 33.67 -0.76
C ILE A 77 -18.56 34.03 -1.29
N THR A 78 -17.89 34.95 -0.60
CA THR A 78 -16.49 35.28 -0.84
C THR A 78 -15.73 35.12 0.47
N LEU A 79 -14.40 35.20 0.37
CA LEU A 79 -13.56 35.12 1.56
C LEU A 79 -13.81 36.31 2.49
N GLU A 80 -14.47 37.36 1.99
CA GLU A 80 -14.76 38.52 2.82
C GLU A 80 -15.76 38.18 3.91
N ALA A 81 -16.81 37.44 3.58
CA ALA A 81 -17.69 36.95 4.63
C ALA A 81 -17.02 35.89 5.49
N ALA A 82 -16.01 35.21 4.94
CA ALA A 82 -15.18 34.32 5.73
C ALA A 82 -14.27 35.07 6.69
N ARG A 83 -14.12 36.39 6.52
CA ARG A 83 -13.45 37.18 7.54
C ARG A 83 -14.19 37.11 8.87
N TYR A 84 -15.52 36.91 8.83
CA TYR A 84 -16.26 36.61 10.06
C TYR A 84 -15.74 35.35 10.72
N GLU A 85 -15.26 34.39 9.93
CA GLU A 85 -14.60 33.18 10.40
C GLU A 85 -13.10 33.38 10.62
N ASP A 86 -12.59 34.59 10.40
CA ASP A 86 -11.16 34.91 10.51
C ASP A 86 -10.37 34.22 9.40
N GLU A 87 -10.88 34.29 8.17
CA GLU A 87 -10.25 33.80 6.95
C GLU A 87 -10.04 32.28 6.98
N SER A 88 -10.51 31.61 8.04
CA SER A 88 -10.30 30.18 8.17
C SER A 88 -10.97 29.41 7.04
N LEU A 89 -11.98 29.99 6.41
CA LEU A 89 -12.67 29.33 5.31
C LEU A 89 -11.84 29.42 4.04
N ASN A 90 -11.95 28.39 3.21
CA ASN A 90 -11.32 28.34 1.90
C ASN A 90 -12.38 28.02 0.85
N LEU A 91 -12.06 28.32 -0.41
CA LEU A 91 -12.98 28.02 -1.50
C LEU A 91 -13.20 26.51 -1.60
N GLY A 92 -14.34 26.14 -2.15
CA GLY A 92 -14.74 24.75 -2.17
C GLY A 92 -15.20 24.21 -0.84
N ASP A 93 -15.18 25.03 0.21
CA ASP A 93 -15.69 24.68 1.54
C ASP A 93 -16.89 25.56 1.81
N TYR A 94 -17.98 24.96 2.29
CA TYR A 94 -19.23 25.69 2.52
C TYR A 94 -19.48 25.78 4.02
N VAL A 95 -19.54 27.02 4.53
CA VAL A 95 -19.72 27.30 5.96
C VAL A 95 -20.52 28.60 6.06
N GLU A 96 -21.08 28.82 7.24
CA GLU A 96 -21.74 30.07 7.63
C GLU A 96 -21.86 30.05 9.15
N ASP A 97 -22.56 31.05 9.71
CA ASP A 97 -22.69 31.16 11.16
C ASP A 97 -24.10 31.52 11.63
N GLN A 98 -25.10 31.48 10.76
CA GLN A 98 -26.46 31.92 11.09
C GLN A 98 -27.42 30.73 11.08
N ILE A 99 -28.03 30.46 12.22
CA ILE A 99 -29.08 29.44 12.31
C ILE A 99 -30.30 29.90 11.51
N GLU A 100 -31.12 28.94 11.11
CA GLU A 100 -32.40 29.21 10.45
C GLU A 100 -33.53 28.60 11.26
N SER A 101 -34.75 29.01 10.94
CA SER A 101 -35.93 28.53 11.64
C SER A 101 -36.10 27.04 11.43
N VAL A 102 -36.06 26.29 12.53
CA VAL A 102 -36.17 24.83 12.47
C VAL A 102 -37.64 24.45 12.27
N THR A 103 -37.88 23.53 11.34
CA THR A 103 -39.24 23.18 10.94
C THR A 103 -39.81 22.06 11.82
N PHE A 104 -41.10 22.16 12.10
CA PHE A 104 -41.86 21.14 12.82
C PHE A 104 -43.02 20.73 11.92
N ASP A 105 -43.38 19.46 11.92
CA ASP A 105 -44.49 19.00 11.08
C ASP A 105 -44.91 17.60 11.52
N ARG A 106 -45.94 17.08 10.85
CA ARG A 106 -46.50 15.75 11.07
C ARG A 106 -46.33 14.84 9.87
N ILE A 107 -46.63 15.33 8.66
CA ILE A 107 -46.44 14.53 7.46
C ILE A 107 -44.98 14.13 7.30
N THR A 108 -44.06 14.99 7.75
CA THR A 108 -42.64 14.66 7.72
C THR A 108 -42.35 13.40 8.51
N THR A 109 -42.96 13.24 9.68
CA THR A 109 -42.77 12.05 10.51
C THR A 109 -42.83 10.78 9.66
N GLN A 110 -43.94 10.58 8.96
CA GLN A 110 -44.10 9.49 8.01
C GLN A 110 -42.85 9.34 7.16
N THR A 111 -42.52 10.35 6.34
CA THR A 111 -41.36 10.20 5.46
C THR A 111 -40.09 10.03 6.28
N ALA A 112 -39.99 10.74 7.41
CA ALA A 112 -38.87 10.51 8.32
C ALA A 112 -38.83 9.05 8.72
N LYS A 113 -39.95 8.54 9.25
CA LYS A 113 -40.08 7.12 9.56
C LYS A 113 -39.57 6.29 8.40
N GLN A 114 -40.01 6.62 7.18
CA GLN A 114 -39.60 5.88 6.00
C GLN A 114 -38.09 5.74 5.96
N VAL A 115 -37.37 6.87 6.00
CA VAL A 115 -35.91 6.83 5.89
C VAL A 115 -35.34 5.82 6.88
N ILE A 116 -35.83 5.85 8.11
CA ILE A 116 -35.36 4.90 9.13
C ILE A 116 -35.44 3.49 8.58
N VAL A 117 -36.66 3.01 8.31
CA VAL A 117 -36.82 1.65 7.82
C VAL A 117 -36.07 1.49 6.51
N GLN A 118 -36.02 2.55 5.69
CA GLN A 118 -35.29 2.48 4.44
C GLN A 118 -33.85 2.11 4.70
N LYS A 119 -33.20 2.85 5.60
CA LYS A 119 -31.82 2.54 5.95
C LYS A 119 -31.69 1.10 6.40
N VAL A 120 -32.66 0.62 7.17
CA VAL A 120 -32.62 -0.75 7.66
C VAL A 120 -32.50 -1.72 6.51
N ARG A 121 -33.26 -1.50 5.44
CA ARG A 121 -33.13 -2.35 4.25
C ARG A 121 -31.68 -2.36 3.79
N GLU A 122 -31.12 -1.18 3.54
CA GLU A 122 -29.73 -1.11 3.15
C GLU A 122 -28.84 -1.75 4.19
N ALA A 123 -29.20 -1.61 5.47
CA ALA A 123 -28.41 -2.22 6.53
C ALA A 123 -28.36 -3.72 6.37
N GLU A 124 -29.50 -4.35 6.04
CA GLU A 124 -29.52 -5.79 5.83
C GLU A 124 -28.61 -6.14 4.67
N ARG A 125 -29.00 -5.70 3.47
CA ARG A 125 -28.20 -5.89 2.27
C ARG A 125 -26.72 -5.63 2.52
N ALA A 126 -26.37 -4.42 2.96
CA ALA A 126 -24.96 -4.11 3.22
C ALA A 126 -24.34 -5.09 4.20
N MET A 127 -25.05 -5.41 5.28
CA MET A 127 -24.51 -6.33 6.27
C MET A 127 -24.19 -7.67 5.64
N VAL A 128 -25.00 -8.10 4.68
CA VAL A 128 -24.71 -9.36 3.99
C VAL A 128 -23.52 -9.20 3.07
N VAL A 129 -23.42 -8.05 2.39
CA VAL A 129 -22.39 -7.87 1.37
C VAL A 129 -21.01 -8.12 1.95
N ASP A 130 -20.81 -7.74 3.22
CA ASP A 130 -19.55 -8.02 3.92
C ASP A 130 -19.10 -9.46 3.72
N GLN A 131 -19.96 -10.40 4.10
CA GLN A 131 -19.63 -11.82 3.95
C GLN A 131 -19.25 -12.14 2.51
N PHE A 132 -19.99 -11.58 1.54
CA PHE A 132 -19.63 -11.79 0.15
C PHE A 132 -18.22 -11.30 -0.13
N ARG A 133 -17.92 -10.06 0.26
CA ARG A 133 -16.56 -9.55 0.12
C ARG A 133 -15.55 -10.44 0.82
N GLU A 134 -15.95 -11.09 1.92
CA GLU A 134 -15.05 -11.97 2.63
C GLU A 134 -14.72 -13.21 1.82
N HIS A 135 -15.67 -13.71 1.03
CA HIS A 135 -15.52 -14.97 0.32
C HIS A 135 -15.73 -14.84 -1.18
N GLU A 136 -15.63 -13.61 -1.70
CA GLU A 136 -15.91 -13.37 -3.12
C GLU A 136 -15.02 -14.22 -4.01
N GLY A 137 -15.64 -15.09 -4.79
CA GLY A 137 -14.90 -15.88 -5.76
C GLY A 137 -14.37 -17.20 -5.26
N GLU A 138 -14.75 -17.63 -4.07
CA GLU A 138 -14.26 -18.88 -3.49
C GLU A 138 -15.35 -19.94 -3.49
N ILE A 139 -14.91 -21.20 -3.48
CA ILE A 139 -15.82 -22.34 -3.52
C ILE A 139 -16.28 -22.65 -2.10
N ILE A 140 -17.59 -22.85 -1.94
CA ILE A 140 -18.20 -23.16 -0.66
C ILE A 140 -19.24 -24.25 -0.85
N THR A 141 -19.34 -25.15 0.12
CA THR A 141 -20.26 -26.27 0.05
C THR A 141 -21.55 -25.95 0.80
N GLY A 142 -22.68 -26.39 0.25
CA GLY A 142 -23.97 -26.22 0.88
C GLY A 142 -24.84 -27.44 0.67
N VAL A 143 -25.96 -27.47 1.38
CA VAL A 143 -26.90 -28.59 1.32
C VAL A 143 -28.25 -28.08 0.84
N VAL A 144 -28.71 -28.59 -0.29
CA VAL A 144 -29.96 -28.13 -0.88
C VAL A 144 -31.11 -28.30 0.10
N LYS A 145 -32.05 -27.36 0.07
CA LYS A 145 -33.23 -27.47 0.91
C LYS A 145 -34.52 -27.25 0.14
N LYS A 146 -34.53 -26.35 -0.83
CA LYS A 146 -35.65 -26.17 -1.73
C LYS A 146 -35.26 -26.56 -3.15
N VAL A 147 -36.26 -26.93 -3.94
CA VAL A 147 -36.05 -27.12 -5.37
C VAL A 147 -37.14 -26.37 -6.12
N ASN A 148 -36.99 -25.06 -6.28
CA ASN A 148 -37.89 -24.30 -7.12
C ASN A 148 -37.62 -24.64 -8.59
N ARG A 149 -38.51 -24.19 -9.46
CA ARG A 149 -38.41 -24.53 -10.88
C ARG A 149 -37.20 -23.82 -11.48
N ASP A 150 -36.19 -24.61 -11.86
CA ASP A 150 -34.99 -24.15 -12.56
C ASP A 150 -34.06 -23.31 -11.68
N ASN A 151 -34.14 -23.46 -10.37
CA ASN A 151 -33.17 -22.89 -9.44
C ASN A 151 -33.38 -23.54 -8.08
N ILE A 152 -32.28 -23.73 -7.34
CA ILE A 152 -32.32 -24.45 -6.08
C ILE A 152 -31.74 -23.58 -4.97
N SER A 153 -32.36 -23.64 -3.80
CA SER A 153 -31.92 -22.90 -2.63
C SER A 153 -31.08 -23.81 -1.75
N LEU A 154 -29.90 -23.33 -1.37
CA LEU A 154 -28.93 -24.12 -0.62
C LEU A 154 -28.73 -23.53 0.76
N ASP A 155 -28.75 -24.38 1.78
CA ASP A 155 -28.45 -23.96 3.14
C ASP A 155 -26.96 -24.06 3.40
N LEU A 156 -26.39 -22.98 3.93
CA LEU A 156 -25.07 -22.94 4.53
C LEU A 156 -25.23 -22.77 6.04
N GLY A 157 -24.18 -23.10 6.76
CA GLY A 157 -24.20 -22.94 8.21
C GLY A 157 -24.39 -21.48 8.61
N ASN A 158 -24.73 -21.30 9.89
CA ASN A 158 -24.83 -19.99 10.52
C ASN A 158 -25.85 -19.11 9.80
N ASN A 159 -27.01 -19.68 9.52
CA ASN A 159 -28.15 -19.00 8.90
C ASN A 159 -27.82 -18.49 7.50
N ALA A 160 -26.65 -18.81 6.96
CA ALA A 160 -26.31 -18.38 5.61
C ALA A 160 -27.03 -19.26 4.60
N GLU A 161 -27.39 -18.67 3.46
CA GLU A 161 -28.07 -19.39 2.40
C GLU A 161 -27.53 -18.91 1.05
N ALA A 162 -27.91 -19.64 0.00
CA ALA A 162 -27.51 -19.30 -1.36
C ALA A 162 -28.51 -19.90 -2.33
N VAL A 163 -28.24 -19.75 -3.62
CA VAL A 163 -29.15 -20.20 -4.66
C VAL A 163 -28.35 -20.44 -5.92
N ILE A 164 -28.77 -21.43 -6.71
CA ILE A 164 -28.16 -21.74 -7.99
C ILE A 164 -29.24 -21.66 -9.06
N LEU A 165 -29.05 -20.76 -10.01
CA LEU A 165 -29.88 -20.72 -11.21
C LEU A 165 -29.52 -21.88 -12.12
N ARG A 166 -30.48 -22.30 -12.96
CA ARG A 166 -30.25 -23.46 -13.80
C ARG A 166 -29.15 -23.20 -14.82
N GLU A 167 -28.98 -21.96 -15.27
CA GLU A 167 -27.86 -21.64 -16.14
C GLU A 167 -26.53 -21.84 -15.43
N ASP A 168 -26.50 -21.64 -14.11
CA ASP A 168 -25.28 -21.77 -13.34
C ASP A 168 -24.93 -23.22 -13.03
N MET A 169 -25.87 -24.14 -13.16
CA MET A 169 -25.61 -25.55 -12.90
C MET A 169 -25.36 -26.30 -14.20
N LEU A 170 -24.94 -27.56 -14.05
CA LEU A 170 -24.59 -28.38 -15.19
C LEU A 170 -25.79 -28.53 -16.13
N PRO A 171 -25.56 -28.60 -17.44
CA PRO A 171 -26.69 -28.79 -18.36
C PRO A 171 -27.41 -30.11 -18.17
N ARG A 172 -26.66 -31.18 -17.90
CA ARG A 172 -27.25 -32.51 -17.77
C ARG A 172 -27.90 -32.70 -16.41
N GLU A 173 -27.30 -32.16 -15.35
CA GLU A 173 -27.62 -32.59 -13.99
C GLU A 173 -28.80 -31.82 -13.40
N ASN A 174 -29.72 -32.56 -12.77
CA ASN A 174 -30.78 -32.02 -11.93
C ASN A 174 -30.53 -32.51 -10.50
N PHE A 175 -30.78 -31.63 -9.52
CA PHE A 175 -30.44 -31.90 -8.14
C PHE A 175 -31.70 -32.17 -7.32
N ARG A 176 -31.49 -32.53 -6.06
CA ARG A 176 -32.54 -32.92 -5.13
C ARG A 176 -32.13 -32.43 -3.74
N PRO A 177 -33.08 -32.28 -2.83
CA PRO A 177 -32.72 -31.88 -1.45
C PRO A 177 -31.79 -32.89 -0.79
N GLY A 178 -30.93 -32.37 0.10
CA GLY A 178 -30.01 -33.18 0.86
C GLY A 178 -28.68 -33.45 0.20
N ASP A 179 -28.49 -33.02 -1.05
CA ASP A 179 -27.26 -33.26 -1.77
C ASP A 179 -26.27 -32.14 -1.51
N ARG A 180 -25.04 -32.51 -1.16
CA ARG A 180 -24.01 -31.51 -0.95
C ARG A 180 -23.49 -30.99 -2.28
N VAL A 181 -23.34 -29.66 -2.37
CA VAL A 181 -22.98 -28.99 -3.61
C VAL A 181 -21.81 -28.06 -3.32
N ARG A 182 -20.71 -28.26 -4.04
CA ARG A 182 -19.57 -27.36 -3.97
C ARG A 182 -19.71 -26.28 -5.04
N GLY A 183 -19.67 -25.02 -4.62
CA GLY A 183 -19.93 -23.94 -5.56
C GLY A 183 -19.30 -22.62 -5.22
N VAL A 184 -18.71 -21.96 -6.21
CA VAL A 184 -18.14 -20.63 -6.03
C VAL A 184 -19.23 -19.60 -6.21
N LEU A 185 -19.37 -18.70 -5.24
CA LEU A 185 -20.28 -17.57 -5.39
C LEU A 185 -19.64 -16.53 -6.28
N TYR A 186 -20.48 -15.79 -7.01
CA TYR A 186 -19.96 -14.84 -7.99
C TYR A 186 -20.74 -13.54 -8.11
N SER A 187 -21.86 -13.37 -7.42
CA SER A 187 -22.57 -12.10 -7.46
C SER A 187 -23.56 -12.02 -6.30
N VAL A 188 -23.99 -10.79 -6.02
CA VAL A 188 -24.97 -10.51 -4.98
C VAL A 188 -25.95 -9.46 -5.51
N ARG A 189 -26.77 -9.83 -6.48
CA ARG A 189 -27.72 -8.89 -7.06
C ARG A 189 -28.73 -8.47 -6.00
N PRO A 190 -28.97 -7.18 -5.81
CA PRO A 190 -29.90 -6.74 -4.77
C PRO A 190 -31.36 -6.97 -5.12
N GLU A 191 -31.90 -8.09 -4.66
CA GLU A 191 -33.33 -8.27 -4.72
C GLU A 191 -34.02 -7.25 -3.81
N ALA A 192 -35.29 -6.99 -4.07
CA ALA A 192 -36.07 -6.17 -3.16
C ALA A 192 -36.08 -6.80 -1.78
N ARG A 193 -36.04 -5.95 -0.75
CA ARG A 193 -35.93 -6.38 0.64
C ARG A 193 -34.68 -7.24 0.84
N GLY A 194 -33.54 -6.67 0.46
CA GLY A 194 -32.26 -7.33 0.65
C GLY A 194 -31.91 -8.30 -0.46
N ALA A 195 -30.62 -8.64 -0.52
CA ALA A 195 -30.09 -9.51 -1.55
C ALA A 195 -29.69 -10.85 -0.95
N GLN A 196 -29.41 -11.82 -1.84
CA GLN A 196 -28.90 -13.11 -1.42
C GLN A 196 -27.88 -13.61 -2.44
N LEU A 197 -26.92 -14.38 -1.93
CA LEU A 197 -25.75 -14.78 -2.69
C LEU A 197 -26.14 -15.63 -3.89
N PHE A 198 -25.40 -15.47 -4.99
CA PHE A 198 -25.57 -16.29 -6.18
C PHE A 198 -24.34 -17.18 -6.37
N VAL A 199 -24.57 -18.46 -6.66
CA VAL A 199 -23.52 -19.45 -6.81
C VAL A 199 -23.60 -20.04 -8.21
N THR A 200 -22.47 -20.53 -8.70
CA THR A 200 -22.42 -21.05 -10.06
C THR A 200 -21.39 -22.17 -10.20
N ARG A 201 -21.82 -23.28 -10.81
CA ARG A 201 -20.91 -24.34 -11.24
C ARG A 201 -20.57 -24.23 -12.73
N SER A 202 -21.37 -23.49 -13.50
CA SER A 202 -21.16 -23.42 -14.94
C SER A 202 -20.08 -22.42 -15.32
N LYS A 203 -19.98 -21.31 -14.57
CA LYS A 203 -19.04 -20.25 -14.94
C LYS A 203 -17.59 -20.77 -14.88
N PRO A 204 -16.69 -20.16 -15.65
CA PRO A 204 -15.29 -20.59 -15.62
C PRO A 204 -14.63 -20.44 -14.25
N GLU A 205 -15.08 -19.49 -13.43
CA GLU A 205 -14.45 -19.31 -12.11
C GLU A 205 -14.55 -20.58 -11.27
N MET A 206 -15.62 -21.36 -11.43
CA MET A 206 -15.71 -22.67 -10.81
C MET A 206 -14.55 -23.55 -11.24
N LEU A 207 -14.22 -23.55 -12.53
CA LEU A 207 -13.13 -24.38 -13.03
C LEU A 207 -11.78 -23.86 -12.55
N ILE A 208 -11.57 -22.54 -12.60
CA ILE A 208 -10.28 -21.97 -12.22
C ILE A 208 -9.99 -22.21 -10.75
N GLU A 209 -10.95 -21.88 -9.88
CA GLU A 209 -10.76 -22.15 -8.46
C GLU A 209 -10.67 -23.65 -8.20
N LEU A 210 -11.43 -24.45 -8.96
CA LEU A 210 -11.34 -25.90 -8.88
C LEU A 210 -9.94 -26.39 -9.20
N PHE A 211 -9.21 -25.64 -10.05
CA PHE A 211 -7.80 -25.96 -10.29
C PHE A 211 -6.91 -25.41 -9.18
N ARG A 212 -7.30 -24.29 -8.58
CA ARG A 212 -6.50 -23.72 -7.49
C ARG A 212 -6.45 -24.66 -6.30
N ILE A 213 -7.57 -25.33 -5.99
CA ILE A 213 -7.55 -26.30 -4.90
C ILE A 213 -6.70 -27.51 -5.27
N GLU A 214 -6.54 -27.78 -6.56
CA GLU A 214 -5.91 -29.00 -7.01
C GLU A 214 -4.42 -28.83 -7.30
N VAL A 215 -4.04 -27.70 -7.88
CA VAL A 215 -2.63 -27.43 -8.19
C VAL A 215 -2.09 -26.41 -7.20
N PRO A 216 -1.31 -26.82 -6.21
CA PRO A 216 -0.72 -25.83 -5.29
C PRO A 216 0.24 -24.89 -5.97
N GLU A 217 0.79 -25.26 -7.14
CA GLU A 217 1.68 -24.36 -7.87
C GLU A 217 1.00 -23.03 -8.16
N ILE A 218 -0.29 -23.07 -8.51
CA ILE A 218 -1.06 -21.83 -8.61
C ILE A 218 -1.30 -21.24 -7.23
N GLY A 219 -1.58 -22.09 -6.24
CA GLY A 219 -1.74 -21.62 -4.88
C GLY A 219 -0.46 -21.02 -4.33
N GLU A 220 0.69 -21.59 -4.71
CA GLU A 220 1.99 -21.02 -4.39
C GLU A 220 2.34 -19.83 -5.27
N GLU A 221 1.43 -19.44 -6.17
CA GLU A 221 1.59 -18.36 -7.15
C GLU A 221 2.80 -18.57 -8.08
N VAL A 222 3.31 -19.80 -8.15
CA VAL A 222 4.44 -20.10 -9.04
C VAL A 222 4.06 -19.85 -10.49
N ILE A 223 2.87 -20.30 -10.89
CA ILE A 223 2.43 -20.22 -12.28
C ILE A 223 1.09 -19.49 -12.34
N GLU A 224 0.90 -18.72 -13.40
CA GLU A 224 -0.32 -17.96 -13.60
C GLU A 224 -1.16 -18.59 -14.71
N ILE A 225 -2.47 -18.54 -14.53
CA ILE A 225 -3.43 -18.89 -15.57
C ILE A 225 -3.96 -17.59 -16.18
N LYS A 226 -3.86 -17.48 -17.50
CA LYS A 226 -4.14 -16.20 -18.14
C LYS A 226 -5.58 -16.08 -18.63
N ALA A 227 -6.25 -17.18 -18.91
CA ALA A 227 -7.66 -17.14 -19.30
C ALA A 227 -8.20 -18.56 -19.32
N ALA A 228 -9.52 -18.67 -19.21
CA ALA A 228 -10.19 -19.96 -19.20
C ALA A 228 -11.54 -19.86 -19.93
N ALA A 229 -11.79 -20.79 -20.83
CA ALA A 229 -13.03 -20.84 -21.59
C ALA A 229 -13.59 -22.26 -21.56
N ARG A 230 -14.90 -22.40 -21.39
CA ARG A 230 -15.44 -23.74 -21.23
C ARG A 230 -16.88 -23.84 -21.72
N ASP A 231 -17.19 -25.00 -22.30
CA ASP A 231 -18.56 -25.39 -22.60
C ASP A 231 -18.99 -26.37 -21.53
N PRO A 232 -19.97 -26.02 -20.68
CA PRO A 232 -20.16 -26.78 -19.42
C PRO A 232 -20.37 -28.26 -19.61
N GLY A 233 -21.23 -28.66 -20.55
CA GLY A 233 -21.51 -30.08 -20.73
C GLY A 233 -20.36 -30.85 -21.36
N SER A 234 -19.61 -30.20 -22.25
CA SER A 234 -18.71 -30.93 -23.13
C SER A 234 -17.27 -30.70 -22.72
N ARG A 235 -16.60 -29.66 -23.21
CA ARG A 235 -15.15 -29.55 -23.05
C ARG A 235 -14.75 -28.13 -22.65
N ALA A 236 -13.47 -27.99 -22.34
CA ALA A 236 -12.92 -26.72 -21.86
C ALA A 236 -11.48 -26.56 -22.36
N LYS A 237 -11.06 -25.30 -22.48
CA LYS A 237 -9.69 -24.94 -22.82
C LYS A 237 -9.19 -23.91 -21.81
N ILE A 238 -7.96 -24.09 -21.34
CA ILE A 238 -7.35 -23.24 -20.32
C ILE A 238 -5.90 -22.99 -20.71
N ALA A 239 -5.48 -21.72 -20.61
CA ALA A 239 -4.12 -21.32 -20.96
C ALA A 239 -3.32 -21.04 -19.69
N VAL A 240 -2.16 -21.70 -19.58
CA VAL A 240 -1.27 -21.55 -18.43
C VAL A 240 0.11 -21.17 -18.93
N LYS A 241 0.90 -20.59 -18.03
CA LYS A 241 2.27 -20.18 -18.37
C LYS A 241 3.00 -19.82 -17.09
N THR A 242 4.32 -20.03 -17.09
CA THR A 242 5.20 -19.51 -16.07
C THR A 242 6.40 -18.84 -16.74
N ASN A 243 6.78 -17.66 -16.23
CA ASN A 243 7.95 -16.96 -16.76
C ASN A 243 9.25 -17.43 -16.13
N ASP A 244 9.18 -18.20 -15.04
CA ASP A 244 10.40 -18.67 -14.39
C ASP A 244 11.16 -19.67 -15.27
N LYS A 245 10.44 -20.42 -16.11
CA LYS A 245 11.01 -21.54 -16.87
C LYS A 245 11.55 -22.62 -15.94
N ARG A 246 11.15 -22.55 -14.66
CA ARG A 246 11.64 -23.51 -13.66
C ARG A 246 10.93 -24.85 -13.79
N ILE A 247 9.61 -24.84 -13.93
CA ILE A 247 8.83 -26.05 -14.14
C ILE A 247 7.87 -25.81 -15.31
N ASP A 248 7.28 -26.89 -15.80
CA ASP A 248 6.28 -26.82 -16.86
C ASP A 248 4.90 -26.59 -16.25
N PRO A 249 4.20 -25.51 -16.59
CA PRO A 249 2.87 -25.31 -15.99
C PRO A 249 1.85 -26.33 -16.43
N VAL A 250 1.81 -26.67 -17.72
CA VAL A 250 0.86 -27.66 -18.20
C VAL A 250 1.14 -29.02 -17.55
N GLY A 251 2.40 -29.35 -17.36
CA GLY A 251 2.73 -30.57 -16.63
C GLY A 251 2.29 -30.52 -15.18
N ALA A 252 2.40 -29.34 -14.55
CA ALA A 252 1.97 -29.21 -13.16
C ALA A 252 0.46 -29.36 -13.02
N CYS A 253 -0.30 -28.82 -13.97
CA CYS A 253 -1.76 -28.93 -13.90
C CYS A 253 -2.26 -30.30 -14.34
N VAL A 254 -1.56 -30.95 -15.27
CA VAL A 254 -1.99 -32.26 -15.75
C VAL A 254 -1.87 -33.31 -14.66
N GLY A 255 -0.73 -33.34 -13.96
CA GLY A 255 -0.47 -34.32 -12.93
C GLY A 255 0.13 -35.60 -13.46
N MET A 256 -0.12 -36.72 -12.77
CA MET A 256 0.41 -38.01 -13.17
C MET A 256 -0.54 -38.65 -14.18
N ARG A 257 -0.14 -38.66 -15.45
CA ARG A 257 -0.94 -39.24 -16.53
C ARG A 257 -2.31 -38.59 -16.62
N GLY A 258 -2.39 -37.30 -16.30
CA GLY A 258 -3.64 -36.57 -16.29
C GLY A 258 -4.43 -36.67 -15.01
N ALA A 259 -3.96 -37.45 -14.03
CA ALA A 259 -4.74 -37.69 -12.83
C ALA A 259 -5.06 -36.42 -12.07
N ARG A 260 -4.28 -35.36 -12.25
CA ARG A 260 -4.59 -34.11 -11.55
C ARG A 260 -5.69 -33.35 -12.27
N VAL A 261 -5.74 -33.41 -13.61
CA VAL A 261 -6.80 -32.70 -14.32
C VAL A 261 -8.06 -33.53 -14.39
N GLN A 262 -7.94 -34.83 -14.70
CA GLN A 262 -9.11 -35.70 -14.72
C GLN A 262 -9.91 -35.61 -13.44
N ALA A 263 -9.23 -35.52 -12.29
CA ALA A 263 -9.92 -35.34 -11.02
C ALA A 263 -10.88 -34.16 -11.08
N VAL A 264 -10.38 -32.99 -11.48
CA VAL A 264 -11.25 -31.83 -11.59
C VAL A 264 -12.31 -32.09 -12.67
N SER A 265 -11.93 -32.79 -13.74
CA SER A 265 -12.91 -33.15 -14.76
C SER A 265 -13.97 -34.06 -14.18
N THR A 266 -13.59 -34.91 -13.23
CA THR A 266 -14.57 -35.71 -12.51
C THR A 266 -15.53 -34.83 -11.74
N GLU A 267 -15.02 -33.78 -11.11
CA GLU A 267 -15.90 -32.85 -10.41
C GLU A 267 -16.73 -32.04 -11.40
N LEU A 268 -16.14 -31.74 -12.56
CA LEU A 268 -16.80 -30.98 -13.62
C LEU A 268 -17.77 -31.82 -14.43
N GLY A 269 -18.04 -33.05 -14.01
CA GLY A 269 -18.93 -33.92 -14.74
C GLY A 269 -18.29 -34.57 -15.94
N GLY A 270 -17.04 -34.99 -15.83
CA GLY A 270 -16.35 -35.62 -16.94
C GLY A 270 -16.09 -34.69 -18.10
N GLU A 271 -16.13 -33.38 -17.88
CA GLU A 271 -15.91 -32.42 -18.96
C GLU A 271 -14.51 -32.56 -19.52
N ARG A 272 -14.42 -32.72 -20.84
CA ARG A 272 -13.12 -32.77 -21.50
C ARG A 272 -12.39 -31.45 -21.27
N ILE A 273 -11.07 -31.52 -21.15
CA ILE A 273 -10.28 -30.34 -20.80
C ILE A 273 -9.03 -30.31 -21.66
N ASP A 274 -8.78 -29.17 -22.31
CA ASP A 274 -7.54 -28.92 -23.02
C ASP A 274 -6.74 -27.89 -22.25
N ILE A 275 -5.56 -28.28 -21.76
CA ILE A 275 -4.65 -27.35 -21.10
C ILE A 275 -3.59 -26.96 -22.12
N VAL A 276 -3.47 -25.65 -22.38
CA VAL A 276 -2.51 -25.15 -23.36
C VAL A 276 -1.63 -24.10 -22.72
N LEU A 277 -0.47 -23.88 -23.31
CA LEU A 277 0.47 -22.89 -22.82
C LEU A 277 -0.01 -21.49 -23.20
N TRP A 278 0.18 -20.54 -22.27
CA TRP A 278 -0.11 -19.14 -22.56
C TRP A 278 1.08 -18.50 -23.26
N ASP A 279 0.78 -17.64 -24.22
CA ASP A 279 1.77 -16.99 -25.06
C ASP A 279 1.38 -15.54 -25.28
N ASP A 280 2.38 -14.67 -25.37
CA ASP A 280 2.14 -13.25 -25.51
C ASP A 280 1.98 -12.80 -26.95
N ASN A 281 2.68 -13.43 -27.88
CA ASN A 281 2.38 -13.27 -29.29
C ASN A 281 0.95 -13.72 -29.52
N PRO A 282 0.04 -12.85 -30.02
CA PRO A 282 -1.34 -13.27 -30.28
C PRO A 282 -1.42 -14.45 -31.22
N ALA A 283 -0.86 -14.29 -32.42
CA ALA A 283 -0.97 -15.31 -33.47
C ALA A 283 -0.50 -16.68 -32.98
N GLN A 284 0.72 -16.76 -32.47
CA GLN A 284 1.22 -18.02 -31.94
C GLN A 284 0.32 -18.54 -30.83
N PHE A 285 -0.06 -17.67 -29.89
CA PHE A 285 -0.99 -18.09 -28.83
C PHE A 285 -2.30 -18.58 -29.41
N VAL A 286 -2.78 -17.95 -30.50
CA VAL A 286 -3.98 -18.44 -31.17
C VAL A 286 -3.77 -19.88 -31.62
N ILE A 287 -2.63 -20.16 -32.27
CA ILE A 287 -2.34 -21.52 -32.71
C ILE A 287 -2.33 -22.48 -31.52
N ASN A 288 -1.79 -22.03 -30.39
CA ASN A 288 -1.75 -22.90 -29.21
C ASN A 288 -3.14 -23.14 -28.65
N ALA A 289 -4.04 -22.16 -28.71
CA ALA A 289 -5.42 -22.35 -28.30
C ALA A 289 -6.26 -23.02 -29.37
N MET A 290 -5.77 -23.06 -30.61
CA MET A 290 -6.47 -23.77 -31.66
C MET A 290 -6.34 -25.28 -31.53
N ALA A 291 -5.33 -25.75 -30.80
CA ALA A 291 -5.09 -27.17 -30.56
C ALA A 291 -6.33 -27.84 -29.96
N PRO A 292 -6.48 -29.17 -30.12
CA PRO A 292 -5.60 -30.20 -30.71
C PRO A 292 -5.29 -30.01 -32.20
N ALA A 293 -6.21 -29.45 -32.96
CA ALA A 293 -5.98 -29.20 -34.38
C ALA A 293 -5.10 -27.96 -34.56
N ASP A 294 -4.14 -28.05 -35.48
CA ASP A 294 -3.16 -26.99 -35.66
C ASP A 294 -2.90 -26.77 -37.14
N VAL A 295 -2.51 -25.54 -37.47
CA VAL A 295 -2.29 -25.11 -38.85
C VAL A 295 -0.92 -24.44 -38.94
N ALA A 296 -0.50 -24.19 -40.18
CA ALA A 296 0.78 -23.54 -40.44
C ALA A 296 0.63 -22.17 -41.09
N SER A 297 -0.57 -21.76 -41.47
CA SER A 297 -0.81 -20.49 -42.14
C SER A 297 -1.74 -19.63 -41.29
N ILE A 298 -1.30 -18.42 -40.97
CA ILE A 298 -2.06 -17.50 -40.12
C ILE A 298 -1.99 -16.11 -40.74
N VAL A 299 -3.14 -15.43 -40.78
CA VAL A 299 -3.25 -14.06 -41.28
C VAL A 299 -3.98 -13.23 -40.24
N VAL A 300 -3.49 -12.00 -40.01
CA VAL A 300 -4.00 -11.16 -38.94
C VAL A 300 -4.47 -9.83 -39.52
N ASP A 301 -5.46 -9.21 -38.84
CA ASP A 301 -5.96 -7.86 -39.13
C ASP A 301 -6.10 -7.13 -37.79
N GLU A 302 -4.97 -6.71 -37.19
CA GLU A 302 -5.00 -6.05 -35.88
C GLU A 302 -5.95 -4.85 -35.85
N ASP A 303 -6.26 -4.25 -37.01
CA ASP A 303 -7.30 -3.22 -37.04
C ASP A 303 -8.62 -3.76 -36.53
N LYS A 304 -8.99 -4.97 -36.95
CA LYS A 304 -10.15 -5.65 -36.38
C LYS A 304 -9.77 -6.87 -35.54
N HIS A 305 -8.53 -7.36 -35.67
CA HIS A 305 -8.05 -8.58 -35.02
C HIS A 305 -8.96 -9.78 -35.30
N THR A 306 -9.75 -9.69 -36.38
CA THR A 306 -10.51 -10.83 -36.88
C THR A 306 -9.62 -11.60 -37.84
N MET A 307 -8.66 -12.30 -37.25
CA MET A 307 -7.69 -13.03 -38.05
C MET A 307 -8.36 -14.26 -38.67
N ASP A 308 -7.71 -14.79 -39.70
CA ASP A 308 -8.22 -15.92 -40.45
C ASP A 308 -7.26 -17.10 -40.32
N ILE A 309 -7.78 -18.30 -40.48
CA ILE A 309 -7.01 -19.54 -40.36
C ILE A 309 -7.34 -20.45 -41.53
N ALA A 310 -6.32 -21.10 -42.07
CA ALA A 310 -6.48 -22.04 -43.17
C ALA A 310 -5.80 -23.35 -42.82
N VAL A 311 -6.28 -24.44 -43.42
CA VAL A 311 -5.86 -25.77 -42.97
C VAL A 311 -6.28 -26.85 -43.97
N GLU A 312 -5.54 -27.96 -43.98
CA GLU A 312 -5.93 -29.17 -44.69
C GLU A 312 -7.31 -29.62 -44.23
N ALA A 313 -7.97 -30.39 -45.11
CA ALA A 313 -9.33 -30.85 -44.82
C ALA A 313 -9.37 -31.78 -43.61
N GLY A 314 -8.51 -32.81 -43.61
CA GLY A 314 -8.48 -33.75 -42.50
C GLY A 314 -8.28 -33.08 -41.16
N ASN A 315 -7.46 -32.04 -41.14
CA ASN A 315 -7.32 -31.22 -39.93
C ASN A 315 -8.33 -30.08 -39.86
N LEU A 316 -9.00 -29.78 -40.98
CA LEU A 316 -10.09 -28.80 -40.97
C LEU A 316 -11.23 -29.29 -40.10
N ALA A 317 -11.75 -30.49 -40.42
CA ALA A 317 -12.86 -31.04 -39.65
C ALA A 317 -12.53 -31.14 -38.18
N GLN A 318 -11.26 -31.40 -37.84
CA GLN A 318 -10.86 -31.39 -36.44
C GLN A 318 -10.82 -29.98 -35.89
N ALA A 319 -10.43 -29.01 -36.72
CA ALA A 319 -10.30 -27.63 -36.26
C ALA A 319 -11.66 -27.06 -35.89
N ILE A 320 -12.70 -27.34 -36.68
CA ILE A 320 -14.01 -26.80 -36.37
C ILE A 320 -14.62 -27.51 -35.17
N GLY A 321 -14.58 -28.85 -35.18
CA GLY A 321 -15.21 -29.63 -34.14
C GLY A 321 -16.72 -29.65 -34.25
N ARG A 322 -17.36 -30.26 -33.25
CA ARG A 322 -18.80 -30.30 -33.21
C ARG A 322 -19.37 -28.89 -33.11
N ASN A 323 -20.38 -28.60 -33.95
CA ASN A 323 -21.08 -27.32 -33.91
C ASN A 323 -20.14 -26.13 -33.97
N GLY A 324 -18.87 -26.36 -34.30
CA GLY A 324 -17.88 -25.31 -34.34
C GLY A 324 -17.26 -24.94 -33.02
N GLN A 325 -17.84 -25.37 -31.89
CA GLN A 325 -17.46 -24.80 -30.60
C GLN A 325 -15.97 -24.85 -30.32
N ASN A 326 -15.24 -25.79 -30.96
CA ASN A 326 -13.79 -25.82 -30.84
C ASN A 326 -13.21 -24.43 -31.08
N VAL A 327 -13.38 -23.91 -32.30
CA VAL A 327 -12.92 -22.56 -32.58
C VAL A 327 -13.60 -21.58 -31.63
N ARG A 328 -14.89 -21.81 -31.34
CA ARG A 328 -15.61 -20.91 -30.43
C ARG A 328 -14.92 -20.86 -29.07
N LEU A 329 -14.40 -21.99 -28.60
CA LEU A 329 -13.64 -21.97 -27.36
C LEU A 329 -12.33 -21.20 -27.54
N ALA A 330 -11.60 -21.50 -28.63
CA ALA A 330 -10.32 -20.85 -28.88
C ALA A 330 -10.47 -19.34 -28.87
N SER A 331 -11.36 -18.84 -29.73
CA SER A 331 -11.71 -17.42 -29.70
C SER A 331 -12.14 -16.99 -28.30
N GLN A 332 -13.03 -17.77 -27.66
CA GLN A 332 -13.46 -17.44 -26.30
C GLN A 332 -12.26 -17.31 -25.37
N LEU A 333 -11.26 -18.17 -25.56
CA LEU A 333 -10.04 -18.07 -24.78
C LEU A 333 -9.22 -16.87 -25.23
N SER A 334 -9.05 -16.71 -26.55
CA SER A 334 -8.21 -15.64 -27.06
C SER A 334 -8.82 -14.27 -26.83
N GLY A 335 -10.12 -14.20 -26.52
CA GLY A 335 -10.79 -12.92 -26.44
C GLY A 335 -10.80 -12.18 -27.75
N TRP A 336 -10.79 -12.91 -28.86
CA TRP A 336 -10.69 -12.30 -30.17
C TRP A 336 -11.39 -13.15 -31.21
N GLU A 337 -11.95 -12.50 -32.22
CA GLU A 337 -12.68 -13.20 -33.27
C GLU A 337 -11.73 -14.11 -34.06
N LEU A 338 -12.29 -15.19 -34.60
CA LEU A 338 -11.54 -16.13 -35.41
C LEU A 338 -12.25 -16.38 -36.74
N ASN A 339 -11.60 -17.17 -37.60
CA ASN A 339 -12.11 -17.51 -38.91
C ASN A 339 -11.30 -18.68 -39.44
N VAL A 340 -11.98 -19.68 -39.99
CA VAL A 340 -11.35 -20.92 -40.43
C VAL A 340 -11.75 -21.20 -41.87
N MET A 341 -10.84 -21.86 -42.62
CA MET A 341 -11.09 -22.16 -44.02
C MET A 341 -10.14 -23.26 -44.47
N THR A 342 -10.21 -23.59 -45.75
CA THR A 342 -9.26 -24.49 -46.38
C THR A 342 -8.15 -23.69 -47.04
N VAL A 343 -6.93 -24.24 -47.02
CA VAL A 343 -5.77 -23.56 -47.59
C VAL A 343 -5.99 -23.27 -49.08
N ASP A 344 -6.50 -24.25 -49.81
CA ASP A 344 -6.77 -24.09 -51.23
C ASP A 344 -7.67 -22.90 -51.48
N ASP A 345 -8.73 -22.76 -50.68
CA ASP A 345 -9.57 -21.58 -50.75
C ASP A 345 -8.89 -20.35 -50.16
N LEU A 346 -7.84 -20.54 -49.34
CA LEU A 346 -7.19 -19.41 -48.70
C LEU A 346 -6.35 -18.62 -49.69
N GLN A 347 -5.43 -19.30 -50.39
CA GLN A 347 -4.59 -18.58 -51.35
C GLN A 347 -5.45 -17.77 -52.30
N ALA A 348 -6.40 -18.44 -52.97
CA ALA A 348 -7.31 -17.75 -53.88
C ALA A 348 -8.11 -16.66 -53.17
N LYS A 349 -8.41 -16.86 -51.88
CA LYS A 349 -9.13 -15.81 -51.16
C LYS A 349 -8.28 -14.55 -51.00
N HIS A 350 -6.98 -14.71 -50.78
CA HIS A 350 -6.11 -13.53 -50.73
C HIS A 350 -5.99 -12.90 -52.11
N GLN A 351 -5.86 -13.71 -53.17
CA GLN A 351 -5.80 -13.14 -54.51
C GLN A 351 -7.07 -12.39 -54.85
N ALA A 352 -8.22 -12.81 -54.31
CA ALA A 352 -9.46 -12.08 -54.54
C ALA A 352 -9.49 -10.80 -53.73
N GLU A 353 -9.14 -10.89 -52.44
CA GLU A 353 -8.96 -9.73 -51.58
C GLU A 353 -8.20 -8.62 -52.30
N ALA A 354 -7.07 -8.98 -52.90
CA ALA A 354 -6.27 -8.00 -53.62
C ALA A 354 -6.86 -7.65 -54.97
N HIS A 355 -7.59 -8.58 -55.60
CA HIS A 355 -8.03 -8.37 -56.97
C HIS A 355 -9.17 -7.35 -57.04
N ALA A 356 -10.17 -7.48 -56.16
CA ALA A 356 -11.28 -6.53 -56.18
C ALA A 356 -10.80 -5.12 -55.89
N ALA A 357 -9.98 -4.97 -54.84
CA ALA A 357 -9.43 -3.66 -54.52
C ALA A 357 -8.58 -3.12 -55.65
N ILE A 358 -7.83 -3.99 -56.34
CA ILE A 358 -7.04 -3.50 -57.47
C ILE A 358 -7.95 -3.09 -58.61
N ASP A 359 -9.14 -3.67 -58.71
CA ASP A 359 -10.10 -3.18 -59.69
C ASP A 359 -10.64 -1.81 -59.26
N THR A 360 -10.67 -1.54 -57.96
CA THR A 360 -10.99 -0.18 -57.52
C THR A 360 -9.89 0.80 -57.91
N PHE A 361 -8.63 0.44 -57.66
CA PHE A 361 -7.50 1.28 -58.08
C PHE A 361 -7.58 1.57 -59.58
N THR A 362 -7.70 0.52 -60.39
CA THR A 362 -7.89 0.68 -61.83
C THR A 362 -9.13 1.50 -62.14
N LYS A 363 -10.10 1.52 -61.23
CA LYS A 363 -11.29 2.33 -61.43
C LYS A 363 -11.05 3.80 -61.11
N TYR A 364 -10.04 4.11 -60.29
CA TYR A 364 -9.79 5.49 -59.87
C TYR A 364 -8.69 6.15 -60.69
N LEU A 365 -7.45 5.66 -60.61
CA LEU A 365 -6.35 6.30 -61.34
C LEU A 365 -5.88 5.50 -62.55
N ASP A 366 -6.42 4.29 -62.74
CA ASP A 366 -6.54 3.57 -64.02
C ASP A 366 -5.27 2.91 -64.54
N ILE A 367 -4.12 3.04 -63.88
CA ILE A 367 -2.88 2.46 -64.42
C ILE A 367 -2.80 1.04 -63.86
N ASP A 368 -3.55 0.14 -64.49
CA ASP A 368 -3.59 -1.26 -64.03
C ASP A 368 -2.20 -1.88 -64.03
N GLU A 369 -1.36 -1.53 -65.00
CA GLU A 369 -0.01 -2.07 -65.05
C GLU A 369 0.80 -1.63 -63.83
N ASP A 370 0.74 -0.33 -63.52
CA ASP A 370 1.51 0.19 -62.38
C ASP A 370 0.85 -0.16 -61.05
N PHE A 371 -0.48 -0.31 -61.01
CA PHE A 371 -1.16 -0.53 -59.74
C PHE A 371 -1.01 -1.96 -59.28
N ALA A 372 -1.16 -2.93 -60.18
CA ALA A 372 -1.02 -4.33 -59.82
C ALA A 372 0.36 -4.60 -59.23
N THR A 373 1.39 -3.92 -59.75
CA THR A 373 2.73 -4.03 -59.17
C THR A 373 2.76 -3.40 -57.78
N VAL A 374 2.28 -2.15 -57.66
CA VAL A 374 2.17 -1.52 -56.36
C VAL A 374 1.29 -2.34 -55.43
N LEU A 375 0.30 -3.05 -55.98
CA LEU A 375 -0.56 -3.91 -55.16
C LEU A 375 0.23 -5.01 -54.48
N VAL A 376 1.35 -5.43 -55.08
CA VAL A 376 2.11 -6.57 -54.53
C VAL A 376 2.53 -6.29 -53.10
N GLU A 377 2.96 -5.06 -52.82
CA GLU A 377 3.27 -4.64 -51.45
C GLU A 377 2.20 -3.73 -50.85
N GLU A 378 1.10 -3.50 -51.56
CA GLU A 378 0.00 -2.73 -50.98
C GLU A 378 -0.63 -3.48 -49.80
N GLY A 379 -0.59 -4.80 -49.81
CA GLY A 379 -1.21 -5.64 -48.80
C GLY A 379 -1.08 -5.15 -47.37
N PHE A 380 0.04 -4.51 -47.05
CA PHE A 380 0.20 -3.91 -45.73
C PHE A 380 -0.73 -2.71 -45.53
N SER A 381 -1.00 -1.96 -46.59
CA SER A 381 -1.67 -0.66 -46.48
C SER A 381 -2.90 -0.63 -47.37
N THR A 382 -4.05 -0.31 -46.78
CA THR A 382 -5.22 0.00 -47.58
C THR A 382 -4.99 1.31 -48.35
N LEU A 383 -5.87 1.58 -49.32
CA LEU A 383 -5.71 2.77 -50.15
C LEU A 383 -5.66 4.04 -49.32
N GLU A 384 -6.32 4.04 -48.16
CA GLU A 384 -6.19 5.14 -47.22
C GLU A 384 -4.88 5.06 -46.44
N GLU A 385 -4.39 3.84 -46.19
CA GLU A 385 -3.18 3.70 -45.39
C GLU A 385 -1.94 4.13 -46.17
N LEU A 386 -1.93 3.88 -47.49
CA LEU A 386 -0.85 4.40 -48.33
C LEU A 386 -0.70 5.90 -48.15
N ALA A 387 -1.83 6.62 -48.08
CA ALA A 387 -1.81 8.05 -47.79
C ALA A 387 -1.57 8.31 -46.30
N TYR A 388 -1.97 7.38 -45.43
CA TYR A 388 -1.78 7.54 -43.99
C TYR A 388 -0.40 7.11 -43.52
N VAL A 389 0.16 6.06 -44.13
CA VAL A 389 1.53 5.66 -43.75
C VAL A 389 2.47 6.80 -44.10
N PRO A 390 3.52 7.07 -43.32
CA PRO A 390 4.50 8.07 -43.72
C PRO A 390 5.13 7.72 -45.06
N MET A 391 5.35 8.76 -45.89
CA MET A 391 5.95 8.57 -47.20
C MET A 391 7.32 7.93 -47.14
N LYS A 392 7.93 7.82 -45.96
CA LYS A 392 9.25 7.24 -45.82
C LYS A 392 9.29 5.77 -46.23
N GLU A 393 8.16 5.07 -46.22
CA GLU A 393 8.15 3.64 -46.44
C GLU A 393 7.94 3.25 -47.91
N LEU A 394 6.99 3.87 -48.61
CA LEU A 394 6.64 3.42 -49.95
C LEU A 394 7.69 3.74 -51.00
N LEU A 395 8.73 4.51 -50.66
CA LEU A 395 9.78 4.81 -51.61
C LEU A 395 10.62 3.57 -51.86
N GLU A 396 10.60 3.06 -53.10
CA GLU A 396 11.39 1.91 -53.48
C GLU A 396 11.99 2.16 -54.87
N ILE A 397 12.77 1.20 -55.34
CA ILE A 397 13.38 1.34 -56.67
C ILE A 397 12.33 1.25 -57.77
N GLU A 398 11.23 0.53 -57.51
CA GLU A 398 10.15 0.43 -58.49
C GLU A 398 9.31 1.69 -58.47
N GLY A 399 8.89 2.14 -59.65
CA GLY A 399 8.11 3.35 -59.76
C GLY A 399 8.94 4.60 -59.57
N LEU A 400 8.25 5.69 -59.23
CA LEU A 400 8.88 6.99 -59.02
C LEU A 400 8.61 7.40 -57.58
N ASP A 401 9.68 7.64 -56.82
CA ASP A 401 9.55 7.88 -55.38
C ASP A 401 9.04 9.28 -55.07
N GLU A 402 9.50 10.28 -55.82
CA GLU A 402 9.21 11.66 -55.43
C GLU A 402 8.13 12.32 -56.27
N PRO A 403 8.19 12.28 -57.61
CA PRO A 403 7.18 13.02 -58.39
C PRO A 403 5.78 12.43 -58.32
N THR A 404 5.67 11.10 -58.25
CA THR A 404 4.36 10.45 -58.35
C THR A 404 3.65 10.31 -57.01
N VAL A 405 4.41 10.28 -55.90
CA VAL A 405 3.79 10.01 -54.60
C VAL A 405 2.88 11.15 -54.18
N GLU A 406 3.30 12.40 -54.42
CA GLU A 406 2.47 13.54 -54.06
C GLU A 406 1.12 13.48 -54.77
N ALA A 407 1.13 13.34 -56.09
CA ALA A 407 -0.11 13.22 -56.84
C ALA A 407 -0.95 12.04 -56.35
N LEU A 408 -0.29 10.89 -56.08
CA LEU A 408 -1.00 9.73 -55.54
C LEU A 408 -1.78 10.10 -54.29
N ARG A 409 -1.10 10.70 -53.30
CA ARG A 409 -1.76 11.10 -52.07
C ARG A 409 -2.93 12.04 -52.35
N GLU A 410 -2.72 13.02 -53.23
CA GLU A 410 -3.80 13.94 -53.59
C GLU A 410 -5.03 13.18 -54.09
N ARG A 411 -4.85 12.30 -55.08
CA ARG A 411 -5.96 11.54 -55.63
C ARG A 411 -6.70 10.77 -54.54
N ALA A 412 -5.96 9.95 -53.79
CA ALA A 412 -6.59 9.08 -52.81
C ALA A 412 -7.37 9.88 -51.77
N LYS A 413 -6.73 10.91 -51.20
CA LYS A 413 -7.40 11.67 -50.14
C LYS A 413 -8.62 12.41 -50.67
N ASN A 414 -8.55 12.93 -51.90
CA ASN A 414 -9.72 13.58 -52.47
C ASN A 414 -10.86 12.59 -52.63
N ALA A 415 -10.57 11.39 -53.14
CA ALA A 415 -11.62 10.39 -53.34
C ALA A 415 -12.28 10.00 -52.02
N LEU A 416 -11.47 9.66 -51.01
CA LEU A 416 -12.07 9.28 -49.72
C LEU A 416 -12.87 10.44 -49.13
N ALA A 417 -12.43 11.68 -49.35
CA ALA A 417 -13.25 12.82 -48.97
C ALA A 417 -14.59 12.80 -49.69
N THR A 418 -14.59 12.41 -50.96
CA THR A 418 -15.86 12.33 -51.70
C THR A 418 -16.78 11.28 -51.09
N ILE A 419 -16.23 10.16 -50.63
CA ILE A 419 -17.07 9.16 -49.96
C ILE A 419 -17.65 9.73 -48.66
N ALA A 420 -16.79 10.40 -47.87
CA ALA A 420 -17.26 11.00 -46.63
C ALA A 420 -18.39 12.00 -46.88
N GLN A 421 -18.29 12.77 -47.97
CA GLN A 421 -19.38 13.68 -48.34
C GLN A 421 -20.59 12.94 -48.89
N ALA A 422 -20.40 11.74 -49.45
CA ALA A 422 -21.52 10.95 -49.96
C ALA A 422 -22.27 10.23 -48.85
N GLN A 423 -21.67 10.09 -47.66
CA GLN A 423 -22.39 9.51 -46.53
C GLN A 423 -23.62 10.32 -46.17
N GLU A 424 -23.49 11.65 -46.15
CA GLU A 424 -24.57 12.55 -45.78
C GLU A 424 -25.15 13.22 -47.02
N GLU A 425 -26.46 13.47 -46.98
CA GLU A 425 -27.23 14.07 -48.07
C GLU A 425 -27.29 13.18 -49.31
N SER A 426 -27.12 11.87 -49.14
CA SER A 426 -27.29 10.96 -50.27
C SER A 426 -28.78 10.84 -50.63
N LEU A 427 -29.04 10.25 -51.80
CA LEU A 427 -30.40 10.14 -52.30
C LEU A 427 -31.29 9.38 -51.32
N GLY A 428 -30.88 8.18 -50.93
CA GLY A 428 -31.64 7.37 -49.99
C GLY A 428 -30.81 6.89 -48.82
N ALA B 6 21.14 -55.13 11.47
CA ALA B 6 20.08 -54.84 10.51
C ALA B 6 18.78 -54.50 11.22
N ALA B 7 18.33 -55.41 12.08
CA ALA B 7 17.11 -55.16 12.86
C ALA B 7 17.30 -53.95 13.77
N ARG B 8 18.50 -53.79 14.34
CA ARG B 8 18.80 -52.57 15.08
C ARG B 8 18.88 -51.38 14.13
N ARG B 9 19.53 -51.56 12.98
CA ARG B 9 19.50 -50.53 11.94
C ARG B 9 18.06 -50.25 11.50
N ARG B 10 17.24 -51.30 11.42
CA ARG B 10 15.82 -51.14 11.10
C ARG B 10 15.11 -50.26 12.11
N ALA B 11 15.66 -50.11 13.32
CA ALA B 11 15.09 -49.17 14.28
C ALA B 11 15.16 -47.74 13.77
N ARG B 12 16.29 -47.39 13.12
CA ARG B 12 16.56 -46.00 12.77
C ARG B 12 15.41 -45.36 12.01
N GLU B 13 14.87 -46.07 11.02
CA GLU B 13 13.82 -45.50 10.18
C GLU B 13 12.62 -45.05 10.99
N CYS B 14 12.26 -45.83 12.03
CA CYS B 14 11.15 -45.43 12.89
C CYS B 14 11.44 -44.08 13.53
N ALA B 15 12.66 -43.91 14.07
CA ALA B 15 13.07 -42.61 14.56
C ALA B 15 12.96 -41.57 13.45
N VAL B 16 13.40 -41.93 12.25
CA VAL B 16 13.29 -41.05 11.08
C VAL B 16 11.86 -40.57 10.90
N GLN B 17 10.89 -41.44 11.21
CA GLN B 17 9.49 -41.07 10.98
C GLN B 17 9.00 -40.04 11.99
N ALA B 18 9.60 -39.99 13.18
CA ALA B 18 9.04 -39.16 14.25
C ALA B 18 9.15 -37.68 13.91
N LEU B 19 10.32 -37.25 13.45
CA LEU B 19 10.56 -35.81 13.28
C LEU B 19 9.60 -35.17 12.28
N TYR B 20 9.28 -35.88 11.20
CA TYR B 20 8.28 -35.36 10.26
C TYR B 20 7.01 -34.98 11.00
N SER B 21 6.54 -35.86 11.87
CA SER B 21 5.45 -35.55 12.78
C SER B 21 5.73 -34.20 13.45
N TRP B 22 6.79 -34.16 14.25
CA TRP B 22 7.22 -32.91 14.86
C TRP B 22 7.30 -31.81 13.81
N GLN B 23 7.96 -32.09 12.69
CA GLN B 23 8.18 -31.06 11.67
C GLN B 23 6.87 -30.42 11.22
N LEU B 24 5.81 -31.21 11.17
CA LEU B 24 4.51 -30.67 10.79
C LEU B 24 3.65 -30.30 11.98
N SER B 25 3.88 -30.91 13.15
CA SER B 25 3.10 -30.53 14.31
C SER B 25 3.72 -29.33 15.02
N GLN B 26 5.04 -29.19 14.95
CA GLN B 26 5.76 -28.07 15.55
C GLN B 26 5.36 -27.88 17.02
N ASN B 27 5.36 -28.99 17.74
CA ASN B 27 5.01 -29.03 19.15
C ASN B 27 6.23 -29.34 19.98
N ASP B 28 6.06 -29.25 21.30
CA ASP B 28 7.11 -29.64 22.23
C ASP B 28 7.46 -31.11 22.02
N ILE B 29 8.75 -31.41 22.01
CA ILE B 29 9.20 -32.77 21.70
C ILE B 29 8.82 -33.72 22.82
N ALA B 30 8.71 -33.23 24.06
CA ALA B 30 8.27 -34.06 25.16
C ALA B 30 6.88 -34.65 24.89
N ASP B 31 5.97 -33.84 24.35
CA ASP B 31 4.66 -34.35 23.97
C ASP B 31 4.80 -35.44 22.91
N VAL B 32 5.66 -35.22 21.92
CA VAL B 32 5.84 -36.19 20.85
C VAL B 32 6.30 -37.54 21.40
N GLU B 33 7.31 -37.51 22.28
CA GLU B 33 7.86 -38.76 22.81
C GLU B 33 6.86 -39.45 23.73
N TYR B 34 6.27 -38.70 24.68
CA TYR B 34 5.36 -39.31 25.63
C TYR B 34 4.17 -39.93 24.93
N GLN B 35 3.54 -39.19 24.01
CA GLN B 35 2.39 -39.74 23.32
C GLN B 35 2.78 -40.89 22.39
N PHE B 36 3.90 -40.74 21.68
CA PHE B 36 4.33 -41.78 20.75
C PHE B 36 4.54 -43.10 21.49
N LEU B 37 5.47 -43.12 22.46
CA LEU B 37 5.75 -44.38 23.16
C LEU B 37 4.57 -44.82 24.02
N ALA B 38 3.75 -43.88 24.51
CA ALA B 38 2.63 -44.25 25.36
C ALA B 38 1.54 -44.97 24.56
N GLU B 39 1.35 -44.59 23.30
CA GLU B 39 0.34 -45.26 22.48
C GLU B 39 0.74 -46.70 22.19
N GLN B 40 1.94 -46.91 21.67
CA GLN B 40 2.39 -48.25 21.33
C GLN B 40 3.90 -48.35 21.49
N ASP B 41 4.36 -49.56 21.82
CA ASP B 41 5.78 -49.87 21.89
C ASP B 41 6.13 -50.75 20.69
N VAL B 42 7.18 -50.36 19.96
CA VAL B 42 7.70 -51.17 18.88
C VAL B 42 8.71 -52.15 19.49
N LYS B 43 8.31 -53.41 19.60
CA LYS B 43 9.17 -54.42 20.21
C LYS B 43 10.46 -54.62 19.42
N ASP B 44 10.42 -54.39 18.11
CA ASP B 44 11.62 -54.54 17.29
C ASP B 44 12.63 -53.45 17.59
N VAL B 45 12.22 -52.18 17.45
CA VAL B 45 13.16 -51.09 17.71
C VAL B 45 13.35 -50.93 19.22
N ASP B 46 14.44 -50.28 19.59
CA ASP B 46 14.81 -50.09 20.98
C ASP B 46 14.67 -48.62 21.34
N VAL B 47 13.87 -48.34 22.39
CA VAL B 47 13.76 -46.98 22.91
C VAL B 47 15.09 -46.50 23.46
N LEU B 48 15.91 -47.45 23.94
CA LEU B 48 17.22 -47.12 24.50
C LEU B 48 18.02 -46.22 23.56
N TYR B 49 17.94 -46.46 22.26
CA TYR B 49 18.56 -45.59 21.26
C TYR B 49 17.57 -44.64 20.62
N PHE B 50 16.30 -45.05 20.47
CA PHE B 50 15.30 -44.20 19.83
C PHE B 50 15.21 -42.85 20.52
N ARG B 51 15.32 -42.84 21.85
CA ARG B 51 15.10 -41.61 22.60
C ARG B 51 16.24 -40.61 22.43
N GLU B 52 17.46 -41.10 22.21
CA GLU B 52 18.61 -40.21 22.11
C GLU B 52 18.53 -39.30 20.88
N LEU B 53 17.93 -39.79 19.79
CA LEU B 53 17.86 -38.99 18.58
C LEU B 53 16.84 -37.86 18.70
N LEU B 54 15.75 -38.09 19.45
CA LEU B 54 14.74 -37.05 19.62
C LEU B 54 15.32 -35.80 20.28
N ALA B 55 16.37 -35.96 21.09
CA ALA B 55 17.10 -34.81 21.59
C ALA B 55 17.76 -34.00 20.49
N GLY B 56 18.05 -34.62 19.34
CA GLY B 56 18.87 -34.00 18.31
C GLY B 56 18.06 -32.98 17.56
N VAL B 57 16.87 -32.65 18.05
CA VAL B 57 16.04 -31.61 17.46
C VAL B 57 16.74 -30.26 17.52
N ALA B 58 17.75 -30.13 18.38
CA ALA B 58 18.51 -28.89 18.50
C ALA B 58 19.03 -28.43 17.14
N THR B 59 19.26 -27.13 17.02
CA THR B 59 19.53 -26.48 15.73
C THR B 59 20.96 -26.65 15.24
N ASN B 60 21.83 -27.36 15.98
CA ASN B 60 23.12 -27.75 15.44
C ASN B 60 22.93 -28.47 14.10
N THR B 61 21.88 -29.29 14.01
CA THR B 61 21.56 -29.95 12.75
C THR B 61 21.08 -28.94 11.71
N ALA B 62 20.55 -27.80 12.13
CA ALA B 62 20.27 -26.74 11.16
C ALA B 62 21.58 -26.17 10.61
N TYR B 63 22.56 -25.96 11.49
CA TYR B 63 23.87 -25.52 11.01
C TYR B 63 24.44 -26.51 10.01
N LEU B 64 24.28 -27.82 10.25
CA LEU B 64 24.81 -28.78 9.29
C LEU B 64 24.00 -28.77 8.00
N ASP B 65 22.69 -28.55 8.07
CA ASP B 65 21.92 -28.55 6.82
C ASP B 65 22.29 -27.36 5.96
N GLY B 66 22.74 -26.26 6.57
CA GLY B 66 23.28 -25.16 5.79
C GLY B 66 24.40 -25.59 4.85
N LEU B 67 25.12 -26.65 5.20
CA LEU B 67 26.23 -27.13 4.37
C LEU B 67 25.78 -27.57 2.99
N MET B 68 24.48 -27.82 2.82
CA MET B 68 23.93 -28.21 1.53
C MET B 68 23.65 -27.00 0.64
N LYS B 69 23.58 -25.81 1.22
CA LYS B 69 23.25 -24.62 0.44
C LYS B 69 24.26 -24.24 -0.64
N PRO B 70 25.61 -24.30 -0.43
CA PRO B 70 26.55 -23.77 -1.42
C PRO B 70 26.28 -24.23 -2.85
N TYR B 71 26.26 -25.56 -3.06
CA TYR B 71 25.82 -26.13 -4.33
C TYR B 71 24.37 -26.54 -4.17
N LEU B 72 23.49 -25.95 -4.98
CA LEU B 72 22.07 -26.28 -4.95
C LEU B 72 21.45 -25.78 -6.24
N SER B 73 21.12 -26.70 -7.15
CA SER B 73 20.44 -26.30 -8.37
C SER B 73 19.08 -25.67 -8.05
N ARG B 74 18.39 -26.19 -7.04
CA ARG B 74 17.09 -25.68 -6.64
C ARG B 74 17.15 -25.11 -5.24
N LEU B 75 16.14 -24.30 -4.91
CA LEU B 75 16.15 -23.52 -3.67
C LEU B 75 16.20 -24.46 -2.46
N LEU B 76 16.78 -23.96 -1.38
CA LEU B 76 17.01 -24.76 -0.18
C LEU B 76 15.74 -25.46 0.27
N GLU B 77 14.65 -24.71 0.40
CA GLU B 77 13.39 -25.24 0.88
C GLU B 77 12.40 -25.52 -0.24
N GLU B 78 12.77 -25.21 -1.49
CA GLU B 78 11.92 -25.58 -2.62
C GLU B 78 11.79 -27.08 -2.74
N LEU B 79 12.84 -27.82 -2.42
CA LEU B 79 12.78 -29.27 -2.40
C LEU B 79 11.91 -29.74 -1.24
N GLY B 80 11.30 -30.91 -1.42
CA GLY B 80 10.34 -31.44 -0.48
C GLY B 80 10.83 -31.56 0.95
N GLN B 81 10.06 -30.99 1.89
CA GLN B 81 10.41 -31.07 3.30
C GLN B 81 10.42 -32.52 3.79
N VAL B 82 9.57 -33.36 3.20
CA VAL B 82 9.64 -34.81 3.47
C VAL B 82 11.03 -35.33 3.18
N GLU B 83 11.66 -34.84 2.11
CA GLU B 83 12.98 -35.28 1.70
C GLU B 83 14.09 -34.47 2.32
N LYS B 84 13.78 -33.28 2.84
CA LYS B 84 14.77 -32.47 3.53
C LYS B 84 15.02 -33.01 4.94
N ALA B 85 13.96 -33.47 5.59
CA ALA B 85 14.10 -34.08 6.91
C ALA B 85 15.15 -35.19 6.91
N VAL B 86 15.08 -36.08 5.92
CA VAL B 86 16.00 -37.22 5.89
C VAL B 86 17.44 -36.74 5.68
N LEU B 87 17.62 -35.60 5.02
CA LEU B 87 18.97 -35.06 4.89
C LEU B 87 19.46 -34.50 6.21
N ARG B 88 18.58 -33.85 6.98
CA ARG B 88 18.97 -33.40 8.32
C ARG B 88 19.38 -34.59 9.19
N ILE B 89 18.69 -35.73 9.04
CA ILE B 89 19.07 -36.93 9.78
C ILE B 89 20.43 -37.43 9.31
N ALA B 90 20.57 -37.60 8.00
CA ALA B 90 21.79 -38.18 7.44
C ALA B 90 23.02 -37.39 7.87
N LEU B 91 22.98 -36.07 7.71
CA LEU B 91 24.15 -35.29 8.10
C LEU B 91 24.26 -35.14 9.61
N TYR B 92 23.16 -35.26 10.36
CA TYR B 92 23.28 -35.44 11.80
C TYR B 92 24.24 -36.57 12.11
N GLU B 93 24.03 -37.73 11.48
CA GLU B 93 24.96 -38.83 11.69
C GLU B 93 26.30 -38.60 11.01
N LEU B 94 26.37 -37.69 10.03
CA LEU B 94 27.62 -37.50 9.30
C LEU B 94 28.63 -36.71 10.12
N SER B 95 28.22 -35.56 10.66
CA SER B 95 29.16 -34.70 11.37
C SER B 95 29.10 -34.86 12.90
N LYS B 96 27.89 -34.83 13.47
CA LYS B 96 27.77 -35.00 14.91
C LYS B 96 28.19 -36.40 15.35
N ARG B 97 27.86 -37.42 14.55
CA ARG B 97 28.12 -38.81 14.91
C ARG B 97 29.26 -39.42 14.12
N SER B 98 29.20 -39.37 12.79
CA SER B 98 30.22 -39.95 11.91
C SER B 98 30.45 -41.43 12.20
N ASP B 99 29.38 -42.14 12.56
CA ASP B 99 29.49 -43.54 12.94
C ASP B 99 29.83 -44.42 11.74
N VAL B 100 29.15 -44.20 10.62
CA VAL B 100 29.33 -44.99 9.40
C VAL B 100 30.14 -44.16 8.41
N PRO B 101 31.11 -44.75 7.70
CA PRO B 101 31.94 -43.96 6.79
C PRO B 101 31.12 -43.29 5.70
N TYR B 102 31.79 -42.40 4.96
CA TYR B 102 31.09 -41.48 4.07
C TYR B 102 30.37 -42.22 2.94
N LYS B 103 31.08 -43.12 2.26
CA LYS B 103 30.47 -43.85 1.15
C LYS B 103 29.51 -44.94 1.64
N VAL B 104 29.82 -45.56 2.78
CA VAL B 104 28.97 -46.61 3.34
C VAL B 104 27.66 -46.01 3.85
N ALA B 105 27.75 -44.93 4.65
CA ALA B 105 26.53 -44.28 5.10
C ALA B 105 25.76 -43.62 3.96
N ILE B 106 26.47 -43.14 2.93
CA ILE B 106 25.81 -42.36 1.89
C ILE B 106 25.12 -43.26 0.86
N ASN B 107 25.68 -44.43 0.55
CA ASN B 107 24.98 -45.36 -0.33
C ASN B 107 23.68 -45.81 0.29
N GLU B 108 23.75 -46.27 1.55
CA GLU B 108 22.55 -46.54 2.33
C GLU B 108 21.61 -45.35 2.31
N ALA B 109 22.15 -44.12 2.40
CA ALA B 109 21.32 -42.93 2.40
C ALA B 109 20.50 -42.81 1.12
N ILE B 110 21.13 -43.03 -0.04
CA ILE B 110 20.38 -43.01 -1.29
C ILE B 110 19.33 -44.11 -1.30
N GLU B 111 19.61 -45.26 -0.66
CA GLU B 111 18.54 -46.25 -0.51
C GLU B 111 17.42 -45.73 0.38
N LEU B 112 17.78 -44.94 1.40
CA LEU B 112 16.78 -44.39 2.31
C LEU B 112 15.83 -43.50 1.53
N ALA B 113 16.36 -42.68 0.65
CA ALA B 113 15.40 -41.89 -0.11
C ALA B 113 14.85 -42.66 -1.31
N LYS B 114 15.32 -43.89 -1.58
CA LYS B 114 14.53 -44.84 -2.36
C LYS B 114 13.23 -45.13 -1.62
N SER B 115 13.29 -45.27 -0.30
CA SER B 115 12.14 -45.76 0.46
C SER B 115 10.97 -44.78 0.41
N PHE B 116 11.22 -43.48 0.63
CA PHE B 116 10.13 -42.51 0.70
C PHE B 116 10.13 -41.45 -0.38
N GLY B 117 11.17 -41.35 -1.22
CA GLY B 117 11.23 -40.28 -2.19
C GLY B 117 10.61 -40.62 -3.53
N ALA B 118 9.66 -39.80 -3.98
CA ALA B 118 8.99 -40.08 -5.24
C ALA B 118 9.78 -39.57 -6.43
N GLU B 119 9.64 -40.28 -7.54
CA GLU B 119 10.38 -40.03 -8.78
C GLU B 119 11.87 -39.85 -8.51
N ASP B 120 12.50 -40.99 -8.23
CA ASP B 120 13.96 -41.10 -8.29
C ASP B 120 14.63 -39.96 -7.54
N SER B 121 13.91 -39.38 -6.56
CA SER B 121 14.42 -38.24 -5.82
C SER B 121 15.80 -38.53 -5.25
N HIS B 122 15.96 -39.71 -4.64
CA HIS B 122 17.27 -40.14 -4.17
C HIS B 122 18.29 -40.22 -5.29
N LYS B 123 17.88 -40.75 -6.44
CA LYS B 123 18.83 -41.09 -7.49
C LYS B 123 19.55 -39.85 -8.00
N PHE B 124 18.81 -38.78 -8.23
CA PHE B 124 19.45 -37.54 -8.64
C PHE B 124 20.24 -36.93 -7.50
N VAL B 125 19.67 -36.94 -6.29
CA VAL B 125 20.38 -36.45 -5.11
C VAL B 125 21.62 -37.32 -4.81
N ASN B 126 21.84 -38.41 -5.57
CA ASN B 126 23.11 -39.13 -5.49
C ASN B 126 24.27 -38.27 -5.97
N GLY B 127 23.99 -37.18 -6.67
CA GLY B 127 25.02 -36.23 -6.96
C GLY B 127 25.49 -35.51 -5.72
N VAL B 128 24.55 -35.19 -4.82
CA VAL B 128 24.82 -34.33 -3.68
C VAL B 128 25.88 -34.89 -2.74
N LEU B 129 26.29 -36.15 -2.91
CA LEU B 129 27.25 -36.73 -1.99
C LEU B 129 28.65 -36.16 -2.17
N ASP B 130 28.89 -35.48 -3.30
CA ASP B 130 30.12 -34.71 -3.44
C ASP B 130 30.21 -33.62 -2.38
N LYS B 131 29.07 -33.13 -1.90
CA LYS B 131 29.08 -32.08 -0.88
C LYS B 131 29.46 -32.65 0.48
N ALA B 132 29.21 -33.94 0.70
CA ALA B 132 29.53 -34.56 1.98
C ALA B 132 31.00 -34.92 2.09
N ALA B 133 31.61 -35.37 0.99
CA ALA B 133 33.01 -35.79 1.01
C ALA B 133 33.97 -34.78 1.63
N PRO B 134 33.88 -33.46 1.37
CA PRO B 134 34.91 -32.55 1.91
C PRO B 134 34.90 -32.42 3.42
N VAL B 135 33.82 -32.79 4.12
CA VAL B 135 33.82 -32.63 5.57
C VAL B 135 34.81 -33.58 6.22
N ILE B 136 34.93 -34.80 5.69
CA ILE B 136 35.95 -35.75 6.14
C ILE B 136 36.69 -36.31 4.90
N ARG B 137 37.96 -35.88 4.71
CA ARG B 137 38.86 -36.41 3.71
C ARG B 137 39.21 -37.89 3.90
N PRO B 138 39.16 -38.48 5.14
CA PRO B 138 39.20 -39.95 5.20
C PRO B 138 37.98 -40.57 4.52
N ASN B 139 38.04 -40.63 3.19
CA ASN B 139 36.94 -41.09 2.36
C ASN B 139 36.37 -42.47 2.72
N GLN C 7 -17.53 -36.11 23.53
CA GLN C 7 -18.45 -36.53 22.47
C GLN C 7 -17.71 -37.23 21.35
N ASN C 8 -17.52 -38.54 21.49
CA ASN C 8 -16.79 -39.36 20.51
C ASN C 8 -15.41 -38.76 20.24
N GLN C 9 -14.65 -38.58 21.32
CA GLN C 9 -13.40 -37.83 21.25
C GLN C 9 -12.32 -38.58 20.49
N ARG C 10 -12.35 -39.91 20.50
CA ARG C 10 -11.31 -40.72 19.87
C ARG C 10 -11.56 -40.78 18.37
N ILE C 11 -11.14 -39.71 17.68
CA ILE C 11 -11.24 -39.66 16.24
C ILE C 11 -10.15 -40.52 15.62
N ARG C 12 -10.48 -41.18 14.50
CA ARG C 12 -9.57 -42.09 13.83
C ARG C 12 -9.46 -41.67 12.37
N ILE C 13 -8.24 -41.35 11.93
CA ILE C 13 -8.02 -40.84 10.58
C ILE C 13 -6.84 -41.55 9.96
N ARG C 14 -7.03 -42.08 8.75
CA ARG C 14 -5.97 -42.57 7.89
C ARG C 14 -6.03 -41.79 6.58
N LEU C 15 -5.14 -42.14 5.64
CA LEU C 15 -4.97 -41.32 4.44
C LEU C 15 -4.23 -42.11 3.37
N LYS C 16 -4.79 -42.12 2.16
CA LYS C 16 -4.08 -42.62 0.99
C LYS C 16 -3.58 -41.44 0.16
N ALA C 17 -2.47 -41.66 -0.53
CA ALA C 17 -1.70 -40.53 -1.06
C ALA C 17 -1.08 -40.93 -2.39
N PHE C 18 -1.79 -40.63 -3.49
CA PHE C 18 -1.28 -40.98 -4.80
C PHE C 18 -0.24 -40.00 -5.32
N ASP C 19 -0.20 -38.78 -4.80
CA ASP C 19 0.74 -37.75 -5.26
C ASP C 19 1.22 -36.94 -4.06
N HIS C 20 2.45 -37.24 -3.61
CA HIS C 20 2.99 -36.68 -2.37
C HIS C 20 2.83 -35.16 -2.29
N ARG C 21 3.03 -34.47 -3.41
CA ARG C 21 3.00 -33.01 -3.42
C ARG C 21 1.72 -32.48 -2.80
N LEU C 22 0.57 -33.02 -3.20
CA LEU C 22 -0.70 -32.63 -2.62
C LEU C 22 -0.84 -33.13 -1.18
N ILE C 23 -0.10 -34.17 -0.82
CA ILE C 23 -0.29 -34.80 0.47
C ILE C 23 0.37 -34.01 1.58
N ASP C 24 1.56 -33.47 1.32
CA ASP C 24 2.22 -32.66 2.33
C ASP C 24 1.39 -31.43 2.65
N GLN C 25 0.90 -30.75 1.63
CA GLN C 25 0.07 -29.56 1.83
C GLN C 25 -1.23 -29.94 2.53
N ALA C 26 -1.89 -31.00 2.06
CA ALA C 26 -3.15 -31.43 2.64
C ALA C 26 -2.98 -31.73 4.13
N THR C 27 -1.99 -32.55 4.47
CA THR C 27 -1.71 -32.87 5.87
C THR C 27 -1.45 -31.61 6.67
N ALA C 28 -0.64 -30.69 6.12
CA ALA C 28 -0.35 -29.44 6.80
C ALA C 28 -1.63 -28.66 7.09
N GLU C 29 -2.60 -28.71 6.18
CA GLU C 29 -3.87 -28.03 6.41
C GLU C 29 -4.69 -28.74 7.49
N ILE C 30 -4.70 -30.07 7.48
CA ILE C 30 -5.38 -30.83 8.53
C ILE C 30 -4.76 -30.54 9.88
N VAL C 31 -3.48 -30.17 9.92
CA VAL C 31 -2.86 -29.77 11.18
C VAL C 31 -3.25 -28.35 11.54
N GLU C 32 -3.30 -27.45 10.53
CA GLU C 32 -3.59 -26.05 10.80
C GLU C 32 -5.01 -25.84 11.30
N THR C 33 -5.97 -26.66 10.85
CA THR C 33 -7.34 -26.50 11.33
C THR C 33 -7.44 -26.87 12.81
N ALA C 34 -6.75 -27.93 13.23
CA ALA C 34 -6.73 -28.28 14.65
C ALA C 34 -5.97 -27.24 15.46
N LYS C 35 -4.86 -26.74 14.92
CA LYS C 35 -4.08 -25.72 15.62
C LYS C 35 -4.87 -24.44 15.83
N ARG C 36 -5.61 -24.00 14.81
CA ARG C 36 -6.31 -22.72 14.93
C ARG C 36 -7.49 -22.81 15.87
N THR C 37 -8.19 -23.95 15.89
CA THR C 37 -9.24 -24.15 16.88
C THR C 37 -8.66 -24.24 18.29
N GLY C 38 -7.42 -24.68 18.41
CA GLY C 38 -6.77 -24.87 19.68
C GLY C 38 -6.38 -26.30 19.96
N ALA C 39 -6.84 -27.24 19.14
CA ALA C 39 -6.50 -28.63 19.34
C ALA C 39 -5.06 -28.90 18.93
N GLN C 40 -4.42 -29.82 19.64
CA GLN C 40 -3.06 -30.24 19.36
C GLN C 40 -3.01 -31.74 19.19
N VAL C 41 -2.22 -32.22 18.22
CA VAL C 41 -2.15 -33.65 17.99
C VAL C 41 -0.90 -34.00 17.18
N ARG C 42 -0.67 -35.30 17.01
CA ARG C 42 0.56 -35.83 16.43
C ARG C 42 0.24 -36.51 15.10
N GLY C 43 0.91 -36.06 14.05
CA GLY C 43 0.81 -36.65 12.73
C GLY C 43 1.93 -36.02 11.93
N PRO C 44 2.20 -36.52 10.72
CA PRO C 44 1.46 -37.51 9.94
C PRO C 44 1.88 -38.97 10.11
N ILE C 45 3.05 -39.23 10.68
CA ILE C 45 3.57 -40.59 10.85
C ILE C 45 3.54 -41.31 9.51
N PRO C 46 4.40 -40.96 8.57
CA PRO C 46 4.32 -41.56 7.22
C PRO C 46 4.89 -42.97 7.20
N LEU C 47 4.13 -43.89 6.62
CA LEU C 47 4.61 -45.24 6.34
C LEU C 47 5.42 -45.24 5.05
N PRO C 48 6.26 -46.24 4.83
CA PRO C 48 7.01 -46.31 3.57
C PRO C 48 6.09 -46.36 2.36
N THR C 49 6.68 -46.05 1.21
CA THR C 49 5.94 -46.08 -0.04
C THR C 49 5.37 -47.46 -0.31
N ARG C 50 4.08 -47.52 -0.65
CA ARG C 50 3.42 -48.77 -0.99
C ARG C 50 3.31 -48.93 -2.50
N LYS C 51 3.58 -50.13 -2.99
CA LYS C 51 3.47 -50.45 -4.40
C LYS C 51 2.08 -51.02 -4.69
N GLU C 52 1.40 -50.41 -5.65
CA GLU C 52 0.07 -50.84 -6.07
C GLU C 52 0.17 -51.17 -7.56
N ARG C 53 0.25 -52.45 -7.90
CA ARG C 53 0.39 -52.83 -9.30
C ARG C 53 -0.76 -52.27 -10.12
N PHE C 54 -0.44 -51.84 -11.33
CA PHE C 54 -1.36 -51.15 -12.21
C PHE C 54 -1.46 -51.92 -13.51
N THR C 55 -2.68 -52.09 -14.01
CA THR C 55 -2.88 -52.68 -15.32
C THR C 55 -3.43 -51.60 -16.24
N VAL C 56 -2.95 -51.57 -17.47
CA VAL C 56 -3.45 -50.63 -18.46
C VAL C 56 -3.87 -51.39 -19.70
N LEU C 57 -4.61 -50.67 -20.54
CA LEU C 57 -5.21 -51.22 -21.73
C LEU C 57 -5.14 -50.17 -22.84
N ILE C 58 -3.98 -50.07 -23.49
CA ILE C 58 -3.81 -49.16 -24.60
C ILE C 58 -4.17 -49.92 -25.87
N SER C 59 -4.33 -49.20 -26.98
CA SER C 59 -4.49 -49.79 -28.30
C SER C 59 -3.43 -50.86 -28.51
N PRO C 60 -3.69 -51.89 -29.32
CA PRO C 60 -2.76 -53.03 -29.36
C PRO C 60 -1.43 -52.62 -29.98
N HIS C 61 -0.36 -52.75 -29.18
CA HIS C 61 0.99 -52.50 -29.62
C HIS C 61 1.47 -53.60 -30.55
N VAL C 62 2.40 -53.26 -31.45
CA VAL C 62 2.98 -54.25 -32.33
C VAL C 62 3.69 -55.30 -31.49
N ASN C 63 3.49 -56.56 -31.84
CA ASN C 63 4.19 -57.66 -31.20
C ASN C 63 5.01 -58.45 -32.22
N ASP C 68 2.27 -47.49 -21.23
CA ASP C 68 1.63 -48.70 -20.74
C ASP C 68 1.96 -48.98 -19.28
N GLN C 69 2.02 -47.92 -18.45
CA GLN C 69 2.51 -47.99 -17.08
C GLN C 69 1.89 -49.14 -16.29
N TYR C 70 2.63 -49.67 -15.32
CA TYR C 70 2.19 -50.86 -14.59
C TYR C 70 2.31 -50.74 -13.07
N GLU C 71 2.90 -49.66 -12.54
CA GLU C 71 2.84 -49.31 -11.12
C GLU C 71 3.42 -47.92 -10.89
N ILE C 72 2.72 -47.12 -10.09
CA ILE C 72 3.18 -45.78 -9.74
C ILE C 72 3.22 -45.63 -8.22
N ARG C 73 4.15 -44.81 -7.76
CA ARG C 73 4.42 -44.68 -6.33
C ARG C 73 3.24 -44.09 -5.57
N THR C 74 3.02 -44.58 -4.35
CA THR C 74 1.97 -44.09 -3.47
C THR C 74 2.55 -43.77 -2.10
N HIS C 75 1.81 -42.98 -1.32
CA HIS C 75 2.20 -42.59 0.04
C HIS C 75 1.01 -42.79 0.97
N LEU C 76 1.28 -42.74 2.28
CA LEU C 76 0.26 -42.98 3.29
C LEU C 76 0.61 -42.22 4.57
N ARG C 77 -0.41 -41.65 5.23
CA ARG C 77 -0.23 -40.91 6.48
C ARG C 77 -1.36 -41.24 7.45
N LEU C 78 -1.18 -40.87 8.71
CA LEU C 78 -2.18 -41.13 9.75
C LEU C 78 -2.10 -40.07 10.84
N VAL C 79 -3.26 -39.53 11.24
CA VAL C 79 -3.35 -38.54 12.30
C VAL C 79 -4.56 -38.85 13.17
N ASP C 80 -4.52 -38.41 14.43
CA ASP C 80 -5.67 -38.46 15.32
C ASP C 80 -6.03 -37.03 15.74
N ILE C 81 -6.87 -36.91 16.78
CA ILE C 81 -7.23 -35.62 17.35
C ILE C 81 -7.40 -35.79 18.86
N VAL C 82 -6.77 -34.90 19.64
CA VAL C 82 -6.84 -35.01 21.10
C VAL C 82 -8.25 -34.69 21.59
N GLU C 83 -8.92 -33.74 20.94
CA GLU C 83 -10.20 -33.22 21.40
C GLU C 83 -10.77 -32.30 20.32
N PRO C 84 -11.88 -32.66 19.69
CA PRO C 84 -12.48 -31.78 18.69
C PRO C 84 -13.39 -30.73 19.31
N THR C 85 -13.02 -29.46 19.20
CA THR C 85 -13.94 -28.41 19.59
C THR C 85 -15.17 -28.44 18.68
N GLU C 86 -16.25 -27.83 19.15
CA GLU C 86 -17.46 -27.77 18.33
C GLU C 86 -17.19 -27.11 16.99
N LYS C 87 -16.24 -26.16 16.96
CA LYS C 87 -15.81 -25.56 15.71
C LYS C 87 -14.87 -26.47 14.92
N THR C 88 -14.26 -27.46 15.56
CA THR C 88 -13.30 -28.33 14.87
C THR C 88 -14.00 -29.34 13.99
N VAL C 89 -15.22 -29.76 14.33
CA VAL C 89 -15.94 -30.67 13.46
C VAL C 89 -16.51 -29.92 12.26
N ASP C 90 -17.00 -28.69 12.47
CA ASP C 90 -17.47 -27.88 11.35
C ASP C 90 -16.32 -27.40 10.48
N ALA C 91 -15.13 -27.28 11.06
CA ALA C 91 -13.95 -26.93 10.28
C ALA C 91 -13.41 -28.12 9.50
N LEU C 92 -13.34 -29.29 10.16
CA LEU C 92 -12.88 -30.50 9.48
C LEU C 92 -13.80 -30.87 8.35
N MET C 93 -15.12 -30.82 8.58
CA MET C 93 -16.04 -30.98 7.47
C MET C 93 -16.05 -29.77 6.56
N ARG C 94 -15.52 -28.63 7.03
CA ARG C 94 -15.62 -27.39 6.27
C ARG C 94 -14.56 -27.30 5.18
N LEU C 95 -13.35 -27.82 5.43
CA LEU C 95 -12.34 -27.77 4.39
C LEU C 95 -12.71 -28.71 3.26
N ASP C 96 -12.22 -28.38 2.06
CA ASP C 96 -12.45 -29.18 0.87
C ASP C 96 -11.20 -30.01 0.62
N LEU C 97 -11.32 -31.33 0.81
CA LEU C 97 -10.21 -32.23 0.58
C LEU C 97 -9.66 -32.06 -0.83
N ALA C 98 -8.34 -32.01 -0.95
CA ALA C 98 -7.71 -31.90 -2.27
C ALA C 98 -8.07 -33.12 -3.10
N ALA C 99 -8.54 -32.88 -4.33
CA ALA C 99 -8.99 -33.98 -5.17
C ALA C 99 -7.81 -34.86 -5.58
N GLY C 100 -8.13 -36.09 -5.98
CA GLY C 100 -7.10 -37.03 -6.37
C GLY C 100 -6.46 -37.76 -5.21
N VAL C 101 -6.89 -37.51 -3.98
CA VAL C 101 -6.36 -38.20 -2.81
C VAL C 101 -7.55 -38.66 -1.96
N ASP C 102 -7.52 -39.91 -1.53
CA ASP C 102 -8.59 -40.48 -0.74
C ASP C 102 -8.27 -40.32 0.74
N VAL C 103 -9.12 -39.60 1.46
CA VAL C 103 -8.83 -39.22 2.84
C VAL C 103 -9.87 -39.83 3.77
N GLN C 104 -10.37 -41.01 3.42
CA GLN C 104 -11.47 -41.63 4.16
C GLN C 104 -11.14 -41.78 5.63
N ILE C 105 -12.06 -41.35 6.49
CA ILE C 105 -11.86 -41.35 7.93
C ILE C 105 -12.00 -42.77 8.46
N SER C 106 -11.12 -43.15 9.39
CA SER C 106 -11.20 -44.47 10.03
C SER C 106 -12.23 -44.44 11.15
N LEU D 3 -14.65 -46.55 -36.80
CA LEU D 3 -14.89 -45.68 -37.94
C LEU D 3 -16.37 -45.32 -38.03
N GLY D 4 -16.92 -44.86 -36.92
CA GLY D 4 -18.33 -44.50 -36.87
C GLY D 4 -18.68 -43.28 -37.69
N SER D 5 -18.07 -42.14 -37.35
CA SER D 5 -18.35 -40.86 -38.02
C SER D 5 -19.84 -40.54 -37.99
N MET D 6 -20.45 -40.73 -36.81
CA MET D 6 -21.90 -40.64 -36.66
C MET D 6 -22.33 -39.21 -36.35
N ASP D 7 -22.20 -38.38 -37.38
CA ASP D 7 -22.75 -37.02 -37.38
C ASP D 7 -23.62 -36.88 -38.62
N ALA D 8 -24.94 -36.82 -38.42
CA ALA D 8 -25.85 -36.72 -39.56
C ALA D 8 -25.59 -35.47 -40.37
N GLN D 9 -25.33 -34.35 -39.69
CA GLN D 9 -25.08 -33.11 -40.41
C GLN D 9 -23.78 -33.16 -41.19
N THR D 10 -22.76 -33.85 -40.66
CA THR D 10 -21.52 -34.02 -41.40
C THR D 10 -21.74 -34.87 -42.65
N ARG D 11 -22.47 -35.98 -42.50
CA ARG D 11 -22.86 -36.78 -43.66
C ARG D 11 -23.58 -35.93 -44.69
N ARG D 12 -24.43 -35.00 -44.23
CA ARG D 12 -25.09 -34.10 -45.16
C ARG D 12 -24.08 -33.16 -45.83
N ARG D 13 -23.05 -32.74 -45.08
CA ARG D 13 -22.02 -31.89 -45.66
C ARG D 13 -21.32 -32.61 -46.82
N GLU D 14 -20.91 -33.85 -46.60
CA GLU D 14 -20.33 -34.63 -47.69
C GLU D 14 -21.34 -34.84 -48.81
N ARG D 15 -22.62 -34.97 -48.47
CA ARG D 15 -23.66 -35.17 -49.49
C ARG D 15 -23.90 -33.89 -50.28
N ARG D 16 -23.94 -32.74 -49.60
CA ARG D 16 -24.16 -31.45 -50.23
C ARG D 16 -22.86 -30.73 -50.55
N ALA D 17 -21.77 -31.47 -50.73
CA ALA D 17 -20.47 -30.86 -50.96
C ALA D 17 -20.45 -30.06 -52.26
N GLU D 18 -21.22 -30.49 -53.26
CA GLU D 18 -21.22 -29.78 -54.54
C GLU D 18 -21.87 -28.41 -54.42
N LYS D 19 -22.97 -28.31 -53.67
CA LYS D 19 -23.55 -26.99 -53.40
C LYS D 19 -22.56 -26.11 -52.66
N GLN D 20 -21.87 -26.66 -51.67
CA GLN D 20 -20.81 -25.93 -50.98
C GLN D 20 -19.78 -25.41 -51.97
N ALA D 21 -19.42 -26.24 -52.96
CA ALA D 21 -18.47 -25.80 -53.99
C ALA D 21 -19.07 -24.68 -54.83
N GLN D 22 -20.37 -24.76 -55.12
CA GLN D 22 -21.03 -23.68 -55.87
C GLN D 22 -20.95 -22.37 -55.11
N TRP D 23 -21.02 -22.42 -53.78
CA TRP D 23 -20.91 -21.20 -52.99
C TRP D 23 -19.46 -20.87 -52.60
N LYS D 24 -18.50 -21.74 -52.92
CA LYS D 24 -17.13 -21.56 -52.41
C LYS D 24 -16.49 -20.29 -52.94
N ALA D 25 -16.89 -19.83 -54.12
CA ALA D 25 -16.15 -18.78 -54.81
C ALA D 25 -16.51 -17.39 -54.30
N ALA D 26 -15.47 -16.61 -53.97
CA ALA D 26 -15.55 -15.15 -53.82
C ALA D 26 -16.37 -14.72 -52.60
N ASN D 27 -16.28 -15.46 -51.51
CA ASN D 27 -17.05 -15.14 -50.31
C ASN D 27 -16.27 -15.60 -49.09
N PRO D 28 -16.59 -15.07 -47.91
CA PRO D 28 -16.09 -15.68 -46.67
C PRO D 28 -16.68 -17.08 -46.49
N LEU D 29 -15.80 -18.02 -46.17
CA LEU D 29 -16.02 -19.46 -46.09
C LEU D 29 -16.62 -19.87 -44.76
N LEU D 30 -16.02 -19.41 -43.66
CA LEU D 30 -16.55 -19.61 -42.33
C LEU D 30 -16.12 -18.42 -41.49
N VAL D 31 -16.85 -18.16 -40.40
CA VAL D 31 -16.47 -17.11 -39.46
C VAL D 31 -16.73 -17.61 -38.05
N GLY D 32 -16.00 -17.06 -37.09
CA GLY D 32 -16.14 -17.45 -35.69
C GLY D 32 -15.81 -16.33 -34.73
N VAL D 33 -16.85 -15.75 -34.14
CA VAL D 33 -16.72 -14.69 -33.16
C VAL D 33 -17.16 -15.23 -31.81
N SER D 34 -16.48 -14.79 -30.76
CA SER D 34 -16.88 -15.20 -29.42
C SER D 34 -16.39 -14.18 -28.42
N ALA D 35 -16.92 -14.29 -27.22
CA ALA D 35 -16.61 -13.42 -26.08
C ALA D 35 -17.00 -11.96 -26.33
N LYS D 36 -16.77 -11.15 -25.31
CA LYS D 36 -17.05 -9.72 -25.27
C LYS D 36 -16.45 -9.19 -23.97
N PRO D 37 -16.12 -7.89 -23.91
CA PRO D 37 -15.54 -7.37 -22.67
C PRO D 37 -16.47 -7.63 -21.48
N VAL D 38 -17.72 -7.21 -21.64
CA VAL D 38 -18.78 -7.52 -20.67
C VAL D 38 -19.00 -9.02 -20.55
N ASN D 39 -18.69 -9.78 -21.61
CA ASN D 39 -18.81 -11.23 -21.56
C ASN D 39 -17.58 -11.88 -20.93
N ARG D 40 -16.42 -11.25 -20.99
CA ARG D 40 -15.24 -11.94 -20.49
C ARG D 40 -14.57 -11.32 -19.26
N PRO D 41 -15.29 -10.69 -18.33
CA PRO D 41 -14.66 -10.37 -17.05
C PRO D 41 -14.60 -11.63 -16.21
N ILE D 42 -13.45 -11.85 -15.59
CA ILE D 42 -13.24 -13.14 -14.95
C ILE D 42 -12.86 -12.95 -13.48
N LEU D 43 -12.13 -11.87 -13.17
CA LEU D 43 -11.79 -11.47 -11.81
C LEU D 43 -11.17 -12.64 -11.03
N SER D 44 -9.92 -12.92 -11.34
CA SER D 44 -9.20 -14.04 -10.74
C SER D 44 -7.81 -13.63 -10.26
N LEU D 45 -7.68 -12.41 -9.74
CA LEU D 45 -6.35 -11.89 -9.47
C LEU D 45 -5.73 -12.53 -8.23
N ASN D 46 -6.51 -12.69 -7.16
CA ASN D 46 -5.94 -13.02 -5.86
C ASN D 46 -7.00 -13.65 -4.96
N ARG D 47 -6.82 -14.94 -4.65
CA ARG D 47 -7.66 -15.63 -3.65
C ARG D 47 -6.88 -16.38 -2.57
N LYS D 48 -5.56 -16.52 -2.69
CA LYS D 48 -4.76 -17.15 -1.65
C LYS D 48 -4.88 -16.48 -0.28
N PRO D 49 -5.07 -15.15 -0.13
CA PRO D 49 -5.27 -14.62 1.22
C PRO D 49 -6.33 -15.37 1.99
N LYS D 50 -7.47 -15.59 1.36
CA LYS D 50 -8.43 -16.57 1.86
C LYS D 50 -7.86 -17.95 1.68
N SER D 51 -7.47 -18.59 2.77
CA SER D 51 -7.01 -19.96 2.72
C SER D 51 -8.15 -20.91 3.10
N ARG D 52 -8.05 -22.15 2.63
CA ARG D 52 -9.06 -23.14 2.97
C ARG D 52 -9.10 -23.38 4.48
N VAL D 53 -7.98 -23.19 5.18
CA VAL D 53 -8.03 -23.19 6.63
C VAL D 53 -8.77 -21.95 7.12
N GLU D 54 -8.39 -20.75 6.65
CA GLU D 54 -9.08 -19.55 7.10
C GLU D 54 -10.57 -19.63 6.80
N SER D 55 -10.92 -20.09 5.60
CA SER D 55 -12.33 -20.18 5.22
C SER D 55 -13.07 -21.20 6.09
N ALA D 56 -12.47 -22.38 6.29
CA ALA D 56 -13.09 -23.40 7.14
C ALA D 56 -13.16 -22.95 8.59
N LEU D 57 -12.20 -22.14 9.04
CA LEU D 57 -12.12 -21.62 10.41
C LEU D 57 -13.04 -20.42 10.59
N ASN D 58 -13.10 -19.55 9.58
CA ASN D 58 -14.02 -18.43 9.55
C ASN D 58 -15.06 -18.67 8.46
N PRO D 59 -16.05 -19.54 8.70
CA PRO D 59 -17.06 -19.79 7.67
C PRO D 59 -17.96 -18.57 7.49
N ILE D 60 -18.75 -18.61 6.43
CA ILE D 60 -19.69 -17.53 6.16
C ILE D 60 -20.77 -17.56 7.23
N ASP D 61 -20.74 -16.59 8.15
CA ASP D 61 -21.68 -16.51 9.26
C ASP D 61 -22.58 -15.28 9.08
N LEU D 62 -23.89 -15.51 9.07
CA LEU D 62 -24.88 -14.44 9.02
C LEU D 62 -25.86 -14.58 10.18
N THR D 63 -25.40 -15.14 11.30
CA THR D 63 -26.26 -15.35 12.46
C THR D 63 -26.74 -14.02 13.03
N VAL D 64 -25.83 -13.05 13.16
CA VAL D 64 -26.19 -11.77 13.77
C VAL D 64 -27.24 -11.05 12.94
N LEU D 65 -27.22 -11.24 11.62
CA LEU D 65 -28.21 -10.60 10.75
C LEU D 65 -29.61 -11.13 11.03
N ALA D 66 -29.76 -12.45 11.07
CA ALA D 66 -31.08 -13.03 11.32
C ALA D 66 -31.56 -12.69 12.72
N GLU D 67 -30.67 -12.77 13.71
CA GLU D 67 -31.03 -12.38 15.07
C GLU D 67 -31.56 -10.95 15.11
N TYR D 68 -30.76 -10.01 14.58
CA TYR D 68 -31.19 -8.61 14.51
C TYR D 68 -32.54 -8.48 13.81
N HIS D 69 -32.74 -9.24 12.73
CA HIS D 69 -33.99 -9.19 12.00
C HIS D 69 -35.17 -9.54 12.90
N LYS D 70 -35.05 -10.66 13.63
CA LYS D 70 -36.12 -11.05 14.55
C LYS D 70 -36.35 -9.96 15.60
N GLN D 71 -35.27 -9.34 16.11
CA GLN D 71 -35.43 -8.22 17.02
C GLN D 71 -36.32 -7.13 16.42
N ILE D 72 -35.97 -6.70 15.20
CA ILE D 72 -36.75 -5.65 14.52
C ILE D 72 -38.21 -6.05 14.45
N GLU D 73 -38.50 -7.22 13.90
CA GLU D 73 -39.89 -7.61 13.70
C GLU D 73 -40.66 -7.62 15.01
N SER D 74 -40.05 -8.12 16.08
CA SER D 74 -40.71 -8.08 17.38
C SER D 74 -41.03 -6.65 17.80
N ASN D 75 -40.04 -5.75 17.70
CA ASN D 75 -40.26 -4.36 18.14
C ASN D 75 -41.30 -3.66 17.28
N LEU D 76 -41.37 -3.99 15.99
CA LEU D 76 -42.41 -3.43 15.13
C LEU D 76 -43.78 -3.91 15.57
N GLN D 77 -43.91 -5.21 15.87
CA GLN D 77 -45.15 -5.67 16.48
C GLN D 77 -45.43 -4.95 17.78
N ARG D 78 -44.39 -4.43 18.44
CA ARG D 78 -44.60 -3.66 19.65
C ARG D 78 -45.11 -2.25 19.35
N ILE D 79 -44.71 -1.66 18.22
CA ILE D 79 -45.34 -0.38 17.87
C ILE D 79 -46.78 -0.61 17.42
N GLU D 80 -47.07 -1.77 16.83
CA GLU D 80 -48.47 -2.12 16.62
C GLU D 80 -49.18 -2.40 17.95
N ARG D 81 -48.42 -2.72 19.00
CA ARG D 81 -49.01 -2.76 20.34
C ARG D 81 -49.31 -1.34 20.84
N LYS D 82 -48.45 -0.38 20.49
CA LYS D 82 -48.80 1.02 20.72
C LYS D 82 -50.12 1.37 20.02
N ASN D 83 -50.31 0.86 18.81
CA ASN D 83 -51.61 1.01 18.17
C ASN D 83 -52.68 0.18 18.88
N GLN D 84 -52.29 -0.89 19.57
CA GLN D 84 -53.25 -1.77 20.22
C GLN D 84 -53.81 -1.14 21.48
N ARG D 85 -55.10 -1.40 21.73
CA ARG D 85 -55.79 -0.95 22.93
C ARG D 85 -56.29 -2.15 23.72
N THR D 86 -56.31 -2.00 25.04
CA THR D 86 -56.72 -3.09 25.92
C THR D 86 -58.24 -3.26 25.88
N TRP D 87 -58.70 -4.43 25.47
CA TRP D 87 -60.12 -4.74 25.44
C TRP D 87 -60.37 -6.21 25.78
N GLY F 1 -24.28 26.59 -36.92
CA GLY F 1 -24.07 26.73 -35.49
C GLY F 1 -22.63 26.99 -35.12
N ALA F 2 -21.99 27.93 -35.82
CA ALA F 2 -20.60 28.27 -35.59
C ALA F 2 -20.36 29.01 -34.28
N MET F 3 -21.42 29.35 -33.54
CA MET F 3 -21.27 30.05 -32.27
C MET F 3 -21.25 29.09 -31.09
N ASN F 4 -22.12 28.08 -31.10
CA ASN F 4 -21.92 26.96 -30.17
C ASN F 4 -20.64 26.21 -30.51
N LYS F 5 -20.34 26.07 -31.80
CA LYS F 5 -19.03 25.61 -32.24
C LYS F 5 -17.94 26.61 -31.89
N GLU F 6 -18.31 27.86 -31.59
CA GLU F 6 -17.34 28.81 -31.04
C GLU F 6 -17.10 28.57 -29.56
N ILE F 7 -18.11 28.07 -28.84
CA ILE F 7 -17.87 27.56 -27.49
C ILE F 7 -16.96 26.34 -27.57
N LEU F 8 -17.20 25.47 -28.55
CA LEU F 8 -16.25 24.40 -28.83
C LEU F 8 -14.87 24.95 -29.16
N ALA F 9 -14.82 26.13 -29.80
CA ALA F 9 -13.53 26.76 -30.07
C ALA F 9 -12.89 27.28 -28.78
N VAL F 10 -13.72 27.64 -27.80
CA VAL F 10 -13.19 27.96 -26.48
C VAL F 10 -12.57 26.72 -25.85
N VAL F 11 -13.24 25.57 -26.00
CA VAL F 11 -12.69 24.31 -25.51
C VAL F 11 -11.35 24.03 -26.17
N GLU F 12 -11.34 24.01 -27.51
CA GLU F 12 -10.09 23.82 -28.25
C GLU F 12 -9.00 24.79 -27.79
N ALA F 13 -9.39 26.05 -27.54
CA ALA F 13 -8.42 27.03 -27.07
C ALA F 13 -7.87 26.66 -25.70
N VAL F 14 -8.67 26.00 -24.87
CA VAL F 14 -8.29 25.71 -23.50
C VAL F 14 -8.02 24.23 -23.26
N SER F 15 -8.18 23.39 -24.27
CA SER F 15 -7.97 21.95 -24.12
C SER F 15 -6.50 21.63 -24.34
N ASN F 16 -5.71 21.81 -23.28
CA ASN F 16 -4.30 21.45 -23.27
C ASN F 16 -4.15 20.22 -22.37
N GLU F 17 -3.79 19.08 -22.98
CA GLU F 17 -3.73 17.83 -22.24
C GLU F 17 -2.71 17.89 -21.10
N LYS F 18 -1.58 18.57 -21.34
CA LYS F 18 -0.52 18.61 -20.32
C LYS F 18 -1.03 19.16 -19.00
N ALA F 19 -1.95 20.13 -19.06
CA ALA F 19 -2.48 20.78 -17.86
C ALA F 19 -3.90 20.34 -17.55
N LEU F 20 -4.85 20.54 -18.46
CA LEU F 20 -6.25 20.21 -18.22
C LEU F 20 -6.75 19.24 -19.28
N PRO F 21 -7.04 17.98 -18.92
CA PRO F 21 -7.52 17.02 -19.92
C PRO F 21 -8.90 17.41 -20.44
N ARG F 22 -9.09 17.21 -21.75
CA ARG F 22 -10.38 17.55 -22.35
C ARG F 22 -11.50 16.69 -21.77
N GLU F 23 -11.18 15.47 -21.34
CA GLU F 23 -12.20 14.59 -20.77
C GLU F 23 -12.84 15.22 -19.53
N LYS F 24 -12.02 15.84 -18.67
CA LYS F 24 -12.56 16.55 -17.52
C LYS F 24 -13.45 17.70 -17.96
N ILE F 25 -13.04 18.43 -18.99
CA ILE F 25 -13.84 19.54 -19.50
C ILE F 25 -15.22 19.05 -19.92
N PHE F 26 -15.26 17.97 -20.69
CA PHE F 26 -16.55 17.44 -21.16
C PHE F 26 -17.38 16.91 -20.01
N GLU F 27 -16.73 16.31 -19.00
CA GLU F 27 -17.45 15.87 -17.81
C GLU F 27 -18.18 17.04 -17.15
N ALA F 28 -17.45 18.12 -16.86
CA ALA F 28 -18.06 19.29 -16.26
C ALA F 28 -19.17 19.86 -17.13
N LEU F 29 -18.94 19.92 -18.45
CA LEU F 29 -19.97 20.43 -19.35
C LEU F 29 -21.24 19.62 -19.28
N GLU F 30 -21.12 18.29 -19.40
CA GLU F 30 -22.29 17.43 -19.28
C GLU F 30 -23.03 17.69 -17.98
N SER F 31 -22.29 17.83 -16.89
CA SER F 31 -22.91 18.19 -15.62
C SER F 31 -23.74 19.46 -15.75
N ALA F 32 -23.19 20.47 -16.44
CA ALA F 32 -23.88 21.75 -16.58
C ALA F 32 -25.17 21.61 -17.39
N LEU F 33 -25.07 21.05 -18.60
CA LEU F 33 -26.25 20.85 -19.44
C LEU F 33 -27.34 20.11 -18.66
N ALA F 34 -26.92 19.06 -17.94
CA ALA F 34 -27.85 18.33 -17.08
C ALA F 34 -28.51 19.26 -16.07
N THR F 35 -27.76 20.22 -15.51
CA THR F 35 -28.36 21.14 -14.56
C THR F 35 -29.42 22.02 -15.22
N ALA F 36 -29.16 22.50 -16.44
CA ALA F 36 -30.10 23.42 -17.08
C ALA F 36 -31.39 22.71 -17.51
N THR F 37 -31.26 21.67 -18.33
CA THR F 37 -32.45 20.92 -18.72
C THR F 37 -33.17 20.37 -17.49
N LYS F 38 -32.39 20.01 -16.47
CA LYS F 38 -32.96 19.67 -15.17
C LYS F 38 -33.72 20.85 -14.58
N LYS F 39 -33.36 22.08 -14.96
CA LYS F 39 -34.01 23.23 -14.35
C LYS F 39 -35.37 23.52 -14.97
N LYS F 40 -35.48 23.43 -16.30
CA LYS F 40 -36.68 23.97 -16.91
C LYS F 40 -37.97 23.18 -16.58
N TYR F 41 -37.88 21.92 -16.13
CA TYR F 41 -39.08 21.08 -16.20
C TYR F 41 -40.04 21.32 -15.03
N GLU F 42 -39.57 21.88 -13.92
CA GLU F 42 -40.27 22.13 -12.64
C GLU F 42 -40.54 20.81 -11.86
N GLN F 43 -40.47 19.65 -12.50
CA GLN F 43 -40.51 18.41 -11.76
C GLN F 43 -39.09 17.92 -11.50
N GLU F 44 -38.91 17.23 -10.36
CA GLU F 44 -37.59 16.76 -9.99
C GLU F 44 -37.10 15.67 -10.94
N ILE F 45 -36.22 16.06 -11.86
CA ILE F 45 -35.70 15.18 -12.89
C ILE F 45 -34.25 14.88 -12.60
N ASP F 46 -33.80 13.69 -12.99
CA ASP F 46 -32.39 13.36 -13.09
C ASP F 46 -32.08 13.08 -14.55
N VAL F 47 -31.19 13.86 -15.13
CA VAL F 47 -30.84 13.75 -16.55
C VAL F 47 -29.33 13.77 -16.68
N ARG F 48 -28.80 12.97 -17.60
CA ARG F 48 -27.39 12.97 -17.92
C ARG F 48 -27.21 13.19 -19.42
N VAL F 49 -26.04 13.72 -19.77
CA VAL F 49 -25.69 14.03 -21.16
C VAL F 49 -24.38 13.33 -21.48
N GLN F 50 -24.29 12.78 -22.69
CA GLN F 50 -23.06 12.23 -23.23
C GLN F 50 -22.59 13.15 -24.34
N ILE F 51 -21.55 13.92 -24.07
CA ILE F 51 -20.95 14.78 -25.08
C ILE F 51 -19.91 13.95 -25.83
N ASP F 52 -20.19 13.66 -27.10
CA ASP F 52 -19.22 13.00 -27.94
C ASP F 52 -17.96 13.85 -28.05
N ARG F 53 -16.81 13.18 -28.18
CA ARG F 53 -15.54 13.88 -28.11
C ARG F 53 -15.36 14.88 -29.26
N LYS F 54 -15.97 14.61 -30.42
CA LYS F 54 -15.81 15.50 -31.55
C LYS F 54 -17.09 15.77 -32.32
N SER F 55 -18.25 15.38 -31.79
CA SER F 55 -19.51 15.65 -32.48
C SER F 55 -19.96 17.08 -32.24
N GLY F 56 -20.65 17.64 -33.24
CA GLY F 56 -21.21 18.97 -33.08
C GLY F 56 -22.37 19.01 -32.12
N ASP F 57 -23.05 17.89 -31.93
CA ASP F 57 -24.21 17.80 -31.05
C ASP F 57 -23.96 16.75 -29.97
N PHE F 58 -24.77 16.85 -28.92
CA PHE F 58 -24.69 15.97 -27.76
C PHE F 58 -26.06 15.36 -27.52
N ASP F 59 -26.11 14.03 -27.39
CA ASP F 59 -27.34 13.36 -27.02
C ASP F 59 -27.62 13.54 -25.54
N THR F 60 -28.88 13.78 -25.19
CA THR F 60 -29.28 13.95 -23.80
C THR F 60 -30.25 12.84 -23.43
N PHE F 61 -29.96 12.16 -22.31
CA PHE F 61 -30.72 11.00 -21.87
C PHE F 61 -31.37 11.31 -20.54
N ARG F 62 -32.70 11.19 -20.48
CA ARG F 62 -33.38 11.24 -19.19
C ARG F 62 -33.03 9.99 -18.38
N ARG F 63 -33.00 10.16 -17.05
CA ARG F 63 -32.53 9.11 -16.17
C ARG F 63 -33.54 8.87 -15.05
N TRP F 64 -33.68 7.61 -14.65
CA TRP F 64 -34.52 7.22 -13.53
C TRP F 64 -33.71 6.34 -12.59
N LEU F 65 -33.67 6.72 -11.31
CA LEU F 65 -33.02 5.93 -10.28
C LEU F 65 -33.87 4.72 -9.92
N VAL F 66 -33.22 3.70 -9.34
CA VAL F 66 -33.90 2.47 -8.94
C VAL F 66 -33.66 2.28 -7.44
N VAL F 67 -34.74 2.34 -6.67
CA VAL F 67 -34.74 2.06 -5.23
C VAL F 67 -35.95 1.18 -4.94
N ASP F 68 -35.86 0.41 -3.85
CA ASP F 68 -36.96 -0.47 -3.47
C ASP F 68 -38.26 0.32 -3.29
N GLU F 69 -38.22 1.34 -2.43
CA GLU F 69 -39.38 2.18 -2.17
C GLU F 69 -39.32 3.42 -3.04
N VAL F 70 -40.41 3.73 -3.72
CA VAL F 70 -40.46 4.84 -4.67
C VAL F 70 -40.97 6.05 -3.91
N THR F 71 -40.03 6.86 -3.41
CA THR F 71 -40.40 8.08 -2.69
C THR F 71 -40.88 9.16 -3.66
N GLN F 72 -40.17 9.35 -4.77
CA GLN F 72 -40.55 10.33 -5.79
C GLN F 72 -40.57 9.63 -7.14
N PRO F 73 -41.74 9.40 -7.74
CA PRO F 73 -41.81 8.64 -9.00
C PRO F 73 -41.32 9.40 -10.22
N THR F 74 -40.80 10.62 -10.06
CA THR F 74 -40.35 11.36 -11.23
C THR F 74 -38.94 10.97 -11.65
N LYS F 75 -38.08 10.63 -10.68
CA LYS F 75 -36.74 10.15 -11.00
C LYS F 75 -36.47 8.76 -10.43
N GLU F 76 -37.39 8.17 -9.68
CA GLU F 76 -37.22 6.84 -9.15
C GLU F 76 -38.09 5.85 -9.91
N ILE F 77 -37.51 4.70 -10.26
CA ILE F 77 -38.26 3.58 -10.80
C ILE F 77 -38.10 2.41 -9.83
N THR F 78 -39.16 1.64 -9.66
CA THR F 78 -39.11 0.52 -8.73
C THR F 78 -38.12 -0.53 -9.24
N LEU F 79 -37.58 -1.31 -8.30
CA LEU F 79 -36.59 -2.32 -8.66
C LEU F 79 -37.14 -3.30 -9.67
N GLU F 80 -38.39 -3.73 -9.46
CA GLU F 80 -38.95 -4.83 -10.25
C GLU F 80 -39.16 -4.42 -11.70
N ALA F 81 -39.80 -3.28 -11.93
CA ALA F 81 -40.04 -2.84 -13.30
C ALA F 81 -38.73 -2.50 -14.00
N ALA F 82 -37.78 -1.91 -13.27
CA ALA F 82 -36.47 -1.65 -13.84
C ALA F 82 -35.81 -2.94 -14.31
N ARG F 83 -35.89 -3.99 -13.48
CA ARG F 83 -35.37 -5.28 -13.90
C ARG F 83 -36.16 -5.85 -15.07
N TYR F 84 -37.44 -5.49 -15.20
CA TYR F 84 -38.19 -5.93 -16.37
C TYR F 84 -37.65 -5.29 -17.64
N GLU F 85 -37.39 -3.98 -17.61
CA GLU F 85 -36.87 -3.30 -18.79
C GLU F 85 -35.50 -3.85 -19.18
N ASP F 86 -34.70 -4.25 -18.19
CA ASP F 86 -33.41 -4.89 -18.44
C ASP F 86 -33.02 -5.61 -17.17
N GLU F 87 -32.64 -6.88 -17.29
CA GLU F 87 -32.39 -7.71 -16.11
C GLU F 87 -31.10 -7.34 -15.41
N SER F 88 -30.13 -6.80 -16.15
CA SER F 88 -28.79 -6.52 -15.63
C SER F 88 -28.74 -5.29 -14.70
N LEU F 89 -29.88 -4.81 -14.21
CA LEU F 89 -29.87 -3.66 -13.32
C LEU F 89 -29.85 -4.09 -11.86
N ASN F 90 -29.35 -3.20 -11.01
CA ASN F 90 -29.24 -3.44 -9.59
C ASN F 90 -29.64 -2.15 -8.87
N LEU F 91 -29.63 -2.20 -7.54
CA LEU F 91 -29.93 -1.01 -6.75
C LEU F 91 -28.94 0.11 -7.06
N GLY F 92 -29.46 1.33 -7.15
CA GLY F 92 -28.64 2.49 -7.46
C GLY F 92 -28.27 2.65 -8.90
N ASP F 93 -28.61 1.69 -9.76
CA ASP F 93 -28.30 1.80 -11.18
C ASP F 93 -29.21 2.85 -11.82
N TYR F 94 -28.96 3.10 -13.11
CA TYR F 94 -29.65 4.17 -13.84
C TYR F 94 -30.26 3.61 -15.11
N VAL F 95 -31.53 3.89 -15.34
CA VAL F 95 -32.18 3.50 -16.58
C VAL F 95 -31.72 4.44 -17.69
N GLU F 96 -31.58 3.89 -18.90
CA GLU F 96 -31.16 4.68 -20.05
C GLU F 96 -32.20 4.58 -21.14
N ASP F 97 -33.47 4.79 -20.78
CA ASP F 97 -34.58 4.38 -21.62
C ASP F 97 -34.87 5.41 -22.71
N GLN F 98 -34.96 6.70 -22.34
CA GLN F 98 -35.53 7.70 -23.23
C GLN F 98 -34.56 8.84 -23.51
N ILE F 99 -34.54 9.26 -24.78
CA ILE F 99 -33.62 10.26 -25.31
C ILE F 99 -34.48 11.36 -25.90
N GLU F 100 -34.43 12.56 -25.31
CA GLU F 100 -35.30 13.63 -25.78
C GLU F 100 -34.78 14.97 -25.32
N SER F 101 -35.17 16.01 -26.08
CA SER F 101 -35.01 17.42 -25.75
C SER F 101 -33.59 17.90 -25.95
N VAL F 102 -32.91 17.38 -26.97
CA VAL F 102 -31.61 17.94 -27.36
C VAL F 102 -31.82 19.39 -27.77
N THR F 103 -31.23 20.32 -27.02
CA THR F 103 -31.55 21.73 -27.16
C THR F 103 -30.28 22.58 -27.24
N PHE F 104 -30.48 23.82 -27.70
CA PHE F 104 -29.45 24.85 -27.73
C PHE F 104 -30.09 26.16 -27.32
N ASP F 105 -29.35 27.00 -26.61
CA ASP F 105 -29.93 28.18 -25.99
C ASP F 105 -28.86 29.27 -25.85
N ARG F 106 -29.30 30.52 -25.85
CA ARG F 106 -28.36 31.63 -25.79
C ARG F 106 -27.80 31.82 -24.38
N ILE F 107 -28.65 31.72 -23.37
CA ILE F 107 -28.17 31.83 -21.99
C ILE F 107 -27.25 30.66 -21.66
N THR F 108 -27.50 29.50 -22.28
CA THR F 108 -26.64 28.36 -22.04
C THR F 108 -25.32 28.50 -22.78
N THR F 109 -25.36 28.98 -24.03
CA THR F 109 -24.10 29.14 -24.77
C THR F 109 -23.25 30.25 -24.18
N GLN F 110 -23.87 31.20 -23.49
CA GLN F 110 -23.09 32.21 -22.78
C GLN F 110 -22.69 31.77 -21.38
N THR F 111 -23.37 30.75 -20.82
CA THR F 111 -23.00 30.24 -19.50
C THR F 111 -21.90 29.19 -19.58
N ALA F 112 -21.84 28.45 -20.70
CA ALA F 112 -20.89 27.35 -20.83
C ALA F 112 -19.45 27.84 -20.69
N LYS F 113 -19.10 28.91 -21.41
CA LYS F 113 -17.76 29.45 -21.30
C LYS F 113 -17.48 29.91 -19.87
N GLN F 114 -18.51 30.31 -19.13
CA GLN F 114 -18.33 30.66 -17.73
C GLN F 114 -17.95 29.43 -16.90
N VAL F 115 -18.67 28.32 -17.07
CA VAL F 115 -18.29 27.11 -16.34
C VAL F 115 -16.89 26.66 -16.76
N ILE F 116 -16.51 26.90 -18.01
CA ILE F 116 -15.17 26.55 -18.45
C ILE F 116 -14.13 27.37 -17.70
N VAL F 117 -14.36 28.69 -17.59
CA VAL F 117 -13.46 29.55 -16.83
C VAL F 117 -13.32 29.04 -15.41
N GLN F 118 -14.44 28.61 -14.80
CA GLN F 118 -14.38 28.03 -13.46
C GLN F 118 -13.44 26.84 -13.43
N LYS F 119 -13.64 25.86 -14.33
CA LYS F 119 -12.85 24.64 -14.27
C LYS F 119 -11.38 24.87 -14.57
N VAL F 120 -11.07 25.82 -15.45
CA VAL F 120 -9.67 26.11 -15.77
C VAL F 120 -9.00 26.81 -14.59
N ARG F 121 -9.71 27.74 -13.95
CA ARG F 121 -9.24 28.26 -12.67
C ARG F 121 -8.89 27.13 -11.71
N GLU F 122 -9.82 26.17 -11.58
CA GLU F 122 -9.56 25.01 -10.73
C GLU F 122 -8.35 24.22 -11.19
N ALA F 123 -8.05 24.27 -12.50
CA ALA F 123 -6.87 23.56 -12.98
C ALA F 123 -5.59 24.26 -12.53
N GLU F 124 -5.53 25.58 -12.65
CA GLU F 124 -4.38 26.34 -12.16
C GLU F 124 -4.15 26.07 -10.68
N ARG F 125 -5.19 26.31 -9.88
CA ARG F 125 -5.09 26.05 -8.45
C ARG F 125 -4.65 24.61 -8.19
N ALA F 126 -5.11 23.69 -9.03
CA ALA F 126 -4.73 22.29 -8.89
C ALA F 126 -3.24 22.10 -9.09
N MET F 127 -2.67 22.79 -10.08
CA MET F 127 -1.23 22.68 -10.30
C MET F 127 -0.46 23.22 -9.10
N VAL F 128 -0.89 24.38 -8.56
CA VAL F 128 -0.22 24.94 -7.40
C VAL F 128 -0.23 23.97 -6.23
N VAL F 129 -1.41 23.46 -5.88
CA VAL F 129 -1.50 22.52 -4.76
C VAL F 129 -0.77 21.21 -5.09
N ASP F 130 -0.56 20.91 -6.37
CA ASP F 130 0.20 19.73 -6.75
C ASP F 130 1.68 19.89 -6.37
N GLN F 131 2.30 20.96 -6.88
CA GLN F 131 3.69 21.21 -6.49
C GLN F 131 3.83 21.47 -4.99
N PHE F 132 2.74 21.88 -4.33
CA PHE F 132 2.73 21.86 -2.87
C PHE F 132 2.84 20.43 -2.35
N ARG F 133 2.00 19.52 -2.88
CA ARG F 133 2.04 18.14 -2.42
C ARG F 133 3.42 17.54 -2.58
N GLU F 134 4.17 17.98 -3.58
CA GLU F 134 5.55 17.53 -3.71
C GLU F 134 6.40 18.00 -2.53
N HIS F 135 6.21 19.24 -2.07
CA HIS F 135 7.06 19.85 -1.06
C HIS F 135 6.20 20.34 0.11
N GLU F 136 6.28 19.63 1.24
CA GLU F 136 5.50 20.02 2.40
C GLU F 136 6.38 19.92 3.64
N GLY F 137 6.38 20.98 4.44
CA GLY F 137 7.18 20.99 5.65
C GLY F 137 8.67 20.91 5.41
N GLU F 138 9.17 21.67 4.43
CA GLU F 138 10.56 21.58 3.99
C GLU F 138 11.16 22.97 3.93
N ILE F 139 12.45 23.07 4.28
CA ILE F 139 13.18 24.33 4.13
C ILE F 139 13.23 24.71 2.66
N ILE F 140 12.69 25.87 2.33
CA ILE F 140 12.75 26.41 0.98
C ILE F 140 13.41 27.77 1.03
N THR F 141 14.28 28.04 0.06
CA THR F 141 15.02 29.29 -0.02
C THR F 141 14.65 30.03 -1.28
N GLY F 142 14.43 31.34 -1.15
CA GLY F 142 14.05 32.15 -2.30
C GLY F 142 14.30 33.62 -2.04
N VAL F 143 14.62 34.34 -3.11
CA VAL F 143 14.82 35.78 -3.01
C VAL F 143 13.47 36.46 -2.79
N VAL F 144 13.50 37.59 -2.08
CA VAL F 144 12.29 38.37 -1.81
C VAL F 144 12.08 39.37 -2.93
N LYS F 145 10.91 39.31 -3.56
CA LYS F 145 10.55 40.16 -4.69
C LYS F 145 10.01 41.52 -4.25
N LYS F 146 8.99 41.53 -3.38
CA LYS F 146 8.46 42.77 -2.84
C LYS F 146 8.18 42.59 -1.36
N VAL F 147 7.91 43.71 -0.68
CA VAL F 147 7.56 43.66 0.73
C VAL F 147 6.33 44.52 0.97
N ASN F 148 5.16 43.94 0.74
CA ASN F 148 3.94 44.60 1.16
C ASN F 148 3.94 44.74 2.68
N ARG F 149 3.01 45.56 3.19
CA ARG F 149 3.03 45.89 4.61
C ARG F 149 2.91 44.64 5.48
N ASP F 150 2.01 43.72 5.13
CA ASP F 150 1.72 42.57 5.96
C ASP F 150 2.38 41.28 5.49
N ASN F 151 3.10 41.30 4.37
CA ASN F 151 3.73 40.08 3.89
C ASN F 151 4.88 40.42 2.96
N ILE F 152 5.75 39.45 2.74
CA ILE F 152 6.86 39.57 1.79
C ILE F 152 6.66 38.54 0.69
N SER F 153 6.67 39.01 -0.56
CA SER F 153 6.42 38.16 -1.71
C SER F 153 7.74 37.57 -2.22
N LEU F 154 8.32 36.69 -1.40
CA LEU F 154 9.59 36.08 -1.76
C LEU F 154 9.42 35.20 -2.99
N ASP F 155 10.35 35.34 -3.93
CA ASP F 155 10.35 34.59 -5.19
C ASP F 155 11.24 33.37 -5.01
N LEU F 156 10.63 32.19 -5.00
CA LEU F 156 11.40 30.96 -4.88
C LEU F 156 12.24 30.69 -6.13
N GLY F 157 11.74 31.07 -7.29
CA GLY F 157 12.39 30.78 -8.55
C GLY F 157 11.40 30.26 -9.58
N ASN F 158 11.92 30.06 -10.80
CA ASN F 158 11.09 29.65 -11.96
C ASN F 158 9.94 30.65 -12.05
N ASN F 159 8.68 30.19 -12.10
CA ASN F 159 7.55 31.08 -11.94
C ASN F 159 6.87 30.88 -10.60
N ALA F 160 7.54 30.19 -9.67
CA ALA F 160 6.99 30.03 -8.33
C ALA F 160 7.07 31.35 -7.56
N GLU F 161 6.13 31.52 -6.63
CA GLU F 161 6.05 32.71 -5.81
C GLU F 161 5.38 32.33 -4.50
N ALA F 162 6.02 32.69 -3.38
CA ALA F 162 5.52 32.35 -2.05
C ALA F 162 5.29 33.62 -1.24
N VAL F 163 4.89 33.44 0.01
CA VAL F 163 4.56 34.55 0.89
C VAL F 163 4.92 34.19 2.32
N ILE F 164 5.25 35.20 3.11
CA ILE F 164 5.52 35.04 4.54
C ILE F 164 4.79 36.17 5.27
N LEU F 165 3.91 35.79 6.20
CA LEU F 165 3.12 36.77 6.94
C LEU F 165 3.88 37.23 8.18
N ARG F 166 3.40 38.33 8.75
CA ARG F 166 4.04 38.86 9.96
C ARG F 166 3.98 37.85 11.10
N GLU F 167 2.85 37.13 11.20
CA GLU F 167 2.76 36.04 12.16
C GLU F 167 3.88 35.02 11.94
N ASP F 168 4.21 34.76 10.69
CA ASP F 168 5.23 33.77 10.34
C ASP F 168 6.65 34.30 10.53
N MET F 169 6.84 35.62 10.55
CA MET F 169 8.17 36.19 10.71
C MET F 169 8.54 36.22 12.18
N LEU F 170 9.85 36.18 12.44
CA LEU F 170 10.38 36.20 13.79
C LEU F 170 10.08 37.55 14.44
N PRO F 171 10.24 37.65 15.77
CA PRO F 171 10.05 38.96 16.43
C PRO F 171 10.84 40.08 15.77
N ARG F 172 12.06 39.80 15.32
CA ARG F 172 12.77 40.73 14.46
C ARG F 172 12.16 40.68 13.07
N GLU F 173 11.65 41.81 12.59
CA GLU F 173 10.89 41.89 11.35
C GLU F 173 11.58 42.88 10.40
N ASN F 174 12.64 42.44 9.74
CA ASN F 174 13.40 43.29 8.82
C ASN F 174 13.80 42.48 7.61
N PHE F 175 13.19 42.77 6.46
CA PHE F 175 13.56 42.18 5.19
C PHE F 175 13.34 43.22 4.09
N ARG F 176 14.28 43.29 3.16
CA ARG F 176 14.24 44.20 2.03
C ARG F 176 14.33 43.39 0.74
N PRO F 177 13.93 43.97 -0.40
CA PRO F 177 14.02 43.22 -1.66
C PRO F 177 15.44 42.81 -1.98
N GLY F 178 15.60 41.57 -2.44
CA GLY F 178 16.89 41.02 -2.79
C GLY F 178 17.46 40.03 -1.80
N ASP F 179 16.97 40.05 -0.56
CA ASP F 179 17.52 39.21 0.50
C ASP F 179 17.34 37.72 0.17
N ARG F 180 18.10 36.90 0.89
CA ARG F 180 17.98 35.46 0.82
C ARG F 180 17.39 34.97 2.13
N VAL F 181 16.39 34.09 2.06
CA VAL F 181 15.64 33.70 3.25
C VAL F 181 15.21 32.25 3.09
N ARG F 182 15.44 31.45 4.13
CA ARG F 182 15.00 30.06 4.19
C ARG F 182 13.71 29.95 5.00
N GLY F 183 12.86 29.00 4.62
CA GLY F 183 11.59 28.83 5.32
C GLY F 183 10.95 27.51 5.01
N VAL F 184 10.02 27.11 5.89
CA VAL F 184 9.37 25.82 5.83
C VAL F 184 7.96 26.01 5.29
N LEU F 185 7.71 25.44 4.11
CA LEU F 185 6.39 25.51 3.50
C LEU F 185 5.40 24.69 4.32
N TYR F 186 4.30 25.32 4.73
CA TYR F 186 3.38 24.71 5.69
C TYR F 186 1.91 24.73 5.28
N SER F 187 1.50 25.59 4.36
CA SER F 187 0.09 25.68 4.01
C SER F 187 -0.05 26.28 2.62
N VAL F 188 -1.19 26.00 1.99
CA VAL F 188 -1.55 26.58 0.71
C VAL F 188 -3.02 26.99 0.77
N ARG F 189 -3.33 28.15 0.22
CA ARG F 189 -4.67 28.70 0.27
C ARG F 189 -5.13 29.09 -1.13
N PRO F 190 -6.45 29.07 -1.37
CA PRO F 190 -6.95 29.33 -2.73
C PRO F 190 -6.76 30.77 -3.17
N GLU F 191 -7.32 31.73 -2.43
CA GLU F 191 -7.46 33.12 -2.87
C GLU F 191 -8.31 33.07 -4.14
N ALA F 192 -7.86 33.62 -5.26
CA ALA F 192 -8.65 33.59 -6.49
C ALA F 192 -7.75 33.77 -7.70
N ARG F 193 -8.20 33.22 -8.83
CA ARG F 193 -7.47 33.33 -10.10
C ARG F 193 -6.04 32.79 -9.95
N GLY F 194 -5.94 31.62 -9.34
CA GLY F 194 -4.67 31.05 -8.94
C GLY F 194 -4.61 30.88 -7.42
N ALA F 195 -3.48 30.36 -6.96
CA ALA F 195 -3.28 30.06 -5.55
C ALA F 195 -1.97 30.67 -5.07
N GLN F 196 -1.90 30.88 -3.75
CA GLN F 196 -0.77 31.54 -3.11
C GLN F 196 -0.15 30.59 -2.08
N LEU F 197 1.13 30.28 -2.25
CA LEU F 197 1.86 29.47 -1.29
C LEU F 197 2.09 30.26 0.00
N PHE F 198 2.44 29.53 1.06
CA PHE F 198 2.60 30.12 2.38
C PHE F 198 3.83 29.52 3.06
N VAL F 199 4.85 30.34 3.28
CA VAL F 199 6.07 29.92 3.95
C VAL F 199 6.11 30.56 5.32
N THR F 200 6.56 29.80 6.32
CA THR F 200 6.60 30.27 7.69
C THR F 200 7.96 30.00 8.31
N ARG F 201 8.41 30.94 9.15
CA ARG F 201 9.69 30.85 9.84
C ARG F 201 9.53 30.75 11.34
N SER F 202 8.32 30.96 11.87
CA SER F 202 8.09 31.01 13.31
C SER F 202 7.40 29.77 13.85
N LYS F 203 7.03 28.81 13.01
CA LYS F 203 6.40 27.60 13.49
C LYS F 203 7.46 26.59 13.90
N PRO F 204 7.13 25.66 14.80
CA PRO F 204 8.10 24.62 15.20
C PRO F 204 8.60 23.78 14.03
N GLU F 205 7.86 23.74 12.92
CA GLU F 205 8.30 23.02 11.73
C GLU F 205 9.65 23.53 11.23
N MET F 206 9.85 24.85 11.30
CA MET F 206 11.14 25.42 10.90
C MET F 206 12.27 24.93 11.79
N LEU F 207 12.04 24.96 13.11
CA LEU F 207 13.05 24.50 14.06
C LEU F 207 13.44 23.06 13.80
N ILE F 208 12.46 22.15 13.85
CA ILE F 208 12.74 20.74 13.63
C ILE F 208 13.40 20.53 12.29
N GLU F 209 12.99 21.30 11.27
CA GLU F 209 13.56 21.13 9.95
C GLU F 209 15.03 21.53 9.93
N LEU F 210 15.37 22.63 10.60
CA LEU F 210 16.77 23.02 10.73
C LEU F 210 17.58 21.90 11.37
N PHE F 211 17.03 21.22 12.37
CA PHE F 211 17.74 20.08 12.92
C PHE F 211 17.84 18.94 11.90
N ARG F 212 16.77 18.72 11.13
CA ARG F 212 16.73 17.61 10.18
C ARG F 212 17.82 17.75 9.12
N ILE F 213 17.91 18.94 8.51
CA ILE F 213 18.99 19.19 7.56
C ILE F 213 20.33 19.24 8.30
N GLU F 214 20.32 19.61 9.57
CA GLU F 214 21.55 19.80 10.33
C GLU F 214 22.06 18.49 10.92
N VAL F 215 21.27 17.86 11.78
CA VAL F 215 21.69 16.63 12.44
C VAL F 215 21.60 15.47 11.45
N PRO F 216 22.69 14.73 11.22
CA PRO F 216 22.63 13.65 10.23
C PRO F 216 21.84 12.44 10.73
N GLU F 217 21.75 12.24 12.04
CA GLU F 217 21.03 11.10 12.57
C GLU F 217 19.53 11.23 12.40
N ILE F 218 19.02 12.46 12.24
CA ILE F 218 17.60 12.65 11.98
C ILE F 218 17.24 12.06 10.63
N GLY F 219 17.94 12.50 9.58
CA GLY F 219 17.74 11.91 8.27
C GLY F 219 18.07 10.43 8.24
N GLU F 220 19.11 10.04 9.00
CA GLU F 220 19.44 8.63 9.16
C GLU F 220 18.39 7.88 9.94
N GLU F 221 17.44 8.58 10.56
CA GLU F 221 16.36 8.01 11.36
C GLU F 221 16.88 7.22 12.56
N VAL F 222 18.18 7.37 12.88
CA VAL F 222 18.73 6.71 14.06
C VAL F 222 18.09 7.25 15.33
N ILE F 223 17.73 8.53 15.33
CA ILE F 223 17.06 9.17 16.46
C ILE F 223 15.97 10.09 15.92
N GLU F 224 14.88 10.21 16.68
CA GLU F 224 13.75 11.03 16.30
C GLU F 224 13.37 11.98 17.43
N ILE F 225 12.91 13.18 17.04
CA ILE F 225 12.49 14.24 17.96
C ILE F 225 10.97 14.18 18.07
N LYS F 226 10.47 13.96 19.28
CA LYS F 226 9.04 13.74 19.42
C LYS F 226 8.24 15.04 19.37
N ALA F 227 8.59 16.00 20.23
CA ALA F 227 7.77 17.18 20.43
C ALA F 227 8.67 18.41 20.44
N ALA F 228 8.28 19.42 19.68
CA ALA F 228 8.98 20.70 19.62
C ALA F 228 7.99 21.82 19.90
N ALA F 229 8.16 22.49 21.03
CA ALA F 229 7.46 23.72 21.35
C ALA F 229 8.49 24.81 21.54
N ARG F 230 8.25 25.97 20.94
CA ARG F 230 9.23 27.04 20.98
C ARG F 230 8.53 28.38 20.98
N ASP F 231 9.17 29.35 21.64
CA ASP F 231 8.75 30.75 21.54
C ASP F 231 9.59 31.41 20.46
N PRO F 232 8.98 31.92 19.38
CA PRO F 232 9.76 32.46 18.26
C PRO F 232 10.76 33.53 18.71
N GLY F 233 12.01 33.39 18.29
CA GLY F 233 13.07 34.31 18.68
C GLY F 233 13.61 34.27 20.12
N SER F 234 12.72 34.15 21.11
CA SER F 234 13.14 34.27 22.50
C SER F 234 13.74 32.96 23.03
N ARG F 235 12.93 31.91 23.12
CA ARG F 235 13.37 30.69 23.75
C ARG F 235 12.72 29.48 23.08
N ALA F 236 13.43 28.36 23.08
CA ALA F 236 12.97 27.14 22.45
C ALA F 236 13.40 25.94 23.28
N LYS F 237 12.60 24.88 23.27
CA LYS F 237 12.92 23.64 23.96
C LYS F 237 12.41 22.47 23.14
N ILE F 238 13.24 21.45 22.96
CA ILE F 238 12.95 20.31 22.10
C ILE F 238 13.11 19.01 22.88
N ALA F 239 12.12 18.13 22.76
CA ALA F 239 12.17 16.79 23.33
C ALA F 239 12.51 15.78 22.24
N VAL F 240 13.46 14.90 22.53
CA VAL F 240 14.00 13.94 21.57
C VAL F 240 14.26 12.62 22.30
N LYS F 241 14.16 11.52 21.56
CA LYS F 241 14.62 10.23 22.04
C LYS F 241 15.46 9.55 20.97
N THR F 242 16.21 8.55 21.42
CA THR F 242 17.02 7.72 20.53
C THR F 242 16.23 6.47 20.16
N ASN F 243 16.17 6.16 18.88
CA ASN F 243 15.40 5.01 18.41
C ASN F 243 16.09 3.71 18.81
N ASP F 244 16.15 3.47 20.11
CA ASP F 244 16.73 2.26 20.72
C ASP F 244 18.01 1.81 20.01
N LYS F 245 19.02 2.68 20.05
CA LYS F 245 20.34 2.34 19.55
C LYS F 245 21.44 2.71 20.53
N ARG F 246 21.09 3.07 21.76
CA ARG F 246 22.02 3.42 22.82
C ARG F 246 23.03 4.47 22.36
N ILE F 247 22.49 5.58 21.87
CA ILE F 247 23.27 6.72 21.44
C ILE F 247 22.73 7.97 22.14
N ASP F 248 23.64 8.85 22.57
CA ASP F 248 23.28 10.10 23.23
C ASP F 248 22.52 11.00 22.26
N PRO F 249 21.22 11.21 22.46
CA PRO F 249 20.46 12.08 21.55
C PRO F 249 20.76 13.56 21.77
N VAL F 250 20.82 13.98 23.04
CA VAL F 250 21.25 15.34 23.37
C VAL F 250 22.60 15.63 22.70
N GLY F 251 23.58 14.79 22.95
CA GLY F 251 24.88 14.93 22.33
C GLY F 251 24.80 14.91 20.82
N ALA F 252 23.92 14.06 20.27
CA ALA F 252 23.81 13.91 18.82
C ALA F 252 23.34 15.21 18.18
N CYS F 253 22.39 15.88 18.81
CA CYS F 253 21.91 17.16 18.34
C CYS F 253 22.77 18.33 18.79
N VAL F 254 23.77 18.09 19.65
CA VAL F 254 24.65 19.16 20.11
C VAL F 254 25.89 19.32 19.20
N GLY F 255 26.43 18.23 18.68
CA GLY F 255 27.71 18.33 17.98
C GLY F 255 28.82 18.65 18.96
N MET F 256 29.89 19.22 18.42
CA MET F 256 31.09 19.51 19.21
C MET F 256 30.89 20.81 19.98
N ARG F 257 30.78 20.70 21.30
CA ARG F 257 30.63 21.86 22.19
C ARG F 257 29.47 22.76 21.79
N GLY F 258 28.36 22.17 21.34
CA GLY F 258 27.21 22.94 20.93
C GLY F 258 27.28 23.59 19.57
N ALA F 259 28.32 23.29 18.78
CA ALA F 259 28.45 23.87 17.44
C ALA F 259 27.26 23.56 16.54
N ARG F 260 26.45 22.54 16.85
CA ARG F 260 25.22 22.31 16.09
C ARG F 260 24.13 23.29 16.50
N VAL F 261 23.67 23.21 17.75
CA VAL F 261 22.59 24.09 18.19
C VAL F 261 23.00 25.54 18.12
N GLN F 262 24.30 25.84 18.11
CA GLN F 262 24.72 27.22 17.92
C GLN F 262 24.47 27.68 16.49
N ALA F 263 24.65 26.77 15.53
CA ALA F 263 24.30 27.09 14.15
C ALA F 263 22.79 27.17 13.98
N VAL F 264 22.06 26.23 14.61
CA VAL F 264 20.60 26.23 14.50
C VAL F 264 20.02 27.52 15.04
N SER F 265 20.37 27.85 16.29
CA SER F 265 19.94 29.10 16.89
C SER F 265 20.45 30.30 16.11
N THR F 266 21.66 30.20 15.56
CA THR F 266 22.21 31.28 14.73
C THR F 266 21.30 31.57 13.55
N GLU F 267 20.76 30.53 12.91
CA GLU F 267 19.79 30.75 11.84
C GLU F 267 18.53 31.43 12.38
N LEU F 268 17.94 30.86 13.43
CA LEU F 268 16.75 31.47 14.03
C LEU F 268 17.06 32.85 14.61
N GLY F 269 18.32 33.08 15.00
CA GLY F 269 18.72 34.40 15.47
C GLY F 269 18.62 34.56 16.97
N GLY F 270 19.47 33.85 17.71
CA GLY F 270 19.57 34.05 19.13
C GLY F 270 18.60 33.27 19.99
N GLU F 271 17.87 32.31 19.42
CA GLU F 271 16.98 31.49 20.23
C GLU F 271 17.80 30.60 21.15
N ARG F 272 17.29 30.39 22.37
CA ARG F 272 17.97 29.58 23.37
C ARG F 272 17.27 28.23 23.45
N ILE F 273 17.93 27.19 22.95
CA ILE F 273 17.35 25.86 22.83
C ILE F 273 17.86 24.99 23.96
N ASP F 274 16.94 24.28 24.61
CA ASP F 274 17.27 23.35 25.70
C ASP F 274 16.86 21.96 25.25
N ILE F 275 17.81 21.21 24.68
CA ILE F 275 17.55 19.82 24.31
C ILE F 275 17.32 18.99 25.56
N VAL F 276 16.29 18.14 25.53
CA VAL F 276 15.91 17.33 26.69
C VAL F 276 15.64 15.89 26.26
N LEU F 277 15.78 14.98 27.22
CA LEU F 277 15.43 13.58 27.06
C LEU F 277 14.07 13.33 27.69
N TRP F 278 13.23 12.57 27.00
CA TRP F 278 11.82 12.43 27.36
C TRP F 278 11.50 10.96 27.63
N ASP F 279 11.16 10.66 28.89
CA ASP F 279 10.83 9.30 29.29
C ASP F 279 9.44 8.92 28.81
N ASP F 280 9.22 7.62 28.61
CA ASP F 280 7.92 7.14 28.16
C ASP F 280 6.82 7.55 29.13
N ASN F 281 7.11 7.49 30.43
CA ASN F 281 6.19 8.04 31.42
C ASN F 281 6.23 9.57 31.36
N PRO F 282 5.08 10.23 31.41
CA PRO F 282 5.08 11.70 31.27
C PRO F 282 5.58 12.44 32.50
N ALA F 283 5.65 11.79 33.66
CA ALA F 283 6.08 12.50 34.88
C ALA F 283 7.55 12.87 34.81
N GLN F 284 8.43 11.87 34.69
CA GLN F 284 9.86 12.14 34.52
C GLN F 284 10.09 13.06 33.33
N PHE F 285 9.31 12.87 32.26
CA PHE F 285 9.37 13.78 31.12
C PHE F 285 9.10 15.22 31.55
N VAL F 286 8.17 15.42 32.48
CA VAL F 286 7.93 16.78 32.94
C VAL F 286 9.09 17.26 33.82
N ILE F 287 9.72 16.35 34.56
CA ILE F 287 10.91 16.73 35.34
C ILE F 287 11.98 17.29 34.41
N ASN F 288 12.35 16.53 33.39
CA ASN F 288 13.40 16.99 32.48
C ASN F 288 12.94 18.10 31.56
N ALA F 289 11.63 18.28 31.41
CA ALA F 289 11.10 19.37 30.58
C ALA F 289 11.13 20.70 31.30
N MET F 290 11.17 20.71 32.64
CA MET F 290 11.31 21.95 33.40
C MET F 290 12.76 22.44 33.45
N ALA F 291 13.59 22.00 32.53
CA ALA F 291 14.99 22.42 32.49
C ALA F 291 15.10 23.90 32.16
N PRO F 292 16.02 24.60 32.82
CA PRO F 292 16.89 24.03 33.86
C PRO F 292 16.34 24.27 35.28
N ALA F 293 16.06 23.19 36.00
CA ALA F 293 15.55 23.29 37.35
C ALA F 293 15.70 21.95 38.04
N ASP F 294 15.54 21.96 39.36
CA ASP F 294 15.54 20.75 40.18
C ASP F 294 14.15 20.58 40.77
N VAL F 295 13.61 19.37 40.67
CA VAL F 295 12.24 19.07 41.07
C VAL F 295 12.28 18.13 42.27
N ALA F 296 11.66 18.56 43.38
CA ALA F 296 11.60 17.71 44.56
C ALA F 296 10.63 16.55 44.35
N SER F 297 9.39 16.86 43.96
CA SER F 297 8.39 15.84 43.69
C SER F 297 7.41 16.39 42.66
N ILE F 298 6.52 15.51 42.19
CA ILE F 298 5.54 15.86 41.18
C ILE F 298 4.20 15.25 41.56
N VAL F 299 3.16 16.09 41.64
CA VAL F 299 1.80 15.63 41.87
C VAL F 299 1.08 15.61 40.54
N VAL F 300 0.26 14.59 40.30
CA VAL F 300 -0.38 14.38 39.00
C VAL F 300 -1.82 13.94 39.20
N ASP F 301 -2.67 14.34 38.26
CA ASP F 301 -4.08 13.94 38.22
C ASP F 301 -4.34 13.30 36.84
N GLU F 302 -4.66 12.01 36.83
CA GLU F 302 -4.85 11.31 35.58
C GLU F 302 -6.24 11.52 34.99
N ASP F 303 -7.25 11.74 35.82
CA ASP F 303 -8.61 11.92 35.31
C ASP F 303 -8.73 13.27 34.58
N LYS F 304 -8.39 14.36 35.24
CA LYS F 304 -8.24 15.66 34.61
C LYS F 304 -6.74 15.98 34.59
N HIS F 305 -6.16 16.08 33.40
CA HIS F 305 -4.70 16.09 33.32
C HIS F 305 -4.17 17.49 33.61
N THR F 306 -3.87 17.72 34.89
CA THR F 306 -3.07 18.83 35.36
C THR F 306 -1.99 18.28 36.26
N MET F 307 -0.96 19.09 36.54
CA MET F 307 0.16 18.64 37.35
C MET F 307 0.65 19.79 38.23
N ASP F 308 1.21 19.41 39.38
CA ASP F 308 1.73 20.35 40.36
C ASP F 308 3.20 20.03 40.62
N ILE F 309 4.04 21.07 40.61
CA ILE F 309 5.49 20.93 40.78
C ILE F 309 5.95 21.92 41.84
N ALA F 310 6.96 21.52 42.61
CA ALA F 310 7.62 22.42 43.54
C ALA F 310 9.12 22.38 43.36
N VAL F 311 9.79 23.24 44.11
CA VAL F 311 11.21 23.53 43.93
C VAL F 311 11.62 24.55 44.98
N GLU F 312 12.89 24.51 45.40
CA GLU F 312 13.45 25.57 46.23
C GLU F 312 13.24 26.93 45.55
N ALA F 313 13.09 27.96 46.37
CA ALA F 313 12.74 29.29 45.85
C ALA F 313 13.82 29.81 44.89
N GLY F 314 15.08 29.78 45.33
CA GLY F 314 16.17 30.22 44.47
C GLY F 314 16.23 29.49 43.15
N ASN F 315 15.88 28.20 43.15
CA ASN F 315 15.74 27.47 41.90
C ASN F 315 14.34 27.64 41.29
N LEU F 316 13.36 28.08 42.08
CA LEU F 316 12.04 28.36 41.54
C LEU F 316 12.08 29.51 40.56
N ALA F 317 12.74 30.61 40.94
CA ALA F 317 12.86 31.76 40.05
C ALA F 317 13.45 31.35 38.70
N GLN F 318 14.43 30.44 38.71
CA GLN F 318 14.95 29.91 37.46
C GLN F 318 13.94 28.99 36.78
N ALA F 319 13.10 28.32 37.56
CA ALA F 319 12.14 27.35 37.02
C ALA F 319 10.90 28.00 36.43
N ILE F 320 10.69 29.31 36.63
CA ILE F 320 9.47 29.95 36.15
C ILE F 320 9.76 30.75 34.88
N GLY F 321 10.72 31.67 34.96
CA GLY F 321 11.09 32.47 33.79
C GLY F 321 10.55 33.88 33.83
N ARG F 322 10.56 34.51 32.66
CA ARG F 322 10.13 35.89 32.51
C ARG F 322 8.66 36.06 32.87
N ASN F 323 7.77 35.62 31.99
CA ASN F 323 6.33 35.66 32.22
C ASN F 323 5.79 34.27 32.51
N GLY F 324 6.55 33.47 33.25
CA GLY F 324 6.31 32.05 33.26
C GLY F 324 6.77 31.36 31.99
N GLN F 325 7.48 32.09 31.12
CA GLN F 325 7.94 31.58 29.83
C GLN F 325 8.36 30.12 29.90
N ASN F 326 9.39 29.84 30.71
CA ASN F 326 9.89 28.49 30.93
C ASN F 326 8.74 27.51 31.11
N VAL F 327 7.99 27.64 32.21
CA VAL F 327 6.94 26.65 32.48
C VAL F 327 5.98 26.57 31.32
N ARG F 328 5.63 27.72 30.72
CA ARG F 328 4.76 27.71 29.55
C ARG F 328 5.31 26.74 28.50
N LEU F 329 6.52 27.01 28.03
CA LEU F 329 7.15 26.13 27.06
C LEU F 329 7.09 24.69 27.54
N ALA F 330 7.49 24.45 28.79
CA ALA F 330 7.51 23.10 29.31
C ALA F 330 6.12 22.47 29.19
N SER F 331 5.10 23.17 29.68
CA SER F 331 3.75 22.64 29.57
C SER F 331 3.36 22.48 28.11
N GLN F 332 3.72 23.46 27.26
CA GLN F 332 3.41 23.35 25.85
C GLN F 332 4.16 22.18 25.21
N LEU F 333 5.30 21.81 25.78
CA LEU F 333 5.99 20.62 25.30
C LEU F 333 5.36 19.35 25.88
N SER F 334 4.83 19.44 27.10
CA SER F 334 4.23 18.26 27.73
C SER F 334 2.81 18.01 27.26
N GLY F 335 2.11 19.08 26.87
CA GLY F 335 0.71 18.98 26.53
C GLY F 335 -0.21 18.97 27.73
N TRP F 336 0.31 19.22 28.93
CA TRP F 336 -0.48 19.17 30.15
C TRP F 336 -0.41 20.50 30.88
N GLU F 337 -1.49 20.80 31.61
CA GLU F 337 -1.53 21.99 32.44
C GLU F 337 -0.66 21.80 33.68
N LEU F 338 0.12 22.82 34.02
CA LEU F 338 1.11 22.73 35.08
C LEU F 338 0.93 23.84 36.10
N ASN F 339 1.22 23.51 37.36
CA ASN F 339 1.13 24.43 38.47
C ASN F 339 2.43 24.36 39.27
N VAL F 340 3.03 25.52 39.49
CA VAL F 340 4.34 25.61 40.15
C VAL F 340 4.18 26.38 41.46
N MET F 341 4.74 25.84 42.54
CA MET F 341 4.67 26.47 43.84
C MET F 341 5.97 26.17 44.59
N THR F 342 6.17 26.88 45.70
CA THR F 342 7.26 26.51 46.60
C THR F 342 6.89 25.24 47.35
N VAL F 343 7.89 24.62 47.99
CA VAL F 343 7.64 23.38 48.71
C VAL F 343 6.76 23.64 49.94
N ASP F 344 7.00 24.75 50.63
CA ASP F 344 6.14 25.12 51.75
C ASP F 344 4.72 25.37 51.25
N ASP F 345 4.58 25.96 50.07
CA ASP F 345 3.27 26.15 49.46
C ASP F 345 2.55 24.81 49.33
N LEU F 346 3.20 23.82 48.72
CA LEU F 346 2.55 22.53 48.52
C LEU F 346 2.15 21.92 49.85
N GLN F 347 3.02 21.99 50.86
CA GLN F 347 2.68 21.37 52.15
C GLN F 347 1.46 22.04 52.77
N ALA F 348 1.39 23.36 52.69
CA ALA F 348 0.16 24.06 53.04
C ALA F 348 -1.03 23.52 52.24
N LYS F 349 -0.85 23.22 50.95
CA LYS F 349 -1.93 22.66 50.16
C LYS F 349 -2.31 21.26 50.61
N HIS F 350 -1.37 20.50 51.20
CA HIS F 350 -1.73 19.23 51.79
C HIS F 350 -2.53 19.42 53.06
N GLN F 351 -2.29 20.53 53.77
CA GLN F 351 -3.10 20.77 54.96
C GLN F 351 -4.52 21.23 54.59
N ALA F 352 -4.66 22.02 53.51
CA ALA F 352 -5.99 22.50 53.13
C ALA F 352 -6.79 21.42 52.39
N GLU F 353 -6.16 20.71 51.45
CA GLU F 353 -6.79 19.54 50.84
C GLU F 353 -7.09 18.48 51.88
N ALA F 354 -6.15 18.28 52.81
CA ALA F 354 -6.34 17.31 53.87
C ALA F 354 -7.56 17.65 54.70
N HIS F 355 -7.54 18.78 55.41
CA HIS F 355 -8.67 19.17 56.25
C HIS F 355 -9.98 19.25 55.45
N ALA F 356 -9.91 19.71 54.20
CA ALA F 356 -11.12 19.81 53.38
C ALA F 356 -11.73 18.43 53.13
N ALA F 357 -10.94 17.51 52.58
CA ALA F 357 -11.41 16.15 52.38
C ALA F 357 -11.85 15.51 53.68
N ILE F 358 -11.16 15.84 54.78
CA ILE F 358 -11.47 15.27 56.10
C ILE F 358 -12.88 15.67 56.52
N ASP F 359 -13.14 16.98 56.57
CA ASP F 359 -14.44 17.46 57.02
C ASP F 359 -15.55 17.03 56.07
N THR F 360 -15.31 17.14 54.76
CA THR F 360 -16.33 16.74 53.79
C THR F 360 -16.68 15.27 53.92
N PHE F 361 -15.69 14.39 53.75
CA PHE F 361 -15.95 12.96 53.81
C PHE F 361 -16.53 12.55 55.15
N THR F 362 -16.05 13.16 56.25
CA THR F 362 -16.65 12.91 57.56
C THR F 362 -18.12 13.32 57.57
N LYS F 363 -18.47 14.39 56.85
CA LYS F 363 -19.87 14.75 56.72
C LYS F 363 -20.66 13.69 55.98
N TYR F 364 -20.05 13.07 54.96
CA TYR F 364 -20.81 12.21 54.05
C TYR F 364 -20.86 10.74 54.48
N LEU F 365 -19.91 10.26 55.28
CA LEU F 365 -19.81 8.83 55.57
C LEU F 365 -20.07 8.47 57.02
N ASP F 366 -20.28 9.46 57.90
CA ASP F 366 -20.52 9.30 59.32
C ASP F 366 -19.60 8.29 60.01
N ILE F 367 -18.30 8.60 60.10
CA ILE F 367 -17.37 7.87 60.95
C ILE F 367 -16.60 8.88 61.79
N ASP F 368 -15.68 8.35 62.60
CA ASP F 368 -14.92 9.18 63.53
C ASP F 368 -13.75 9.87 62.84
N GLU F 369 -13.22 10.89 63.49
CA GLU F 369 -12.16 11.74 62.96
C GLU F 369 -10.77 11.22 63.29
N ASP F 370 -10.59 10.70 64.52
CA ASP F 370 -9.32 10.11 64.91
C ASP F 370 -8.92 8.99 63.96
N PHE F 371 -9.89 8.19 63.53
CA PHE F 371 -9.63 7.23 62.46
C PHE F 371 -9.40 7.95 61.14
N ALA F 372 -10.10 9.07 60.93
CA ALA F 372 -10.09 9.75 59.64
C ALA F 372 -8.68 10.17 59.25
N THR F 373 -7.96 10.83 60.15
CA THR F 373 -6.61 11.28 59.80
C THR F 373 -5.70 10.12 59.43
N VAL F 374 -5.65 9.09 60.29
CA VAL F 374 -4.75 7.97 60.07
C VAL F 374 -5.08 7.24 58.77
N LEU F 375 -6.36 7.20 58.39
CA LEU F 375 -6.70 6.51 57.16
C LEU F 375 -6.41 7.38 55.92
N VAL F 376 -6.65 8.69 56.01
CA VAL F 376 -6.37 9.53 54.85
C VAL F 376 -4.87 9.72 54.64
N GLU F 377 -4.04 9.39 55.64
CA GLU F 377 -2.60 9.41 55.41
C GLU F 377 -2.24 8.52 54.22
N GLU F 378 -2.48 7.21 54.33
CA GLU F 378 -2.25 6.31 53.21
C GLU F 378 -3.30 6.49 52.12
N GLY F 379 -4.41 7.16 52.42
CA GLY F 379 -5.41 7.44 51.41
C GLY F 379 -4.86 8.08 50.16
N PHE F 380 -5.00 7.38 49.03
CA PHE F 380 -4.61 7.91 47.73
C PHE F 380 -5.78 8.66 47.11
N SER F 381 -5.50 9.78 46.46
CA SER F 381 -6.52 10.64 45.84
C SER F 381 -7.58 11.04 46.87
N THR F 382 -7.13 11.34 48.09
CA THR F 382 -8.00 11.74 49.20
C THR F 382 -9.05 10.66 49.40
N LEU F 383 -10.35 10.96 49.29
CA LEU F 383 -11.40 9.94 49.40
C LEU F 383 -12.67 10.39 48.69
N GLU F 384 -12.63 10.46 47.36
CA GLU F 384 -13.79 10.81 46.56
C GLU F 384 -13.83 9.89 45.35
N GLU F 385 -14.92 9.14 45.21
CA GLU F 385 -15.18 8.29 44.04
C GLU F 385 -14.06 7.26 43.81
N LEU F 386 -13.40 6.81 44.88
CA LEU F 386 -12.30 5.88 44.74
C LEU F 386 -12.66 4.44 45.07
N ALA F 387 -13.93 4.17 45.41
CA ALA F 387 -14.36 2.78 45.53
C ALA F 387 -14.19 2.02 44.22
N TYR F 388 -14.11 2.75 43.09
CA TYR F 388 -13.82 2.12 41.80
C TYR F 388 -12.41 1.55 41.79
N VAL F 389 -11.44 2.33 42.23
CA VAL F 389 -10.05 1.87 42.33
C VAL F 389 -10.02 0.74 43.36
N PRO F 390 -9.13 -0.24 43.22
CA PRO F 390 -9.12 -1.38 44.15
C PRO F 390 -8.92 -0.92 45.59
N MET F 391 -9.92 -1.20 46.42
CA MET F 391 -9.89 -0.88 47.84
C MET F 391 -9.48 -2.05 48.71
N LYS F 392 -9.08 -3.17 48.12
CA LYS F 392 -8.54 -4.28 48.90
C LYS F 392 -7.11 -3.98 49.34
N GLU F 393 -6.41 -3.10 48.61
CA GLU F 393 -5.10 -2.64 49.05
C GLU F 393 -5.19 -1.82 50.34
N LEU F 394 -6.39 -1.34 50.68
CA LEU F 394 -6.61 -0.68 51.96
C LEU F 394 -6.86 -1.68 53.08
N LEU F 395 -7.21 -2.93 52.74
CA LEU F 395 -7.18 -3.97 53.75
C LEU F 395 -5.74 -4.29 54.14
N GLU F 396 -4.79 -4.04 53.25
CA GLU F 396 -3.38 -4.11 53.65
C GLU F 396 -3.08 -3.11 54.76
N ILE F 397 -3.87 -2.05 54.86
CA ILE F 397 -3.80 -1.12 55.99
C ILE F 397 -4.52 -1.76 57.17
N GLU F 398 -4.31 -1.23 58.37
CA GLU F 398 -4.80 -1.86 59.60
C GLU F 398 -6.33 -1.72 59.71
N GLY F 399 -6.94 -2.66 60.43
CA GLY F 399 -8.35 -2.54 60.73
C GLY F 399 -9.25 -3.24 59.74
N LEU F 400 -10.54 -3.22 60.07
CA LEU F 400 -11.60 -3.76 59.22
C LEU F 400 -12.36 -2.60 58.58
N ASP F 401 -12.88 -2.85 57.38
CA ASP F 401 -13.63 -1.84 56.65
C ASP F 401 -14.83 -2.44 55.93
N GLU F 402 -15.46 -3.46 56.50
CA GLU F 402 -16.62 -4.10 55.89
C GLU F 402 -17.75 -3.14 55.49
N PRO F 403 -18.11 -2.10 56.27
CA PRO F 403 -19.18 -1.20 55.82
C PRO F 403 -18.83 -0.36 54.60
N THR F 404 -17.55 -0.30 54.20
CA THR F 404 -17.14 0.59 53.10
C THR F 404 -18.01 0.43 51.87
N VAL F 405 -18.50 -0.79 51.61
CA VAL F 405 -19.33 -1.05 50.43
C VAL F 405 -20.48 -0.05 50.34
N GLU F 406 -21.22 0.12 51.43
CA GLU F 406 -22.36 1.03 51.41
C GLU F 406 -21.90 2.45 51.07
N ALA F 407 -20.76 2.87 51.61
CA ALA F 407 -20.23 4.19 51.30
C ALA F 407 -20.09 4.38 49.80
N LEU F 408 -19.64 3.33 49.09
CA LEU F 408 -19.54 3.40 47.64
C LEU F 408 -20.87 3.81 47.02
N ARG F 409 -21.95 3.11 47.38
CA ARG F 409 -23.26 3.48 46.86
C ARG F 409 -23.64 4.88 47.30
N GLU F 410 -23.23 5.27 48.53
CA GLU F 410 -23.43 6.64 48.97
C GLU F 410 -22.89 7.63 47.95
N ARG F 411 -21.66 7.38 47.46
CA ARG F 411 -21.11 8.22 46.41
C ARG F 411 -22.10 8.37 45.27
N ALA F 412 -22.60 7.24 44.75
CA ALA F 412 -23.58 7.27 43.67
C ALA F 412 -24.73 8.19 44.01
N LYS F 413 -25.28 8.05 45.22
CA LYS F 413 -26.33 8.96 45.67
C LYS F 413 -25.86 10.40 45.56
N ASN F 414 -24.76 10.73 46.23
CA ASN F 414 -24.20 12.07 46.10
C ASN F 414 -23.95 12.40 44.63
N ALA F 415 -23.45 11.41 43.88
CA ALA F 415 -23.21 11.61 42.46
C ALA F 415 -24.47 12.12 41.75
N LEU F 416 -25.61 11.48 42.00
CA LEU F 416 -26.84 11.95 41.37
C LEU F 416 -27.15 13.36 41.87
N ALA F 417 -27.03 13.58 43.18
CA ALA F 417 -27.12 14.94 43.70
C ALA F 417 -26.12 15.84 42.99
N THR F 418 -24.87 15.36 42.87
CA THR F 418 -23.87 16.08 42.10
C THR F 418 -24.38 16.35 40.69
N ILE F 419 -24.89 15.32 40.01
CA ILE F 419 -25.39 15.54 38.66
C ILE F 419 -26.57 16.50 38.69
N ALA F 420 -27.37 16.45 39.76
CA ALA F 420 -28.49 17.37 39.88
C ALA F 420 -28.01 18.80 40.03
N GLN F 421 -26.85 19.00 40.69
CA GLN F 421 -26.26 20.33 40.74
C GLN F 421 -25.60 20.72 39.42
N ALA F 422 -25.22 19.74 38.59
CA ALA F 422 -24.63 20.05 37.30
C ALA F 422 -25.70 20.34 36.25
N GLN F 423 -26.92 19.87 36.44
CA GLN F 423 -28.01 20.13 35.51
C GLN F 423 -28.36 21.61 35.49
N ALA G 7 60.90 6.38 3.16
CA ALA G 7 60.28 7.57 2.58
C ALA G 7 58.96 7.21 1.91
N ARG G 8 58.49 5.98 2.15
CA ARG G 8 57.28 5.47 1.53
C ARG G 8 56.06 5.58 2.45
N ARG G 9 56.02 6.60 3.31
CA ARG G 9 54.94 6.77 4.26
C ARG G 9 53.97 7.88 3.88
N ARG G 10 54.49 9.06 3.53
CA ARG G 10 53.62 10.14 3.10
C ARG G 10 52.90 9.78 1.81
N ALA G 11 53.60 9.11 0.89
CA ALA G 11 52.95 8.62 -0.32
C ALA G 11 51.92 7.55 0.03
N ARG G 12 52.12 6.83 1.14
CA ARG G 12 51.09 5.92 1.62
C ARG G 12 49.84 6.67 2.06
N GLU G 13 50.04 7.79 2.78
CA GLU G 13 48.93 8.70 3.06
C GLU G 13 48.24 9.11 1.77
N CYS G 14 49.03 9.37 0.72
CA CYS G 14 48.43 9.71 -0.58
C CYS G 14 47.59 8.55 -1.12
N ALA G 15 48.03 7.31 -0.91
CA ALA G 15 47.22 6.16 -1.29
C ALA G 15 45.89 6.15 -0.54
N VAL G 16 45.92 6.51 0.75
CA VAL G 16 44.68 6.57 1.52
C VAL G 16 43.75 7.64 0.96
N GLN G 17 44.30 8.82 0.66
CA GLN G 17 43.50 9.89 0.06
C GLN G 17 42.84 9.43 -1.23
N ALA G 18 43.63 8.80 -2.11
CA ALA G 18 43.09 8.24 -3.34
C ALA G 18 41.99 7.24 -3.03
N LEU G 19 42.12 6.51 -1.93
CA LEU G 19 41.09 5.54 -1.54
C LEU G 19 39.78 6.24 -1.21
N TYR G 20 39.83 7.31 -0.41
CA TYR G 20 38.61 8.06 -0.13
C TYR G 20 37.99 8.60 -1.42
N SER G 21 38.83 9.21 -2.27
CA SER G 21 38.35 9.79 -3.53
C SER G 21 37.62 8.74 -4.38
N TRP G 22 38.27 7.60 -4.61
CA TRP G 22 37.63 6.54 -5.40
C TRP G 22 36.40 5.98 -4.70
N GLN G 23 36.41 5.94 -3.36
CA GLN G 23 35.31 5.32 -2.63
C GLN G 23 34.04 6.15 -2.71
N LEU G 24 34.16 7.48 -2.73
CA LEU G 24 32.97 8.31 -2.93
C LEU G 24 32.74 8.67 -4.39
N SER G 25 33.70 8.41 -5.28
CA SER G 25 33.58 8.86 -6.66
C SER G 25 32.65 7.97 -7.48
N GLN G 26 32.71 6.65 -7.26
CA GLN G 26 31.99 5.67 -8.07
C GLN G 26 32.37 5.77 -9.55
N ASN G 27 33.57 6.25 -9.82
CA ASN G 27 34.10 6.29 -11.17
C ASN G 27 34.83 4.98 -11.48
N ASP G 28 35.25 4.85 -12.74
CA ASP G 28 36.00 3.66 -13.14
C ASP G 28 37.32 3.61 -12.37
N ILE G 29 37.75 2.38 -12.06
CA ILE G 29 38.81 2.18 -11.07
C ILE G 29 40.10 2.85 -11.53
N ALA G 30 40.59 2.47 -12.72
CA ALA G 30 41.82 3.05 -13.23
C ALA G 30 41.61 4.48 -13.74
N ASP G 31 40.41 4.78 -14.22
CA ASP G 31 40.09 6.15 -14.59
C ASP G 31 40.43 7.11 -13.47
N VAL G 32 40.08 6.74 -12.23
CA VAL G 32 40.41 7.56 -11.07
C VAL G 32 41.90 7.86 -11.03
N GLU G 33 42.74 6.85 -11.27
CA GLU G 33 44.18 7.06 -11.17
C GLU G 33 44.71 7.87 -12.34
N TYR G 34 44.03 7.88 -13.49
CA TYR G 34 44.41 8.79 -14.56
C TYR G 34 44.10 10.24 -14.16
N GLN G 35 42.84 10.53 -13.82
CA GLN G 35 42.48 11.86 -13.34
C GLN G 35 43.27 12.26 -12.11
N PHE G 36 43.83 11.28 -11.39
CA PHE G 36 44.57 11.52 -10.16
C PHE G 36 45.89 12.25 -10.44
N LEU G 37 46.58 11.87 -11.52
CA LEU G 37 47.97 12.30 -11.72
C LEU G 37 48.08 13.82 -11.80
N ALA G 38 47.14 14.48 -12.48
CA ALA G 38 47.22 15.92 -12.63
C ALA G 38 47.08 16.64 -11.29
N GLU G 39 46.38 16.02 -10.33
CA GLU G 39 46.14 16.68 -9.06
C GLU G 39 47.39 16.72 -8.19
N GLN G 40 48.22 15.67 -8.24
CA GLN G 40 49.28 15.46 -7.27
C GLN G 40 50.65 15.69 -7.89
N ASP G 41 51.50 16.39 -7.15
CA ASP G 41 52.89 16.55 -7.55
C ASP G 41 53.64 15.23 -7.38
N VAL G 42 54.80 15.15 -8.03
CA VAL G 42 55.59 13.92 -8.02
C VAL G 42 56.76 14.08 -7.06
N LYS G 43 56.47 14.59 -5.86
CA LYS G 43 57.52 14.69 -4.84
C LYS G 43 58.04 13.31 -4.46
N ASP G 44 57.15 12.33 -4.35
CA ASP G 44 57.52 10.96 -4.03
C ASP G 44 57.34 10.08 -5.26
N VAL G 45 58.39 9.35 -5.61
CA VAL G 45 58.37 8.45 -6.76
C VAL G 45 57.91 7.07 -6.30
N ASP G 46 57.29 7.03 -5.12
CA ASP G 46 56.75 5.79 -4.58
C ASP G 46 55.51 5.32 -5.32
N VAL G 47 55.09 6.04 -6.35
CA VAL G 47 53.80 5.79 -7.00
C VAL G 47 53.68 4.34 -7.45
N LEU G 48 54.77 3.77 -7.97
CA LEU G 48 54.73 2.39 -8.46
C LEU G 48 54.24 1.44 -7.38
N TYR G 49 54.69 1.64 -6.15
CA TYR G 49 54.30 0.73 -5.06
C TYR G 49 52.81 0.75 -4.82
N PHE G 50 52.14 1.86 -5.15
CA PHE G 50 50.71 1.99 -4.85
C PHE G 50 49.80 1.63 -5.99
N ARG G 51 50.16 1.99 -7.23
CA ARG G 51 49.32 1.67 -8.39
C ARG G 51 48.92 0.21 -8.40
N GLU G 52 49.88 -0.68 -8.21
CA GLU G 52 49.56 -2.10 -8.05
C GLU G 52 48.82 -2.34 -6.75
N LEU G 53 49.36 -1.83 -5.64
CA LEU G 53 48.73 -1.98 -4.32
C LEU G 53 47.26 -1.57 -4.37
N LEU G 54 46.99 -0.30 -4.72
CA LEU G 54 45.62 0.18 -4.75
C LEU G 54 44.74 -0.67 -5.65
N ALA G 55 45.33 -1.32 -6.65
CA ALA G 55 44.55 -2.20 -7.52
C ALA G 55 44.02 -3.39 -6.73
N GLY G 56 44.90 -4.09 -6.03
CA GLY G 56 44.51 -5.30 -5.31
C GLY G 56 43.40 -5.04 -4.33
N VAL G 57 43.65 -4.18 -3.35
CA VAL G 57 42.64 -3.80 -2.36
C VAL G 57 41.37 -3.31 -3.05
N ALA G 58 41.48 -2.79 -4.28
CA ALA G 58 40.28 -2.44 -5.03
C ALA G 58 39.64 -3.68 -5.66
N THR G 59 40.42 -4.45 -6.42
CA THR G 59 39.82 -5.51 -7.22
C THR G 59 39.24 -6.64 -6.35
N ASN G 60 39.67 -6.74 -5.10
CA ASN G 60 39.13 -7.73 -4.17
C ASN G 60 38.37 -7.07 -3.02
N THR G 61 37.99 -5.79 -3.18
CA THR G 61 37.55 -4.96 -2.06
C THR G 61 36.55 -5.68 -1.17
N ALA G 62 35.45 -6.15 -1.75
CA ALA G 62 34.40 -6.80 -0.97
C ALA G 62 34.97 -7.90 -0.09
N TYR G 63 35.69 -8.85 -0.70
CA TYR G 63 36.20 -9.97 0.09
C TYR G 63 37.24 -9.51 1.11
N LEU G 64 37.96 -8.43 0.81
CA LEU G 64 38.84 -7.85 1.82
C LEU G 64 38.03 -7.43 3.04
N ASP G 65 36.92 -6.71 2.81
CA ASP G 65 35.98 -6.45 3.88
C ASP G 65 35.59 -7.74 4.58
N GLY G 66 35.35 -8.80 3.81
CA GLY G 66 35.15 -10.12 4.35
C GLY G 66 36.28 -10.52 5.28
N LEU G 67 37.52 -10.49 4.78
CA LEU G 67 38.67 -10.80 5.62
C LEU G 67 38.72 -9.95 6.87
N MET G 68 38.06 -8.80 6.86
CA MET G 68 38.05 -7.89 8.00
C MET G 68 36.73 -7.87 8.75
N LYS G 69 35.65 -8.41 8.17
CA LYS G 69 34.32 -8.31 8.78
C LYS G 69 34.08 -9.13 10.05
N PRO G 70 34.89 -10.16 10.40
CA PRO G 70 34.56 -10.94 11.60
C PRO G 70 34.34 -10.13 12.88
N TYR G 71 35.24 -9.21 13.23
CA TYR G 71 35.21 -8.68 14.59
C TYR G 71 35.16 -7.16 14.64
N LEU G 72 34.57 -6.51 13.64
CA LEU G 72 34.27 -5.09 13.77
C LEU G 72 33.10 -4.92 14.76
N SER G 73 33.33 -4.19 15.84
CA SER G 73 32.26 -4.02 16.84
C SER G 73 31.07 -3.29 16.25
N ARG G 74 31.31 -2.24 15.48
CA ARG G 74 30.24 -1.58 14.75
C ARG G 74 30.16 -2.14 13.33
N LEU G 75 28.99 -1.99 12.72
CA LEU G 75 28.78 -2.47 11.37
C LEU G 75 29.75 -1.79 10.41
N LEU G 76 30.14 -2.50 9.35
CA LEU G 76 30.98 -1.89 8.33
C LEU G 76 30.28 -0.72 7.66
N GLU G 77 28.95 -0.79 7.52
CA GLU G 77 28.20 0.35 7.06
C GLU G 77 28.16 1.45 8.11
N GLU G 78 28.16 1.07 9.39
CA GLU G 78 28.25 2.06 10.46
C GLU G 78 29.59 2.77 10.46
N LEU G 79 30.65 2.07 10.05
CA LEU G 79 31.99 2.66 10.03
C LEU G 79 32.09 3.74 8.96
N GLY G 80 32.68 4.87 9.32
CA GLY G 80 32.92 5.92 8.36
C GLY G 80 33.97 5.53 7.34
N GLN G 81 33.98 6.27 6.23
CA GLN G 81 34.88 5.92 5.13
C GLN G 81 36.34 6.20 5.44
N VAL G 82 36.63 7.01 6.45
CA VAL G 82 38.02 7.24 6.85
C VAL G 82 38.60 5.96 7.47
N GLU G 83 37.96 5.48 8.53
CA GLU G 83 38.44 4.27 9.20
C GLU G 83 38.30 3.06 8.30
N LYS G 84 37.19 2.96 7.56
CA LYS G 84 37.06 1.89 6.57
C LYS G 84 38.17 1.94 5.54
N ALA G 85 38.61 3.15 5.17
CA ALA G 85 39.68 3.30 4.20
C ALA G 85 41.00 2.77 4.76
N VAL G 86 41.49 3.38 5.84
CA VAL G 86 42.75 2.95 6.45
C VAL G 86 42.70 1.46 6.78
N LEU G 87 41.51 0.95 7.11
CA LEU G 87 41.39 -0.47 7.41
C LEU G 87 41.51 -1.32 6.16
N ARG G 88 40.90 -0.88 5.05
CA ARG G 88 41.04 -1.62 3.80
C ARG G 88 42.49 -1.73 3.37
N ILE G 89 43.21 -0.61 3.35
CA ILE G 89 44.61 -0.65 2.90
C ILE G 89 45.45 -1.45 3.90
N ALA G 90 45.34 -1.12 5.19
CA ALA G 90 46.16 -1.80 6.19
C ALA G 90 45.92 -3.30 6.18
N LEU G 91 44.68 -3.72 5.91
CA LEU G 91 44.39 -5.15 5.83
C LEU G 91 44.99 -5.76 4.57
N TYR G 92 44.96 -5.04 3.45
CA TYR G 92 45.58 -5.54 2.22
C TYR G 92 47.08 -5.76 2.40
N GLU G 93 47.75 -4.85 3.13
CA GLU G 93 49.18 -5.00 3.38
C GLU G 93 49.51 -6.32 4.06
N LEU G 94 48.57 -6.85 4.85
CA LEU G 94 48.79 -8.12 5.53
C LEU G 94 48.99 -9.26 4.55
N SER G 95 48.14 -9.32 3.52
CA SER G 95 48.13 -10.48 2.62
C SER G 95 49.05 -10.32 1.42
N LYS G 96 49.24 -9.10 0.90
CA LYS G 96 49.97 -8.96 -0.35
C LYS G 96 51.38 -8.40 -0.17
N ARG G 97 51.94 -8.45 1.04
CA ARG G 97 53.28 -7.92 1.29
C ARG G 97 53.97 -8.78 2.34
N SER G 98 55.05 -9.46 1.94
CA SER G 98 55.90 -10.19 2.86
C SER G 98 57.21 -9.47 3.15
N ASP G 99 57.61 -8.52 2.30
CA ASP G 99 58.81 -7.71 2.50
C ASP G 99 58.59 -6.55 3.45
N VAL G 100 57.50 -6.57 4.22
CA VAL G 100 57.15 -5.50 5.14
C VAL G 100 57.07 -6.11 6.54
N PRO G 101 57.69 -5.50 7.55
CA PRO G 101 57.58 -6.04 8.91
C PRO G 101 56.12 -6.08 9.36
N TYR G 102 55.75 -7.20 9.99
CA TYR G 102 54.36 -7.37 10.42
C TYR G 102 53.94 -6.27 11.40
N LYS G 103 54.82 -5.94 12.36
CA LYS G 103 54.48 -4.95 13.38
C LYS G 103 54.54 -3.53 12.82
N VAL G 104 55.60 -3.22 12.07
CA VAL G 104 55.84 -1.84 11.64
C VAL G 104 54.71 -1.34 10.74
N ALA G 105 54.25 -2.17 9.81
CA ALA G 105 53.18 -1.76 8.91
C ALA G 105 51.88 -1.53 9.66
N ILE G 106 51.60 -2.37 10.66
CA ILE G 106 50.32 -2.27 11.36
C ILE G 106 50.30 -1.06 12.29
N ASN G 107 51.36 -0.86 13.07
CA ASN G 107 51.38 0.27 14.00
C ASN G 107 51.59 1.59 13.27
N GLU G 108 52.60 1.65 12.41
CA GLU G 108 52.78 2.82 11.56
C GLU G 108 51.52 3.08 10.74
N ALA G 109 50.74 2.04 10.47
CA ALA G 109 49.44 2.23 9.84
C ALA G 109 48.40 2.76 10.83
N ILE G 110 48.55 2.46 12.12
CA ILE G 110 47.70 3.09 13.13
C ILE G 110 47.94 4.59 13.14
N GLU G 111 49.20 5.01 12.90
CA GLU G 111 49.46 6.44 12.79
C GLU G 111 48.67 7.10 11.68
N LEU G 112 48.38 6.36 10.60
CA LEU G 112 47.56 6.91 9.52
C LEU G 112 46.20 7.35 10.03
N ALA G 113 45.49 6.44 10.71
CA ALA G 113 44.20 6.80 11.28
C ALA G 113 44.30 7.76 12.44
N LYS G 114 45.47 7.85 13.09
CA LYS G 114 45.66 8.90 14.08
C LYS G 114 45.69 10.28 13.43
N SER G 115 46.35 10.38 12.27
CA SER G 115 46.47 11.66 11.58
C SER G 115 45.16 12.04 10.87
N PHE G 116 44.46 11.06 10.30
CA PHE G 116 43.29 11.33 9.47
C PHE G 116 41.98 10.94 10.15
N GLY G 117 42.03 10.36 11.34
CA GLY G 117 40.84 9.85 11.96
C GLY G 117 39.89 10.95 12.40
N ALA G 118 38.61 10.59 12.46
CA ALA G 118 37.57 11.48 12.97
C ALA G 118 37.98 12.09 14.31
N GLU G 119 38.14 11.22 15.31
CA GLU G 119 38.64 11.64 16.61
C GLU G 119 39.10 10.39 17.33
N ASP G 120 40.41 10.21 17.43
CA ASP G 120 41.00 9.00 18.01
C ASP G 120 40.50 7.75 17.28
N SER G 121 40.32 7.87 15.97
CA SER G 121 39.89 6.74 15.16
C SER G 121 40.97 5.66 15.09
N HIS G 122 42.21 6.02 15.36
CA HIS G 122 43.30 5.05 15.34
C HIS G 122 43.10 3.97 16.39
N LYS G 123 42.42 4.29 17.49
CA LYS G 123 42.16 3.28 18.52
C LYS G 123 41.31 2.14 17.96
N PHE G 124 40.43 2.43 17.01
CA PHE G 124 39.70 1.37 16.32
C PHE G 124 40.66 0.45 15.57
N VAL G 125 41.52 1.03 14.74
CA VAL G 125 42.47 0.25 13.96
C VAL G 125 43.35 -0.59 14.88
N ASN G 126 43.74 -0.02 16.02
CA ASN G 126 44.43 -0.81 17.03
C ASN G 126 43.57 -1.97 17.51
N GLY G 127 42.26 -1.73 17.67
CA GLY G 127 41.37 -2.84 17.97
C GLY G 127 41.36 -3.89 16.87
N VAL G 128 41.69 -3.48 15.65
CA VAL G 128 41.86 -4.46 14.58
C VAL G 128 43.19 -5.20 14.74
N LEU G 129 44.21 -4.55 15.31
CA LEU G 129 45.46 -5.26 15.61
C LEU G 129 45.21 -6.45 16.54
N ASP G 130 44.19 -6.36 17.39
CA ASP G 130 43.79 -7.50 18.19
C ASP G 130 43.44 -8.68 17.29
N LYS G 131 42.62 -8.44 16.27
CA LYS G 131 42.29 -9.45 15.28
C LYS G 131 43.39 -9.60 14.22
N ALA G 132 44.24 -8.60 14.05
CA ALA G 132 45.36 -8.74 13.11
C ALA G 132 46.44 -9.67 13.63
N ALA G 133 46.37 -10.07 14.91
CA ALA G 133 47.37 -10.97 15.49
C ALA G 133 47.10 -12.44 15.16
N PRO G 134 45.87 -12.94 15.25
CA PRO G 134 45.65 -14.36 14.90
C PRO G 134 45.89 -14.69 13.43
N VAL G 135 45.69 -13.74 12.52
CA VAL G 135 45.76 -14.06 11.10
C VAL G 135 47.21 -14.27 10.65
N ILE G 136 48.17 -13.56 11.23
CA ILE G 136 49.58 -13.69 10.89
C ILE G 136 50.35 -14.09 12.14
N ARG G 137 51.15 -15.16 12.02
CA ARG G 137 51.84 -15.74 13.16
C ARG G 137 53.08 -14.96 13.60
N PRO G 138 53.86 -14.35 12.68
CA PRO G 138 54.89 -13.43 13.15
C PRO G 138 54.37 -12.31 14.07
N GLN H 7 30.99 29.89 -22.53
CA GLN H 7 31.54 28.55 -22.68
C GLN H 7 31.48 27.80 -21.35
N ASN H 8 32.07 26.60 -21.32
CA ASN H 8 32.07 25.77 -20.13
C ASN H 8 33.48 25.69 -19.57
N GLN H 9 33.62 26.03 -18.29
CA GLN H 9 34.89 25.99 -17.58
C GLN H 9 34.72 25.17 -16.30
N ARG H 10 35.83 24.84 -15.66
CA ARG H 10 35.84 23.96 -14.52
C ARG H 10 36.49 24.65 -13.32
N ILE H 11 35.80 24.61 -12.18
CA ILE H 11 36.27 25.23 -10.94
C ILE H 11 36.13 24.24 -9.80
N ARG H 12 37.23 24.02 -9.07
CA ARG H 12 37.22 23.09 -7.96
C ARG H 12 36.48 23.66 -6.76
N ILE H 13 36.21 22.80 -5.78
CA ILE H 13 35.51 23.17 -4.55
C ILE H 13 36.19 22.46 -3.39
N ARG H 14 36.62 23.24 -2.42
CA ARG H 14 37.12 22.68 -1.17
C ARG H 14 35.99 22.63 -0.16
N LEU H 15 36.11 21.72 0.80
CA LEU H 15 35.13 21.59 1.87
C LEU H 15 35.88 21.40 3.18
N LYS H 16 35.31 21.98 4.25
CA LYS H 16 36.03 22.13 5.52
C LYS H 16 35.07 22.43 6.67
N ALA H 17 35.13 21.63 7.71
CA ALA H 17 34.25 21.86 8.85
C ALA H 17 34.86 21.22 10.08
N PHE H 18 34.25 21.53 11.23
CA PHE H 18 34.69 20.95 12.49
C PHE H 18 34.36 19.46 12.54
N ASP H 19 33.18 19.08 12.08
CA ASP H 19 32.68 17.72 12.24
C ASP H 19 32.96 16.89 11.00
N HIS H 20 33.39 15.65 11.22
CA HIS H 20 33.67 14.74 10.12
C HIS H 20 32.40 14.15 9.54
N ARG H 21 31.40 13.93 10.40
CA ARG H 21 30.10 13.43 9.94
C ARG H 21 29.50 14.34 8.87
N LEU H 22 29.37 15.63 9.21
CA LEU H 22 28.69 16.57 8.33
C LEU H 22 29.45 16.80 7.03
N ILE H 23 30.79 16.68 7.06
CA ILE H 23 31.54 16.86 5.84
C ILE H 23 31.46 15.60 4.97
N ASP H 24 31.45 14.41 5.58
CA ASP H 24 31.26 13.20 4.78
C ASP H 24 29.90 13.22 4.09
N GLN H 25 28.84 13.49 4.85
CA GLN H 25 27.51 13.63 4.25
C GLN H 25 27.51 14.71 3.17
N ALA H 26 28.17 15.84 3.43
CA ALA H 26 28.16 16.95 2.49
C ALA H 26 28.81 16.57 1.17
N THR H 27 30.08 16.14 1.23
CA THR H 27 30.79 15.78 0.01
C THR H 27 30.07 14.67 -0.74
N ALA H 28 29.48 13.72 0.00
CA ALA H 28 28.67 12.70 -0.65
C ALA H 28 27.51 13.33 -1.43
N GLU H 29 26.88 14.35 -0.86
CA GLU H 29 25.80 15.03 -1.57
C GLU H 29 26.32 15.76 -2.80
N ILE H 30 27.51 16.35 -2.70
CA ILE H 30 28.07 17.07 -3.84
C ILE H 30 28.32 16.12 -5.00
N VAL H 31 28.92 14.96 -4.71
CA VAL H 31 29.17 14.01 -5.79
C VAL H 31 27.88 13.42 -6.31
N GLU H 32 26.87 13.25 -5.45
CA GLU H 32 25.60 12.70 -5.90
C GLU H 32 24.90 13.65 -6.86
N THR H 33 24.84 14.94 -6.51
CA THR H 33 24.28 15.94 -7.42
C THR H 33 25.07 16.00 -8.71
N ALA H 34 26.39 16.14 -8.61
CA ALA H 34 27.23 16.34 -9.78
C ALA H 34 27.08 15.19 -10.77
N LYS H 35 27.24 13.95 -10.29
CA LYS H 35 27.16 12.81 -11.21
C LYS H 35 25.72 12.56 -11.65
N ARG H 36 24.73 12.82 -10.79
CA ARG H 36 23.34 12.64 -11.19
C ARG H 36 22.94 13.61 -12.29
N THR H 37 23.58 14.78 -12.36
CA THR H 37 23.25 15.74 -13.40
C THR H 37 23.93 15.46 -14.72
N GLY H 38 24.67 14.36 -14.83
CA GLY H 38 25.25 13.97 -16.10
C GLY H 38 26.68 14.44 -16.33
N ALA H 39 27.43 14.72 -15.28
CA ALA H 39 28.81 15.17 -15.42
C ALA H 39 29.66 14.51 -14.36
N GLN H 40 30.79 13.94 -14.75
CA GLN H 40 31.71 13.34 -13.81
C GLN H 40 32.40 14.43 -12.99
N VAL H 41 33.26 13.99 -12.07
CA VAL H 41 33.91 14.90 -11.12
C VAL H 41 35.24 14.29 -10.69
N ARG H 42 36.25 15.14 -10.58
CA ARG H 42 37.58 14.72 -10.13
C ARG H 42 37.66 14.94 -8.62
N GLY H 43 37.77 13.85 -7.87
CA GLY H 43 37.74 13.91 -6.42
C GLY H 43 36.80 12.84 -5.89
N PRO H 44 36.43 12.93 -4.60
CA PRO H 44 36.84 13.93 -3.62
C PRO H 44 38.08 13.52 -2.82
N ILE H 45 39.22 14.14 -3.11
CA ILE H 45 40.46 13.82 -2.42
C ILE H 45 40.48 14.51 -1.06
N PRO H 46 40.60 13.77 0.04
CA PRO H 46 40.65 14.39 1.37
C PRO H 46 42.05 14.90 1.67
N LEU H 47 42.20 15.50 2.85
CA LEU H 47 43.43 16.13 3.27
C LEU H 47 43.68 15.80 4.74
N PRO H 48 44.96 15.80 5.18
CA PRO H 48 45.25 15.61 6.61
C PRO H 48 44.45 16.53 7.51
N THR H 49 44.26 16.10 8.76
CA THR H 49 43.41 16.84 9.70
C THR H 49 44.24 17.91 10.40
N ARG H 50 44.23 19.11 9.85
CA ARG H 50 44.73 20.26 10.59
C ARG H 50 43.85 20.49 11.80
N LYS H 51 44.34 21.27 12.76
CA LYS H 51 43.62 21.44 14.02
C LYS H 51 43.70 22.87 14.50
N GLU H 52 42.58 23.36 15.04
CA GLU H 52 42.53 24.61 15.78
C GLU H 52 42.19 24.30 17.23
N ARG H 53 43.12 24.58 18.13
CA ARG H 53 42.95 24.32 19.55
C ARG H 53 42.81 25.64 20.29
N PHE H 54 41.94 26.51 19.80
CA PHE H 54 41.83 27.86 20.34
C PHE H 54 41.19 27.86 21.72
N THR H 55 41.65 28.78 22.57
CA THR H 55 41.10 28.95 23.90
C THR H 55 40.06 30.06 23.91
N VAL H 56 39.00 29.87 24.70
CA VAL H 56 37.96 30.86 24.86
C VAL H 56 37.75 31.10 26.35
N LEU H 57 37.10 32.21 26.66
CA LEU H 57 36.88 32.57 28.05
C LEU H 57 35.80 31.68 28.67
N ILE H 58 35.75 31.68 30.00
CA ILE H 58 34.76 30.91 30.75
C ILE H 58 33.35 31.37 30.40
N ASP H 68 38.49 25.68 28.89
CA ASP H 68 38.74 27.04 28.45
C ASP H 68 39.59 27.06 27.18
N GLN H 69 40.44 26.05 27.04
CA GLN H 69 41.35 25.93 25.90
C GLN H 69 41.03 24.63 25.15
N TYR H 70 39.87 24.61 24.50
CA TYR H 70 39.42 23.41 23.81
C TYR H 70 40.32 23.08 22.62
N GLU H 71 40.25 21.84 22.17
CA GLU H 71 41.02 21.38 21.02
C GLU H 71 40.18 20.34 20.28
N ILE H 72 40.30 20.31 18.95
CA ILE H 72 39.44 19.44 18.18
C ILE H 72 39.85 19.35 16.70
N ARG H 73 39.66 18.16 16.12
CA ARG H 73 39.95 17.91 14.71
C ARG H 73 39.25 18.91 13.81
N THR H 74 39.89 19.25 12.69
CA THR H 74 39.32 20.11 11.66
C THR H 74 39.60 19.46 10.32
N HIS H 75 38.69 18.60 9.87
CA HIS H 75 38.89 17.88 8.62
C HIS H 75 38.76 18.82 7.43
N LEU H 76 39.39 18.43 6.33
CA LEU H 76 39.38 19.22 5.10
C LEU H 76 39.33 18.29 3.90
N ARG H 77 38.48 18.63 2.93
CA ARG H 77 38.37 17.88 1.69
C ARG H 77 38.24 18.86 0.52
N LEU H 78 38.46 18.33 -0.68
CA LEU H 78 38.49 19.15 -1.89
C LEU H 78 37.89 18.36 -3.05
N VAL H 79 37.05 19.03 -3.84
CA VAL H 79 36.37 18.41 -4.98
C VAL H 79 36.50 19.34 -6.18
N ASP H 80 36.42 18.76 -7.37
CA ASP H 80 36.45 19.50 -8.63
C ASP H 80 35.12 19.34 -9.35
N ILE H 81 35.01 19.99 -10.50
CA ILE H 81 33.85 19.84 -11.39
C ILE H 81 34.37 19.64 -12.80
N VAL H 82 33.66 18.82 -13.59
CA VAL H 82 33.96 18.65 -15.00
C VAL H 82 32.67 18.87 -15.78
N GLU H 83 32.81 19.42 -17.00
CA GLU H 83 31.73 19.79 -17.91
C GLU H 83 30.44 20.13 -17.17
N PRO H 84 30.42 21.19 -16.37
CA PRO H 84 29.19 21.53 -15.64
C PRO H 84 28.14 22.11 -16.58
N THR H 85 26.88 21.87 -16.22
CA THR H 85 25.73 22.41 -16.95
C THR H 85 24.96 23.35 -16.03
N GLU H 86 24.03 24.10 -16.61
CA GLU H 86 23.23 25.03 -15.81
C GLU H 86 22.40 24.28 -14.78
N LYS H 87 21.91 23.08 -15.13
CA LYS H 87 21.14 22.29 -14.18
C LYS H 87 22.00 21.91 -12.98
N THR H 88 23.29 21.65 -13.21
CA THR H 88 24.19 21.34 -12.10
C THR H 88 24.24 22.48 -11.10
N VAL H 89 24.68 23.66 -11.54
CA VAL H 89 24.89 24.78 -10.62
C VAL H 89 23.57 25.23 -10.01
N ASP H 90 22.49 25.25 -10.80
CA ASP H 90 21.18 25.55 -10.23
C ASP H 90 20.83 24.56 -9.12
N ALA H 91 21.16 23.29 -9.32
CA ALA H 91 20.98 22.31 -8.25
C ALA H 91 21.84 22.65 -7.04
N LEU H 92 23.08 23.08 -7.28
CA LEU H 92 24.01 23.30 -6.18
C LEU H 92 23.59 24.48 -5.31
N MET H 93 23.37 25.64 -5.92
CA MET H 93 22.97 26.79 -5.12
C MET H 93 21.55 26.63 -4.60
N ARG H 94 20.68 25.94 -5.35
CA ARG H 94 19.37 25.61 -4.80
C ARG H 94 19.47 24.52 -3.74
N LEU H 95 20.55 23.73 -3.74
CA LEU H 95 20.79 22.79 -2.65
C LEU H 95 21.11 23.54 -1.38
N ASP H 96 20.55 23.10 -0.27
CA ASP H 96 20.82 23.68 1.03
C ASP H 96 21.91 22.83 1.69
N LEU H 97 23.16 23.31 1.59
CA LEU H 97 24.27 22.64 2.24
C LEU H 97 24.01 22.53 3.73
N ALA H 98 24.53 21.45 4.32
CA ALA H 98 24.39 21.25 5.76
C ALA H 98 25.04 22.41 6.50
N ALA H 99 24.26 23.12 7.31
CA ALA H 99 24.77 24.27 8.04
C ALA H 99 25.84 23.82 9.05
N GLY H 100 26.60 24.80 9.56
CA GLY H 100 27.72 24.48 10.43
C GLY H 100 28.91 23.90 9.71
N VAL H 101 29.00 24.09 8.40
CA VAL H 101 30.10 23.59 7.59
C VAL H 101 30.56 24.72 6.67
N ASP H 102 31.80 25.18 6.87
CA ASP H 102 32.36 26.17 5.97
C ASP H 102 32.55 25.57 4.59
N VAL H 103 32.26 26.37 3.55
CA VAL H 103 32.23 25.89 2.18
C VAL H 103 33.00 26.85 1.29
N GLN H 104 33.66 26.28 0.28
CA GLN H 104 34.39 27.10 -0.69
C GLN H 104 33.45 27.98 -1.49
N ILE H 105 33.89 29.21 -1.75
CA ILE H 105 33.10 30.13 -2.53
C ILE H 105 33.00 29.67 -3.98
N SER H 106 34.12 29.26 -4.55
CA SER H 106 34.14 28.81 -5.94
C SER H 106 34.72 27.41 -6.06
N LEU I 3 21.48 45.93 42.96
CA LEU I 3 21.46 44.78 42.06
C LEU I 3 20.03 44.48 41.62
N GLY I 4 19.79 44.56 40.31
CA GLY I 4 18.47 44.33 39.79
C GLY I 4 18.41 43.53 38.51
N SER I 5 17.46 42.61 38.42
CA SER I 5 17.20 41.84 37.20
C SER I 5 15.69 41.79 37.02
N MET I 6 15.21 42.34 35.91
CA MET I 6 13.77 42.57 35.71
C MET I 6 13.20 43.38 36.87
N ASP I 7 13.94 44.42 37.27
CA ASP I 7 13.58 45.20 38.45
C ASP I 7 12.19 45.81 38.33
N ALA I 8 11.75 46.12 37.11
CA ALA I 8 10.44 46.77 36.94
C ALA I 8 9.32 45.88 37.47
N GLN I 9 9.41 44.58 37.21
CA GLN I 9 8.32 43.67 37.57
C GLN I 9 8.69 42.70 38.68
N THR I 10 9.84 42.03 38.58
CA THR I 10 10.18 41.02 39.57
C THR I 10 10.49 41.65 40.93
N ARG I 11 11.32 42.69 40.94
CA ARG I 11 11.63 43.35 42.20
C ARG I 11 10.39 44.00 42.80
N ARG I 12 9.38 44.32 41.99
CA ARG I 12 8.08 44.67 42.54
C ARG I 12 7.52 43.52 43.36
N ARG I 13 7.49 42.31 42.77
CA ARG I 13 7.07 41.12 43.50
C ARG I 13 7.88 40.95 44.79
N GLU I 14 9.15 41.33 44.78
CA GLU I 14 9.94 41.22 46.01
C GLU I 14 9.57 42.31 47.01
N ARG I 15 9.14 43.48 46.52
CA ARG I 15 8.74 44.56 47.42
C ARG I 15 7.39 44.26 48.06
N ARG I 16 6.42 43.84 47.25
CA ARG I 16 5.11 43.44 47.76
C ARG I 16 5.02 41.94 48.02
N ALA I 17 6.16 41.27 48.25
CA ALA I 17 6.15 39.87 48.67
C ALA I 17 5.43 39.68 49.99
N GLU I 18 5.38 40.71 50.83
CA GLU I 18 4.61 40.65 52.06
C GLU I 18 3.14 40.40 51.78
N LYS I 19 2.54 41.24 50.94
CA LYS I 19 1.13 41.07 50.58
C LYS I 19 0.86 39.68 50.03
N GLN I 20 1.74 39.20 49.15
CA GLN I 20 1.57 37.87 48.57
C GLN I 20 1.70 36.77 49.60
N ALA I 21 2.56 36.96 50.61
CA ALA I 21 2.68 35.97 51.68
C ALA I 21 1.43 35.97 52.55
N GLN I 22 0.85 37.15 52.79
CA GLN I 22 -0.42 37.21 53.51
C GLN I 22 -1.50 36.47 52.75
N TRP I 23 -1.70 36.85 51.47
CA TRP I 23 -2.76 36.25 50.68
C TRP I 23 -2.55 34.75 50.47
N LYS I 24 -1.29 34.29 50.40
CA LYS I 24 -1.03 32.89 50.07
C LYS I 24 -1.72 31.95 51.05
N ALA I 25 -1.62 32.25 52.35
CA ALA I 25 -2.24 31.40 53.36
C ALA I 25 -3.75 31.30 53.14
N ALA I 26 -4.26 30.06 53.17
CA ALA I 26 -5.69 29.75 53.02
C ALA I 26 -6.21 30.10 51.62
N ASN I 27 -5.50 29.61 50.60
CA ASN I 27 -5.79 29.96 49.21
C ASN I 27 -5.31 28.82 48.32
N PRO I 28 -5.72 28.79 47.04
CA PRO I 28 -5.36 27.63 46.20
C PRO I 28 -3.98 27.67 45.59
N LEU I 29 -3.76 28.49 44.56
CA LEU I 29 -2.70 28.08 43.66
C LEU I 29 -2.29 29.19 42.69
N LEU I 30 -1.11 28.98 42.03
CA LEU I 30 -0.60 29.76 40.89
C LEU I 30 -0.55 28.86 39.64
N VAL I 31 -1.30 29.25 38.56
CA VAL I 31 -1.45 28.39 37.37
C VAL I 31 -0.44 28.75 36.29
N GLY I 32 -0.21 27.78 35.40
CA GLY I 32 0.49 27.98 34.14
C GLY I 32 -0.03 27.00 33.10
N VAL I 33 -0.71 27.50 32.08
CA VAL I 33 -1.47 26.64 31.17
C VAL I 33 -0.79 26.60 29.81
N SER I 34 -1.09 25.53 29.06
CA SER I 34 -0.68 25.40 27.66
C SER I 34 -1.90 24.90 26.88
N ALA I 35 -2.46 25.78 26.05
CA ALA I 35 -3.83 25.61 25.57
C ALA I 35 -3.93 25.17 24.11
N LYS I 36 -2.82 24.81 23.47
CA LYS I 36 -2.84 24.46 22.05
C LYS I 36 -2.40 23.01 21.84
N PRO I 37 -3.27 22.04 22.10
CA PRO I 37 -2.99 20.66 21.66
C PRO I 37 -3.59 20.31 20.31
N VAL I 38 -4.46 21.16 19.77
CA VAL I 38 -5.04 20.89 18.46
C VAL I 38 -4.02 21.17 17.35
N ASN I 39 -3.08 22.08 17.60
CA ASN I 39 -1.98 22.31 16.67
C ASN I 39 -0.89 21.25 16.75
N ARG I 40 -1.05 20.26 17.64
CA ARG I 40 -0.05 19.18 17.71
C ARG I 40 -0.10 18.27 16.49
N PRO I 41 -1.27 17.72 16.09
CA PRO I 41 -1.25 16.78 14.96
C PRO I 41 -0.61 17.33 13.69
N ILE I 42 -0.78 18.62 13.41
CA ILE I 42 -0.20 19.22 12.20
C ILE I 42 1.29 19.47 12.33
N LEU I 43 1.81 19.64 13.55
CA LEU I 43 3.22 20.04 13.68
C LEU I 43 4.17 18.91 13.32
N SER I 44 3.83 17.67 13.68
CA SER I 44 4.71 16.52 13.48
C SER I 44 4.06 15.54 12.52
N LEU I 45 4.76 15.23 11.43
CA LEU I 45 4.28 14.27 10.44
C LEU I 45 5.48 13.52 9.87
N ASN I 46 5.25 12.25 9.52
CA ASN I 46 6.24 11.44 8.80
C ASN I 46 6.11 11.77 7.32
N ARG I 47 6.70 12.90 6.93
CA ARG I 47 6.59 13.37 5.55
C ARG I 47 7.33 12.49 4.55
N LYS I 48 8.08 11.50 5.02
CA LYS I 48 9.02 10.75 4.19
C LYS I 48 9.91 11.71 3.40
N PRO I 49 10.73 12.50 4.09
CA PRO I 49 11.50 13.55 3.40
C PRO I 49 12.49 12.95 2.41
N LYS I 50 12.40 13.43 1.16
CA LYS I 50 13.37 13.05 0.15
C LYS I 50 14.73 13.63 0.51
N SER I 51 15.77 13.09 -0.13
CA SER I 51 17.12 13.61 0.08
C SER I 51 17.18 15.07 -0.34
N ARG I 52 18.07 15.82 0.32
CA ARG I 52 18.27 17.21 -0.06
C ARG I 52 18.86 17.36 -1.45
N VAL I 53 19.33 16.27 -2.05
CA VAL I 53 19.63 16.26 -3.47
C VAL I 53 18.33 16.26 -4.28
N GLU I 54 17.30 15.56 -3.78
CA GLU I 54 16.04 15.49 -4.51
C GLU I 54 15.37 16.85 -4.59
N SER I 55 15.55 17.71 -3.57
CA SER I 55 15.06 19.07 -3.67
C SER I 55 15.69 19.80 -4.85
N ALA I 56 16.92 19.44 -5.20
CA ALA I 56 17.51 19.94 -6.43
C ALA I 56 16.91 19.24 -7.65
N LEU I 57 16.58 17.95 -7.52
CA LEU I 57 15.83 17.26 -8.57
C LEU I 57 14.37 17.70 -8.59
N ASN I 58 13.87 18.29 -7.49
CA ASN I 58 12.50 18.75 -7.38
C ASN I 58 12.51 20.26 -7.16
N PRO I 59 12.84 21.04 -8.19
CA PRO I 59 13.08 22.46 -7.99
C PRO I 59 11.83 23.33 -8.01
N ILE I 60 10.72 22.79 -7.51
CA ILE I 60 9.45 23.52 -7.38
C ILE I 60 9.09 24.22 -8.68
N ASP I 61 9.20 23.52 -9.80
CA ASP I 61 9.00 24.15 -11.11
C ASP I 61 7.51 24.42 -11.34
N LEU I 62 7.18 25.69 -11.56
CA LEU I 62 5.82 26.09 -11.97
C LEU I 62 5.78 26.59 -13.40
N THR I 63 6.84 26.33 -14.18
CA THR I 63 6.90 26.88 -15.53
C THR I 63 5.84 26.26 -16.42
N VAL I 64 5.38 25.04 -16.09
CA VAL I 64 4.33 24.41 -16.87
C VAL I 64 3.04 25.23 -16.81
N LEU I 65 2.64 25.61 -15.59
CA LEU I 65 1.44 26.42 -15.42
C LEU I 65 1.55 27.74 -16.17
N ALA I 66 2.72 28.38 -16.11
CA ALA I 66 2.90 29.66 -16.81
C ALA I 66 2.79 29.48 -18.31
N GLU I 67 3.47 28.48 -18.86
CA GLU I 67 3.33 28.14 -20.28
C GLU I 67 1.87 27.96 -20.65
N TYR I 68 1.11 27.27 -19.81
CA TYR I 68 -0.31 27.08 -20.07
C TYR I 68 -1.07 28.40 -20.04
N HIS I 69 -0.70 29.30 -19.12
CA HIS I 69 -1.44 30.55 -18.98
C HIS I 69 -1.22 31.46 -20.18
N LYS I 70 0.04 31.72 -20.53
CA LYS I 70 0.32 32.51 -21.73
C LYS I 70 -0.28 31.84 -22.96
N GLN I 71 -0.18 30.50 -23.03
CA GLN I 71 -0.72 29.76 -24.16
C GLN I 71 -2.22 30.01 -24.31
N ILE I 72 -2.96 29.99 -23.19
CA ILE I 72 -4.39 30.32 -23.24
C ILE I 72 -4.57 31.76 -23.71
N GLU I 73 -3.78 32.67 -23.13
CA GLU I 73 -3.97 34.10 -23.42
C GLU I 73 -3.84 34.37 -24.91
N SER I 74 -2.91 33.70 -25.59
CA SER I 74 -2.80 33.85 -27.05
C SER I 74 -4.14 33.61 -27.74
N ASN I 75 -4.73 32.44 -27.48
CA ASN I 75 -6.04 32.13 -28.05
C ASN I 75 -7.09 33.14 -27.62
N LEU I 76 -6.94 33.73 -26.43
CA LEU I 76 -7.86 34.79 -26.01
C LEU I 76 -7.70 36.04 -26.85
N GLN I 77 -6.48 36.32 -27.33
CA GLN I 77 -6.29 37.43 -28.26
C GLN I 77 -6.78 37.09 -29.66
N ARG I 78 -6.86 35.80 -30.01
CA ARG I 78 -7.40 35.42 -31.31
C ARG I 78 -8.92 35.50 -31.37
N ILE I 79 -9.57 36.03 -30.33
CA ILE I 79 -11.03 36.11 -30.30
C ILE I 79 -11.49 37.11 -31.35
N GLU I 80 -12.42 36.69 -32.20
CA GLU I 80 -13.02 37.54 -33.21
C GLU I 80 -14.50 37.73 -32.89
N ARG I 81 -15.01 38.92 -33.22
CA ARG I 81 -16.42 39.21 -32.97
C ARG I 81 -17.29 38.46 -33.97
N LYS I 82 -18.44 37.99 -33.49
CA LYS I 82 -19.36 37.19 -34.29
C LYS I 82 -20.42 38.03 -34.99
N ASN I 83 -20.15 39.31 -35.22
CA ASN I 83 -21.17 40.21 -35.75
C ASN I 83 -21.47 39.91 -37.21
N GLN I 84 -20.45 39.90 -38.06
CA GLN I 84 -20.67 39.70 -39.48
C GLN I 84 -19.38 39.23 -40.14
N ARG I 85 -19.54 38.40 -41.17
CA ARG I 85 -18.44 37.93 -42.00
C ARG I 85 -18.89 37.94 -43.45
N THR I 86 -17.99 38.33 -44.35
CA THR I 86 -18.32 38.39 -45.77
C THR I 86 -18.20 37.02 -46.42
#